data_5X2T
#
_entry.id   5X2T
#
_cell.length_a   228.494
_cell.length_b   55.024
_cell.length_c   138.504
_cell.angle_alpha   90.00
_cell.angle_beta   103.38
_cell.angle_gamma   90.00
#
_symmetry.space_group_name_H-M   'C 1 2 1'
#
loop_
_entity.id
_entity.type
_entity.pdbx_description
1 polymer 'Hemoglobin subunit alpha'
2 polymer 'Hemoglobin subunit beta'
3 non-polymer 'PROTOPORPHYRIN IX CONTAINING NI(II)'
4 non-polymer 'PROTOPORPHYRIN IX CONTAINING FE'
5 non-polymer '2-[P-[2-P-CHLOROBENZAMIDO)ETHYL]PHENOXY]-2-METHYLPROPIONIC ACID'
#
loop_
_entity_poly.entity_id
_entity_poly.type
_entity_poly.pdbx_seq_one_letter_code
_entity_poly.pdbx_strand_id
1 'polypeptide(L)'
;VLSPADKTNVKAAWGKVGAHAGEYGAEALERMFLSFPTTKTYFPHFDLSHGSAQVKGHGKKVADALTNAVAHVDDMPNAL
SALSDLHAHKLRVDPVNFKLLSHCLLVTLAAHLPAEFTPAVHASLDKFLASVSTVLTSKYR
;
A,C,E,G,I,K
2 'polypeptide(L)'
;VHLTPEEKSAVTALWGKVNVDEVGGEALGRLLVVYPWTQRFFESFGDLSTPDAVMGNPKVKAHGKKVLGAFSDGLAHLDN
LKGTFATLSELHCDKLHVDPENFRLLGNVLVCVLAHHFGKEFTPPVQAAYQKVVAGVANALAHKYH
;
B,D,F,H,J,L
#
loop_
_chem_comp.id
_chem_comp.type
_chem_comp.name
_chem_comp.formula
HEM non-polymer 'PROTOPORPHYRIN IX CONTAINING FE' 'C34 H32 Fe N4 O4'
HNI non-polymer 'PROTOPORPHYRIN IX CONTAINING NI(II)' 'C34 H32 N4 Ni O4'
PEM non-polymer '2-[P-[2-P-CHLOROBENZAMIDO)ETHYL]PHENOXY]-2-METHYLPROPIONIC ACID' 'C19 H20 Cl N O4'
#
# COMPACT_ATOMS: atom_id res chain seq x y z
N LEU A 2 -15.47 29.40 38.36
CA LEU A 2 -15.23 30.12 37.12
C LEU A 2 -14.30 31.31 37.37
N SER A 3 -13.06 31.23 36.87
CA SER A 3 -11.98 32.21 37.04
C SER A 3 -12.30 33.62 36.47
N PRO A 4 -11.78 34.74 37.07
CA PRO A 4 -12.03 36.06 36.48
C PRO A 4 -11.26 36.27 35.17
N ALA A 5 -10.32 35.33 34.87
CA ALA A 5 -9.53 35.28 33.63
C ALA A 5 -10.47 34.89 32.49
N ASP A 6 -11.53 34.11 32.81
CA ASP A 6 -12.56 33.69 31.87
C ASP A 6 -13.45 34.88 31.54
N LYS A 7 -13.73 35.73 32.57
CA LYS A 7 -14.55 36.93 32.46
C LYS A 7 -13.96 37.98 31.52
N THR A 8 -12.61 38.16 31.54
CA THR A 8 -11.92 39.11 30.64
C THR A 8 -11.97 38.62 29.16
N ASN A 9 -12.54 37.41 28.92
CA ASN A 9 -12.73 36.82 27.60
C ASN A 9 -14.22 36.86 27.20
N VAL A 10 -15.14 36.38 28.08
CA VAL A 10 -16.60 36.34 27.82
C VAL A 10 -17.17 37.75 27.64
N LYS A 11 -16.89 38.66 28.59
CA LYS A 11 -17.33 40.05 28.57
C LYS A 11 -16.78 40.78 27.34
N ALA A 12 -15.49 40.54 27.01
CA ALA A 12 -14.85 41.13 25.83
C ALA A 12 -15.42 40.56 24.53
N ALA A 13 -15.81 39.26 24.53
CA ALA A 13 -16.40 38.55 23.38
C ALA A 13 -17.77 39.11 23.04
N TRP A 14 -18.60 39.38 24.06
CA TRP A 14 -19.93 39.97 23.86
C TRP A 14 -19.84 41.47 23.54
N GLY A 15 -18.65 42.05 23.76
CA GLY A 15 -18.32 43.43 23.44
C GLY A 15 -18.21 43.65 21.95
N LYS A 16 -17.87 42.57 21.20
CA LYS A 16 -17.75 42.54 19.74
C LYS A 16 -19.06 42.01 19.14
N VAL A 17 -19.91 41.37 19.98
CA VAL A 17 -21.23 40.86 19.61
C VAL A 17 -22.16 42.09 19.55
N GLY A 18 -22.35 42.75 20.69
CA GLY A 18 -23.16 43.95 20.81
C GLY A 18 -24.59 43.79 20.37
N ALA A 19 -25.00 44.55 19.33
CA ALA A 19 -26.35 44.56 18.76
C ALA A 19 -26.67 43.30 17.96
N HIS A 20 -25.61 42.61 17.51
CA HIS A 20 -25.70 41.38 16.73
C HIS A 20 -26.03 40.16 17.61
N ALA A 21 -26.34 40.39 18.90
CA ALA A 21 -26.69 39.35 19.88
C ALA A 21 -27.93 38.58 19.45
N GLY A 22 -29.04 39.30 19.26
CA GLY A 22 -30.30 38.73 18.79
C GLY A 22 -30.17 37.99 17.48
N GLU A 23 -29.30 38.53 16.58
CA GLU A 23 -28.96 37.99 15.26
C GLU A 23 -28.22 36.65 15.41
N TYR A 24 -27.26 36.57 16.37
CA TYR A 24 -26.45 35.37 16.63
C TYR A 24 -27.22 34.31 17.37
N GLY A 25 -28.16 34.72 18.21
CA GLY A 25 -29.05 33.83 18.96
C GLY A 25 -30.01 33.13 18.03
N ALA A 26 -30.53 33.84 17.01
CA ALA A 26 -31.47 33.30 16.00
C ALA A 26 -30.76 32.29 15.08
N GLU A 27 -29.50 32.60 14.68
CA GLU A 27 -28.66 31.72 13.88
C GLU A 27 -28.38 30.43 14.65
N ALA A 28 -28.04 30.52 15.97
CA ALA A 28 -27.77 29.36 16.83
C ALA A 28 -28.99 28.41 16.92
N LEU A 29 -30.21 28.97 17.07
CA LEU A 29 -31.47 28.20 17.12
C LEU A 29 -31.74 27.49 15.79
N GLU A 30 -31.53 28.19 14.65
CA GLU A 30 -31.69 27.60 13.32
C GLU A 30 -30.65 26.50 13.11
N ARG A 31 -29.40 26.73 13.57
CA ARG A 31 -28.31 25.76 13.49
C ARG A 31 -28.72 24.51 14.25
N MET A 32 -29.31 24.70 15.46
CA MET A 32 -29.83 23.65 16.31
C MET A 32 -31.00 22.89 15.66
N PHE A 33 -31.99 23.59 15.08
CA PHE A 33 -33.12 22.92 14.42
C PHE A 33 -32.69 22.10 13.22
N LEU A 34 -31.81 22.65 12.36
CA LEU A 34 -31.29 21.96 11.17
C LEU A 34 -30.32 20.80 11.48
N SER A 35 -29.38 21.02 12.42
CA SER A 35 -28.38 19.99 12.74
C SER A 35 -28.91 18.91 13.67
N PHE A 36 -29.94 19.24 14.49
CA PHE A 36 -30.54 18.32 15.45
C PHE A 36 -32.08 18.47 15.33
N PRO A 37 -32.71 17.75 14.35
CA PRO A 37 -34.17 17.90 14.16
C PRO A 37 -35.05 17.50 15.34
N THR A 38 -34.45 16.91 16.40
CA THR A 38 -35.18 16.52 17.62
C THR A 38 -35.57 17.72 18.45
N THR A 39 -34.67 18.74 18.56
CA THR A 39 -34.89 19.96 19.34
C THR A 39 -36.18 20.70 18.92
N LYS A 40 -36.66 20.46 17.67
CA LYS A 40 -37.89 21.00 17.11
C LYS A 40 -39.16 20.57 17.91
N THR A 41 -39.10 19.41 18.62
CA THR A 41 -40.22 18.87 19.41
C THR A 41 -40.76 19.84 20.44
N TYR A 42 -39.87 20.66 21.00
CA TYR A 42 -40.20 21.69 22.00
C TYR A 42 -40.83 22.93 21.34
N PHE A 43 -40.91 22.97 19.98
CA PHE A 43 -41.48 24.10 19.23
C PHE A 43 -42.48 23.68 18.11
N PRO A 44 -43.59 22.95 18.40
CA PRO A 44 -44.52 22.62 17.31
C PRO A 44 -45.48 23.79 17.04
N HIS A 45 -45.60 24.71 18.01
CA HIS A 45 -46.42 25.93 18.02
C HIS A 45 -45.63 27.10 17.44
N PHE A 46 -44.54 26.79 16.70
CA PHE A 46 -43.62 27.72 16.09
C PHE A 46 -43.42 27.42 14.64
N ASP A 47 -43.15 28.48 13.84
CA ASP A 47 -42.84 28.38 12.43
C ASP A 47 -41.32 28.26 12.39
N LEU A 48 -40.80 27.04 12.10
CA LEU A 48 -39.36 26.76 12.07
C LEU A 48 -38.73 27.03 10.68
N SER A 49 -39.44 27.74 9.78
CA SER A 49 -38.93 28.08 8.44
C SER A 49 -37.81 29.13 8.54
N HIS A 50 -36.94 29.21 7.51
CA HIS A 50 -35.84 30.18 7.51
C HIS A 50 -36.35 31.61 7.40
N GLY A 51 -35.79 32.47 8.25
CA GLY A 51 -36.12 33.88 8.30
C GLY A 51 -37.37 34.19 9.10
N SER A 52 -37.92 33.16 9.77
CA SER A 52 -39.11 33.27 10.60
C SER A 52 -38.87 34.32 11.67
N ALA A 53 -39.78 35.30 11.75
CA ALA A 53 -39.72 36.41 12.69
C ALA A 53 -39.79 35.92 14.13
N GLN A 54 -40.53 34.81 14.38
CA GLN A 54 -40.68 34.28 15.74
C GLN A 54 -39.43 33.57 16.23
N VAL A 55 -38.59 33.01 15.32
CA VAL A 55 -37.32 32.38 15.67
C VAL A 55 -36.33 33.54 15.93
N LYS A 56 -36.45 34.61 15.12
CA LYS A 56 -35.63 35.83 15.21
C LYS A 56 -35.90 36.55 16.56
N GLY A 57 -37.17 36.65 16.93
CA GLY A 57 -37.62 37.28 18.17
C GLY A 57 -37.21 36.50 19.40
N HIS A 58 -37.37 35.16 19.31
CA HIS A 58 -36.99 34.18 20.31
C HIS A 58 -35.46 34.11 20.46
N GLY A 59 -34.76 34.43 19.37
CA GLY A 59 -33.31 34.53 19.34
C GLY A 59 -32.82 35.68 20.19
N LYS A 60 -33.51 36.85 20.07
CA LYS A 60 -33.23 38.07 20.84
C LYS A 60 -33.38 37.82 22.35
N LYS A 61 -34.43 37.05 22.71
CA LYS A 61 -34.76 36.67 24.08
C LYS A 61 -33.63 35.81 24.69
N VAL A 62 -33.17 34.76 23.96
CA VAL A 62 -32.09 33.86 24.37
C VAL A 62 -30.79 34.68 24.53
N ALA A 63 -30.54 35.62 23.59
CA ALA A 63 -29.37 36.48 23.57
C ALA A 63 -29.26 37.42 24.78
N ASP A 64 -30.32 38.20 25.09
CA ASP A 64 -30.33 39.12 26.24
C ASP A 64 -30.25 38.36 27.56
N ALA A 65 -30.88 37.16 27.60
CA ALA A 65 -30.86 36.27 28.76
C ALA A 65 -29.41 35.90 29.10
N LEU A 66 -28.54 35.73 28.07
CA LEU A 66 -27.11 35.46 28.25
C LEU A 66 -26.38 36.72 28.69
N THR A 67 -26.79 37.90 28.17
CA THR A 67 -26.21 39.20 28.55
C THR A 67 -26.54 39.48 30.03
N ASN A 68 -27.74 39.07 30.50
CA ASN A 68 -28.23 39.21 31.88
C ASN A 68 -27.47 38.22 32.78
N ALA A 69 -27.15 37.03 32.23
CA ALA A 69 -26.40 35.97 32.92
C ALA A 69 -24.92 36.34 33.07
N VAL A 70 -24.32 37.01 32.07
CA VAL A 70 -22.91 37.42 32.13
C VAL A 70 -22.74 38.61 33.11
N ALA A 71 -23.82 39.40 33.31
CA ALA A 71 -23.85 40.51 34.24
C ALA A 71 -23.89 39.96 35.66
N HIS A 72 -24.88 39.09 35.94
CA HIS A 72 -25.06 38.45 37.25
C HIS A 72 -24.40 37.06 37.28
N VAL A 73 -23.13 37.01 36.84
CA VAL A 73 -22.27 35.82 36.72
C VAL A 73 -22.01 35.13 38.09
N ASP A 74 -21.63 35.91 39.12
CA ASP A 74 -21.31 35.40 40.46
C ASP A 74 -22.49 34.72 41.15
N ASP A 75 -23.73 35.26 40.96
CA ASP A 75 -24.94 34.69 41.54
C ASP A 75 -25.97 34.44 40.44
N MET A 76 -25.66 33.47 39.57
CA MET A 76 -26.49 33.07 38.44
C MET A 76 -27.77 32.27 38.81
N PRO A 77 -27.84 31.41 39.87
CA PRO A 77 -29.10 30.67 40.12
C PRO A 77 -30.32 31.54 40.43
N ASN A 78 -30.13 32.64 41.19
CA ASN A 78 -31.23 33.55 41.54
C ASN A 78 -31.65 34.45 40.37
N ALA A 79 -30.68 34.85 39.50
CA ALA A 79 -30.92 35.71 38.35
C ALA A 79 -31.75 35.05 37.24
N LEU A 80 -31.49 33.76 36.94
CA LEU A 80 -32.21 33.03 35.88
C LEU A 80 -33.18 31.99 36.43
N SER A 81 -33.71 32.23 37.65
CA SER A 81 -34.65 31.35 38.34
C SER A 81 -36.00 31.27 37.62
N ALA A 82 -36.45 32.41 37.05
CA ALA A 82 -37.69 32.50 36.28
C ALA A 82 -37.59 31.63 35.03
N LEU A 83 -36.37 31.55 34.45
CA LEU A 83 -36.03 30.73 33.28
C LEU A 83 -35.93 29.27 33.70
N SER A 84 -35.34 29.02 34.89
CA SER A 84 -35.17 27.70 35.49
C SER A 84 -36.53 27.08 35.77
N ASP A 85 -37.55 27.93 36.03
CA ASP A 85 -38.93 27.53 36.31
C ASP A 85 -39.68 27.02 35.06
N LEU A 86 -39.50 27.68 33.89
CA LEU A 86 -40.22 27.31 32.66
C LEU A 86 -39.56 26.15 31.87
N HIS A 87 -38.22 26.11 31.79
CA HIS A 87 -37.47 25.07 31.06
C HIS A 87 -37.55 23.72 31.78
N ALA A 88 -37.19 23.68 33.09
CA ALA A 88 -37.18 22.46 33.90
C ALA A 88 -38.55 21.93 34.31
N HIS A 89 -39.43 22.79 34.84
CA HIS A 89 -40.74 22.41 35.35
C HIS A 89 -41.83 22.34 34.27
N LYS A 90 -42.05 23.42 33.50
CA LYS A 90 -43.11 23.42 32.48
C LYS A 90 -42.73 22.61 31.20
N LEU A 91 -41.67 23.03 30.48
CA LEU A 91 -41.25 22.42 29.21
C LEU A 91 -40.63 21.03 29.32
N ARG A 92 -39.91 20.75 30.43
CA ARG A 92 -39.22 19.48 30.71
C ARG A 92 -38.21 19.13 29.60
N VAL A 93 -37.27 20.07 29.36
CA VAL A 93 -36.21 19.98 28.35
C VAL A 93 -35.12 19.06 28.84
N ASP A 94 -34.63 18.20 27.95
CA ASP A 94 -33.54 17.27 28.21
C ASP A 94 -32.21 18.06 28.28
N PRO A 95 -31.36 17.88 29.33
CA PRO A 95 -30.08 18.63 29.40
C PRO A 95 -29.18 18.53 28.17
N VAL A 96 -29.32 17.43 27.36
CA VAL A 96 -28.54 17.22 26.14
C VAL A 96 -28.78 18.35 25.14
N ASN A 97 -30.05 18.76 24.97
CA ASN A 97 -30.49 19.83 24.07
C ASN A 97 -29.82 21.15 24.41
N PHE A 98 -29.38 21.32 25.67
CA PHE A 98 -28.66 22.50 26.12
C PHE A 98 -27.24 22.47 25.59
N LYS A 99 -26.60 21.29 25.64
CA LYS A 99 -25.24 21.10 25.12
C LYS A 99 -25.23 21.37 23.61
N LEU A 100 -26.33 21.00 22.93
CA LEU A 100 -26.57 21.17 21.50
C LEU A 100 -26.70 22.66 21.12
N LEU A 101 -27.41 23.47 21.94
CA LEU A 101 -27.59 24.90 21.67
C LEU A 101 -26.30 25.65 21.97
N SER A 102 -25.56 25.18 23.00
CA SER A 102 -24.30 25.80 23.41
C SER A 102 -23.28 25.60 22.31
N HIS A 103 -23.29 24.39 21.69
CA HIS A 103 -22.40 24.05 20.60
C HIS A 103 -22.69 24.93 19.39
N CYS A 104 -23.99 25.07 19.03
CA CYS A 104 -24.48 25.86 17.91
C CYS A 104 -24.22 27.33 18.11
N LEU A 105 -24.25 27.79 19.37
CA LEU A 105 -23.95 29.17 19.76
C LEU A 105 -22.47 29.43 19.59
N LEU A 106 -21.64 28.43 19.92
CA LEU A 106 -20.19 28.54 19.78
C LEU A 106 -19.80 28.53 18.32
N VAL A 107 -20.52 27.76 17.47
CA VAL A 107 -20.32 27.69 16.02
C VAL A 107 -20.67 29.04 15.37
N THR A 108 -21.73 29.71 15.85
CA THR A 108 -22.15 31.03 15.35
C THR A 108 -21.07 32.08 15.65
N LEU A 109 -20.61 32.15 16.93
CA LEU A 109 -19.58 33.06 17.38
C LEU A 109 -18.28 32.78 16.65
N ALA A 110 -17.97 31.49 16.40
CA ALA A 110 -16.80 31.07 15.64
C ALA A 110 -16.82 31.59 14.21
N ALA A 111 -18.00 31.50 13.54
CA ALA A 111 -18.24 31.92 12.15
C ALA A 111 -18.27 33.44 11.91
N HIS A 112 -18.68 34.19 12.95
CA HIS A 112 -18.84 35.63 12.91
C HIS A 112 -17.72 36.44 13.53
N LEU A 113 -17.03 35.89 14.55
CA LEU A 113 -15.95 36.60 15.25
C LEU A 113 -14.64 35.79 15.24
N PRO A 114 -13.92 35.74 14.08
CA PRO A 114 -12.71 34.90 14.01
C PRO A 114 -11.58 35.30 14.96
N ALA A 115 -11.10 36.57 14.89
CA ALA A 115 -10.04 37.12 15.76
C ALA A 115 -10.44 37.08 17.23
N GLU A 116 -11.75 37.07 17.50
CA GLU A 116 -12.32 37.06 18.84
C GLU A 116 -12.58 35.64 19.38
N PHE A 117 -12.67 34.61 18.48
CA PHE A 117 -12.87 33.21 18.87
C PHE A 117 -11.52 32.50 18.94
N THR A 118 -10.85 32.69 20.07
CA THR A 118 -9.53 32.10 20.35
C THR A 118 -9.73 30.90 21.29
N PRO A 119 -8.75 29.95 21.35
CA PRO A 119 -8.89 28.80 22.28
C PRO A 119 -9.30 29.19 23.70
N ALA A 120 -8.72 30.30 24.24
CA ALA A 120 -9.02 30.85 25.56
C ALA A 120 -10.48 31.29 25.66
N VAL A 121 -10.96 32.06 24.66
CA VAL A 121 -12.35 32.55 24.67
C VAL A 121 -13.29 31.36 24.50
N HIS A 122 -12.96 30.44 23.57
CA HIS A 122 -13.70 29.21 23.30
C HIS A 122 -13.94 28.41 24.59
N ALA A 123 -12.84 28.16 25.37
CA ALA A 123 -12.89 27.46 26.66
C ALA A 123 -13.76 28.22 27.66
N SER A 124 -13.54 29.56 27.76
CA SER A 124 -14.26 30.45 28.67
C SER A 124 -15.77 30.54 28.36
N LEU A 125 -16.14 30.57 27.06
CA LEU A 125 -17.54 30.62 26.62
C LEU A 125 -18.22 29.29 26.84
N ASP A 126 -17.50 28.17 26.57
CA ASP A 126 -18.07 26.83 26.75
C ASP A 126 -18.35 26.56 28.23
N LYS A 127 -17.42 26.99 29.12
CA LYS A 127 -17.57 26.88 30.58
C LYS A 127 -18.79 27.69 31.02
N PHE A 128 -18.87 28.97 30.56
CA PHE A 128 -19.98 29.90 30.83
C PHE A 128 -21.32 29.33 30.33
N LEU A 129 -21.33 28.68 29.15
CA LEU A 129 -22.53 28.09 28.58
C LEU A 129 -22.94 26.84 29.32
N ALA A 130 -21.97 26.10 29.87
CA ALA A 130 -22.23 24.90 30.67
C ALA A 130 -22.87 25.34 31.98
N SER A 131 -22.37 26.46 32.56
CA SER A 131 -22.86 27.08 33.79
C SER A 131 -24.28 27.62 33.60
N VAL A 132 -24.54 28.43 32.53
CA VAL A 132 -25.87 28.98 32.22
C VAL A 132 -26.88 27.81 32.10
N SER A 133 -26.51 26.75 31.36
CA SER A 133 -27.36 25.57 31.18
C SER A 133 -27.47 24.71 32.45
N THR A 134 -26.51 24.87 33.42
CA THR A 134 -26.54 24.18 34.72
C THR A 134 -27.63 24.85 35.61
N VAL A 135 -27.74 26.19 35.54
CA VAL A 135 -28.70 27.02 36.27
C VAL A 135 -30.15 26.70 35.84
N LEU A 136 -30.37 26.42 34.55
CA LEU A 136 -31.70 26.08 34.05
C LEU A 136 -31.98 24.59 34.21
N THR A 137 -31.12 23.90 35.00
CA THR A 137 -31.17 22.47 35.32
C THR A 137 -30.93 22.20 36.84
N SER A 138 -30.82 23.27 37.67
CA SER A 138 -30.55 23.19 39.11
C SER A 138 -31.77 22.80 39.96
N LYS A 139 -33.01 22.99 39.45
CA LYS A 139 -34.24 22.63 40.16
C LYS A 139 -35.06 21.62 39.34
N TYR A 140 -34.82 20.32 39.58
CA TYR A 140 -35.46 19.19 38.89
C TYR A 140 -36.16 18.23 39.86
N ARG A 141 -37.52 18.24 39.87
CA ARG A 141 -38.36 17.38 40.73
C ARG A 141 -39.58 16.82 40.00
N HIS B 2 -24.78 8.14 5.98
CA HIS B 2 -26.17 8.26 5.53
C HIS B 2 -26.58 9.71 5.29
N LEU B 3 -26.08 10.31 4.19
CA LEU B 3 -26.29 11.71 3.79
C LEU B 3 -26.97 11.88 2.43
N THR B 4 -27.62 13.04 2.22
CA THR B 4 -28.30 13.42 0.97
C THR B 4 -27.24 13.69 -0.14
N PRO B 5 -27.55 13.49 -1.45
CA PRO B 5 -26.54 13.77 -2.49
C PRO B 5 -25.96 15.19 -2.39
N GLU B 6 -26.84 16.19 -2.22
CA GLU B 6 -26.51 17.63 -2.07
C GLU B 6 -25.61 17.86 -0.84
N GLU B 7 -25.82 17.09 0.24
CA GLU B 7 -25.01 17.13 1.46
C GLU B 7 -23.59 16.68 1.12
N LYS B 8 -23.45 15.50 0.49
CA LYS B 8 -22.16 14.94 0.07
C LYS B 8 -21.40 15.91 -0.83
N SER B 9 -22.10 16.64 -1.71
CA SER B 9 -21.47 17.64 -2.58
C SER B 9 -20.88 18.79 -1.73
N ALA B 10 -21.67 19.32 -0.78
CA ALA B 10 -21.31 20.41 0.12
C ALA B 10 -20.16 20.04 1.07
N VAL B 11 -20.19 18.81 1.59
CA VAL B 11 -19.18 18.27 2.51
C VAL B 11 -17.81 18.11 1.81
N THR B 12 -17.78 17.44 0.64
CA THR B 12 -16.57 17.23 -0.15
C THR B 12 -16.01 18.56 -0.68
N ALA B 13 -16.89 19.47 -1.16
CA ALA B 13 -16.51 20.79 -1.66
C ALA B 13 -15.75 21.62 -0.61
N LEU B 14 -16.33 21.81 0.59
CA LEU B 14 -15.73 22.57 1.68
C LEU B 14 -14.44 21.89 2.16
N TRP B 15 -14.44 20.54 2.26
CA TRP B 15 -13.29 19.76 2.72
C TRP B 15 -12.07 19.90 1.80
N GLY B 16 -12.30 20.01 0.49
CA GLY B 16 -11.25 20.22 -0.50
C GLY B 16 -10.51 21.54 -0.33
N LYS B 17 -11.16 22.49 0.39
CA LYS B 17 -10.63 23.82 0.71
C LYS B 17 -9.98 23.85 2.12
N VAL B 18 -9.97 22.70 2.83
CA VAL B 18 -9.43 22.56 4.18
C VAL B 18 -7.90 22.49 4.19
N ASN B 19 -7.25 23.30 5.05
CA ASN B 19 -5.80 23.28 5.21
C ASN B 19 -5.43 22.06 6.08
N VAL B 20 -5.00 20.96 5.40
CA VAL B 20 -4.64 19.70 6.03
C VAL B 20 -3.49 19.86 7.05
N ASP B 21 -2.59 20.83 6.80
CA ASP B 21 -1.46 21.13 7.68
C ASP B 21 -1.86 21.74 9.02
N GLU B 22 -2.93 22.56 9.06
CA GLU B 22 -3.28 23.29 10.29
C GLU B 22 -4.58 22.88 11.00
N VAL B 23 -5.70 22.74 10.25
CA VAL B 23 -7.05 22.43 10.76
C VAL B 23 -7.06 21.27 11.77
N GLY B 24 -6.26 20.25 11.50
CA GLY B 24 -6.13 19.09 12.38
C GLY B 24 -5.58 19.43 13.75
N GLY B 25 -4.42 20.07 13.78
CA GLY B 25 -3.74 20.49 15.01
C GLY B 25 -4.57 21.43 15.85
N GLU B 26 -5.36 22.29 15.17
CA GLU B 26 -6.25 23.27 15.79
C GLU B 26 -7.41 22.60 16.50
N ALA B 27 -8.01 21.56 15.88
CA ALA B 27 -9.10 20.78 16.46
C ALA B 27 -8.58 20.04 17.72
N LEU B 28 -7.43 19.35 17.61
CA LEU B 28 -6.83 18.65 18.75
C LEU B 28 -6.41 19.62 19.87
N GLY B 29 -5.84 20.76 19.49
CA GLY B 29 -5.41 21.81 20.41
C GLY B 29 -6.57 22.39 21.18
N ARG B 30 -7.66 22.74 20.45
CA ARG B 30 -8.87 23.29 21.06
C ARG B 30 -9.49 22.30 22.03
N LEU B 31 -9.52 20.99 21.68
CA LEU B 31 -10.02 19.90 22.53
C LEU B 31 -9.30 19.87 23.90
N LEU B 32 -7.94 19.99 23.89
CA LEU B 32 -7.10 19.95 25.10
C LEU B 32 -7.21 21.22 25.95
N VAL B 33 -7.55 22.37 25.32
CA VAL B 33 -7.70 23.64 26.04
C VAL B 33 -9.12 23.71 26.63
N VAL B 34 -10.15 23.44 25.81
CA VAL B 34 -11.57 23.48 26.16
C VAL B 34 -11.95 22.37 27.15
N TYR B 35 -11.46 21.13 26.90
CA TYR B 35 -11.73 19.98 27.76
C TYR B 35 -10.36 19.43 28.27
N PRO B 36 -9.75 20.07 29.31
CA PRO B 36 -8.37 19.68 29.68
C PRO B 36 -8.19 18.38 30.45
N TRP B 37 -9.24 17.55 30.60
CA TRP B 37 -9.04 16.22 31.21
C TRP B 37 -8.42 15.32 30.13
N THR B 38 -8.70 15.63 28.84
CA THR B 38 -8.19 14.92 27.66
C THR B 38 -6.65 15.03 27.54
N GLN B 39 -6.04 15.91 28.34
CA GLN B 39 -4.58 16.09 28.39
C GLN B 39 -3.89 14.87 29.05
N ARG B 40 -4.63 14.02 29.80
CA ARG B 40 -4.15 12.79 30.44
C ARG B 40 -3.69 11.74 29.42
N PHE B 41 -4.22 11.82 28.19
CA PHE B 41 -3.90 10.92 27.09
C PHE B 41 -2.73 11.45 26.24
N PHE B 42 -2.22 12.67 26.56
CA PHE B 42 -1.15 13.30 25.78
C PHE B 42 -0.03 13.91 26.63
N GLU B 43 0.26 13.36 27.84
CA GLU B 43 1.34 13.88 28.68
C GLU B 43 2.73 13.67 28.09
N SER B 44 2.86 12.68 27.18
CA SER B 44 4.06 12.34 26.43
C SER B 44 4.42 13.45 25.43
N PHE B 45 3.43 14.30 25.07
CA PHE B 45 3.54 15.41 24.12
C PHE B 45 4.26 16.63 24.71
N GLY B 46 4.24 16.75 26.04
CA GLY B 46 4.94 17.79 26.78
C GLY B 46 4.14 18.96 27.28
N ASP B 47 4.62 20.17 26.93
CA ASP B 47 4.08 21.49 27.29
C ASP B 47 2.60 21.67 26.88
N LEU B 48 1.69 21.58 27.88
CA LEU B 48 0.24 21.71 27.75
C LEU B 48 -0.31 22.55 28.93
N SER B 49 0.58 23.27 29.63
CA SER B 49 0.26 24.09 30.79
C SER B 49 -0.72 25.21 30.47
N THR B 50 -0.33 26.15 29.58
CA THR B 50 -1.18 27.28 29.17
C THR B 50 -1.84 27.03 27.81
N PRO B 51 -2.98 27.71 27.48
CA PRO B 51 -3.60 27.52 26.16
C PRO B 51 -2.69 27.81 24.97
N ASP B 52 -1.78 28.80 25.12
CA ASP B 52 -0.79 29.20 24.11
C ASP B 52 0.21 28.06 23.79
N ALA B 53 0.62 27.29 24.84
CA ALA B 53 1.54 26.16 24.73
C ALA B 53 0.94 24.98 23.97
N VAL B 54 -0.34 24.67 24.24
CA VAL B 54 -1.10 23.57 23.62
C VAL B 54 -1.21 23.80 22.10
N MET B 55 -1.52 25.06 21.69
CA MET B 55 -1.68 25.43 20.28
C MET B 55 -0.36 25.49 19.52
N GLY B 56 0.72 25.82 20.22
CA GLY B 56 2.07 25.88 19.66
C GLY B 56 2.74 24.53 19.59
N ASN B 57 2.35 23.58 20.50
CA ASN B 57 2.89 22.22 20.64
C ASN B 57 3.12 21.51 19.29
N PRO B 58 4.37 21.05 19.00
CA PRO B 58 4.63 20.44 17.69
C PRO B 58 4.06 19.05 17.54
N LYS B 59 3.92 18.31 18.65
CA LYS B 59 3.34 16.97 18.60
C LYS B 59 1.81 17.02 18.50
N VAL B 60 1.18 18.03 19.12
CA VAL B 60 -0.28 18.28 19.04
C VAL B 60 -0.65 18.60 17.58
N LYS B 61 0.21 19.38 16.88
CA LYS B 61 0.02 19.75 15.48
C LYS B 61 0.20 18.55 14.54
N ALA B 62 1.27 17.76 14.79
CA ALA B 62 1.63 16.59 13.99
C ALA B 62 0.64 15.45 14.18
N HIS B 63 0.18 15.27 15.43
CA HIS B 63 -0.81 14.27 15.76
C HIS B 63 -2.18 14.70 15.25
N GLY B 64 -2.50 16.00 15.38
CA GLY B 64 -3.74 16.56 14.87
C GLY B 64 -3.91 16.26 13.40
N LYS B 65 -2.78 16.28 12.67
CA LYS B 65 -2.68 16.01 11.23
C LYS B 65 -3.03 14.54 10.93
N LYS B 66 -2.63 13.60 11.82
CA LYS B 66 -2.94 12.16 11.70
C LYS B 66 -4.44 11.94 11.91
N VAL B 67 -5.02 12.68 12.89
CA VAL B 67 -6.43 12.69 13.25
C VAL B 67 -7.26 13.23 12.07
N LEU B 68 -6.88 14.39 11.49
CA LEU B 68 -7.61 14.94 10.33
C LEU B 68 -7.59 13.97 9.15
N GLY B 69 -6.47 13.25 8.97
CA GLY B 69 -6.31 12.21 7.96
C GLY B 69 -7.34 11.10 8.10
N ALA B 70 -7.60 10.69 9.37
CA ALA B 70 -8.60 9.69 9.77
C ALA B 70 -10.04 10.17 9.47
N PHE B 71 -10.27 11.50 9.48
CA PHE B 71 -11.57 12.08 9.12
C PHE B 71 -11.74 12.04 7.62
N SER B 72 -10.66 12.39 6.88
CA SER B 72 -10.63 12.37 5.40
C SER B 72 -10.99 10.97 4.92
N ASP B 73 -10.32 9.93 5.47
CA ASP B 73 -10.59 8.52 5.18
C ASP B 73 -12.08 8.22 5.36
N GLY B 74 -12.64 8.66 6.48
CA GLY B 74 -14.04 8.51 6.84
C GLY B 74 -15.00 9.12 5.86
N LEU B 75 -14.64 10.29 5.32
CA LEU B 75 -15.41 11.03 4.32
C LEU B 75 -15.41 10.32 2.98
N ALA B 76 -14.30 9.65 2.66
CA ALA B 76 -14.14 8.90 1.41
C ALA B 76 -15.02 7.67 1.39
N HIS B 77 -15.21 7.05 2.56
CA HIS B 77 -15.98 5.83 2.72
C HIS B 77 -17.03 6.02 3.81
N LEU B 78 -18.01 6.91 3.55
CA LEU B 78 -19.08 7.21 4.51
C LEU B 78 -20.00 6.01 4.77
N ASP B 79 -20.05 5.06 3.82
CA ASP B 79 -20.88 3.84 3.91
C ASP B 79 -20.15 2.64 4.54
N ASN B 80 -18.92 2.85 5.03
CA ASN B 80 -18.11 1.79 5.66
C ASN B 80 -17.27 2.36 6.83
N LEU B 81 -17.87 3.30 7.59
CA LEU B 81 -17.23 3.94 8.74
C LEU B 81 -16.76 2.93 9.79
N LYS B 82 -17.61 1.92 10.13
CA LYS B 82 -17.25 0.89 11.11
C LYS B 82 -15.94 0.18 10.70
N GLY B 83 -15.84 -0.14 9.41
CA GLY B 83 -14.68 -0.80 8.81
C GLY B 83 -13.47 0.10 8.70
N THR B 84 -13.67 1.37 8.32
CA THR B 84 -12.58 2.34 8.21
C THR B 84 -11.89 2.52 9.56
N PHE B 85 -12.68 2.56 10.66
CA PHE B 85 -12.15 2.74 12.00
C PHE B 85 -12.10 1.45 12.83
N ALA B 86 -11.86 0.29 12.20
CA ALA B 86 -11.78 -0.99 12.91
C ALA B 86 -10.56 -1.06 13.82
N THR B 87 -9.33 -0.86 13.27
CA THR B 87 -8.10 -0.85 14.08
C THR B 87 -8.12 0.29 15.09
N LEU B 88 -8.60 1.49 14.67
CA LEU B 88 -8.68 2.66 15.56
C LEU B 88 -9.67 2.47 16.70
N SER B 89 -10.83 1.85 16.43
CA SER B 89 -11.82 1.56 17.48
C SER B 89 -11.19 0.62 18.49
N GLU B 90 -10.48 -0.43 18.03
CA GLU B 90 -9.75 -1.37 18.90
C GLU B 90 -8.67 -0.64 19.69
N LEU B 91 -7.88 0.23 19.03
CA LEU B 91 -6.80 1.02 19.64
C LEU B 91 -7.34 1.92 20.73
N HIS B 92 -8.31 2.78 20.39
CA HIS B 92 -8.91 3.73 21.34
C HIS B 92 -9.72 3.05 22.45
N CYS B 93 -10.27 1.85 22.23
CA CYS B 93 -11.08 1.17 23.24
C CYS B 93 -10.27 0.26 24.15
N ASP B 94 -9.63 -0.76 23.57
CA ASP B 94 -8.87 -1.79 24.27
C ASP B 94 -7.47 -1.37 24.72
N LYS B 95 -6.79 -0.48 23.97
CA LYS B 95 -5.43 -0.03 24.26
C LYS B 95 -5.33 1.31 25.00
N LEU B 96 -6.15 2.31 24.64
CA LEU B 96 -6.05 3.67 25.15
C LEU B 96 -6.98 4.05 26.33
N HIS B 97 -8.16 3.39 26.49
CA HIS B 97 -9.14 3.60 27.58
C HIS B 97 -10.09 4.81 27.32
N VAL B 98 -9.79 5.65 26.32
CA VAL B 98 -10.59 6.84 25.97
C VAL B 98 -12.09 6.56 26.07
N ASP B 99 -12.84 7.42 26.79
CA ASP B 99 -14.28 7.26 26.90
C ASP B 99 -14.93 7.72 25.59
N PRO B 100 -15.90 6.95 25.03
CA PRO B 100 -16.54 7.34 23.77
C PRO B 100 -17.11 8.76 23.68
N GLU B 101 -17.41 9.41 24.84
CA GLU B 101 -17.93 10.79 24.87
C GLU B 101 -16.91 11.81 24.37
N ASN B 102 -15.60 11.51 24.55
CA ASN B 102 -14.49 12.35 24.09
C ASN B 102 -14.38 12.38 22.57
N PHE B 103 -14.84 11.32 21.87
CA PHE B 103 -14.88 11.26 20.40
C PHE B 103 -15.93 12.24 19.94
N ARG B 104 -17.08 12.28 20.64
CA ARG B 104 -18.17 13.19 20.33
C ARG B 104 -17.74 14.66 20.52
N LEU B 105 -16.87 14.92 21.51
CA LEU B 105 -16.36 16.25 21.79
C LEU B 105 -15.36 16.72 20.73
N LEU B 106 -14.40 15.86 20.34
CA LEU B 106 -13.38 16.19 19.33
C LEU B 106 -14.05 16.54 17.99
N GLY B 107 -15.06 15.75 17.60
CA GLY B 107 -15.86 15.96 16.40
C GLY B 107 -16.55 17.29 16.43
N ASN B 108 -17.13 17.67 17.60
CA ASN B 108 -17.81 18.95 17.80
C ASN B 108 -16.85 20.16 17.79
N VAL B 109 -15.63 19.96 18.31
CA VAL B 109 -14.54 20.94 18.29
C VAL B 109 -14.04 21.09 16.84
N LEU B 110 -14.05 19.99 16.05
CA LEU B 110 -13.70 20.04 14.63
C LEU B 110 -14.70 20.95 13.87
N VAL B 111 -16.02 20.77 14.13
CA VAL B 111 -17.12 21.55 13.54
C VAL B 111 -16.92 23.03 13.86
N CYS B 112 -16.54 23.34 15.10
CA CYS B 112 -16.23 24.72 15.54
C CYS B 112 -15.06 25.30 14.75
N VAL B 113 -14.01 24.48 14.48
CA VAL B 113 -12.81 24.85 13.71
C VAL B 113 -13.18 25.14 12.26
N LEU B 114 -14.03 24.27 11.65
CA LEU B 114 -14.52 24.45 10.28
C LEU B 114 -15.35 25.74 10.16
N ALA B 115 -16.07 26.11 11.24
CA ALA B 115 -16.86 27.37 11.29
C ALA B 115 -15.92 28.57 11.43
N HIS B 116 -14.87 28.44 12.27
CA HIS B 116 -13.84 29.46 12.52
C HIS B 116 -12.99 29.78 11.27
N HIS B 117 -12.72 28.77 10.43
CA HIS B 117 -11.91 28.99 9.22
C HIS B 117 -12.70 29.42 8.00
N PHE B 118 -13.96 28.95 7.87
CA PHE B 118 -14.78 29.22 6.70
C PHE B 118 -15.77 30.38 6.88
N GLY B 119 -16.00 30.79 8.12
CA GLY B 119 -16.91 31.87 8.46
C GLY B 119 -18.32 31.61 8.00
N LYS B 120 -18.87 32.58 7.23
CA LYS B 120 -20.21 32.57 6.65
C LYS B 120 -20.38 31.51 5.54
N GLU B 121 -19.26 30.97 5.01
CA GLU B 121 -19.26 29.90 4.01
C GLU B 121 -19.77 28.63 4.67
N PHE B 122 -19.54 28.48 6.01
CA PHE B 122 -20.01 27.34 6.82
C PHE B 122 -21.44 27.65 7.32
N THR B 123 -22.40 27.55 6.40
CA THR B 123 -23.83 27.82 6.59
C THR B 123 -24.49 26.74 7.48
N PRO B 124 -25.70 26.98 8.06
CA PRO B 124 -26.34 25.93 8.90
C PRO B 124 -26.63 24.60 8.19
N PRO B 125 -27.04 24.49 6.88
CA PRO B 125 -27.21 23.15 6.27
C PRO B 125 -25.88 22.41 6.07
N VAL B 126 -24.76 23.16 5.93
CA VAL B 126 -23.40 22.63 5.77
C VAL B 126 -22.94 22.01 7.10
N GLN B 127 -23.21 22.70 8.21
CA GLN B 127 -22.92 22.22 9.57
C GLN B 127 -23.79 20.99 9.84
N ALA B 128 -25.09 21.04 9.45
CA ALA B 128 -26.05 19.95 9.63
C ALA B 128 -25.53 18.65 9.01
N ALA B 129 -24.91 18.75 7.79
CA ALA B 129 -24.29 17.66 7.06
C ALA B 129 -23.02 17.16 7.77
N TYR B 130 -22.14 18.08 8.24
CA TYR B 130 -20.93 17.71 9.01
C TYR B 130 -21.25 17.09 10.39
N GLN B 131 -22.42 17.42 11.01
CA GLN B 131 -22.82 16.84 12.29
C GLN B 131 -23.09 15.38 12.09
N LYS B 132 -23.76 15.03 10.98
CA LYS B 132 -24.06 13.65 10.62
C LYS B 132 -22.75 12.87 10.46
N VAL B 133 -21.72 13.49 9.85
CA VAL B 133 -20.40 12.90 9.63
C VAL B 133 -19.64 12.70 10.97
N VAL B 134 -19.39 13.76 11.75
CA VAL B 134 -18.68 13.67 13.04
C VAL B 134 -19.40 12.72 14.03
N ALA B 135 -20.75 12.58 13.91
CA ALA B 135 -21.56 11.64 14.70
C ALA B 135 -21.31 10.23 14.21
N GLY B 136 -21.13 10.09 12.89
CA GLY B 136 -20.84 8.80 12.25
C GLY B 136 -19.48 8.28 12.66
N VAL B 137 -18.46 9.14 12.57
CA VAL B 137 -17.06 8.87 12.94
C VAL B 137 -16.97 8.49 14.43
N ALA B 138 -17.62 9.24 15.33
CA ALA B 138 -17.59 8.96 16.78
C ALA B 138 -18.22 7.60 17.06
N ASN B 139 -19.42 7.35 16.47
CA ASN B 139 -20.14 6.09 16.66
C ASN B 139 -19.31 4.89 16.19
N ALA B 140 -18.69 5.01 15.00
CA ALA B 140 -17.82 4.00 14.42
C ALA B 140 -16.55 3.81 15.26
N LEU B 141 -16.02 4.90 15.85
CA LEU B 141 -14.82 4.85 16.70
C LEU B 141 -15.14 4.27 18.09
N ALA B 142 -16.46 4.10 18.40
CA ALA B 142 -17.03 3.54 19.64
C ALA B 142 -17.58 2.10 19.44
N HIS B 143 -17.54 1.60 18.20
CA HIS B 143 -18.04 0.29 17.81
C HIS B 143 -17.49 -0.90 18.64
N LYS B 144 -16.21 -0.84 19.09
CA LYS B 144 -15.57 -1.94 19.83
C LYS B 144 -16.11 -2.20 21.24
N TYR B 145 -16.75 -1.19 21.90
CA TYR B 145 -17.34 -1.42 23.23
C TYR B 145 -18.67 -2.17 23.06
N HIS B 146 -19.43 -1.80 22.00
CA HIS B 146 -20.76 -2.30 21.67
C HIS B 146 -20.72 -3.60 20.79
N LEU C 2 -29.57 22.34 43.07
CA LEU C 2 -29.94 21.82 44.41
C LEU C 2 -31.09 22.60 45.05
N SER C 3 -32.11 21.87 45.54
CA SER C 3 -33.29 22.43 46.19
C SER C 3 -33.19 22.43 47.73
N PRO C 4 -33.95 23.30 48.45
CA PRO C 4 -33.92 23.27 49.93
C PRO C 4 -34.34 21.91 50.48
N ALA C 5 -35.36 21.28 49.85
CA ALA C 5 -35.85 19.94 50.18
C ALA C 5 -34.77 18.90 49.87
N ASP C 6 -33.97 19.11 48.78
CA ASP C 6 -32.86 18.22 48.41
C ASP C 6 -31.75 18.30 49.45
N LYS C 7 -31.57 19.48 50.08
CA LYS C 7 -30.56 19.73 51.12
C LYS C 7 -30.84 18.91 52.39
N THR C 8 -32.13 18.91 52.86
CA THR C 8 -32.55 18.15 54.05
C THR C 8 -32.53 16.65 53.77
N ASN C 9 -32.98 16.23 52.56
CA ASN C 9 -32.99 14.83 52.10
C ASN C 9 -31.60 14.18 52.18
N VAL C 10 -30.56 14.93 51.74
CA VAL C 10 -29.17 14.45 51.76
C VAL C 10 -28.64 14.40 53.20
N LYS C 11 -28.88 15.49 53.96
CA LYS C 11 -28.50 15.64 55.35
C LYS C 11 -29.04 14.51 56.23
N ALA C 12 -30.31 14.12 56.03
CA ALA C 12 -30.96 13.02 56.75
C ALA C 12 -30.38 11.66 56.38
N ALA C 13 -30.21 11.39 55.06
CA ALA C 13 -29.68 10.11 54.55
C ALA C 13 -28.19 9.85 54.90
N TRP C 14 -27.34 10.90 54.91
CA TRP C 14 -25.93 10.69 55.29
C TRP C 14 -25.71 10.81 56.79
N GLY C 15 -26.74 11.31 57.49
CA GLY C 15 -26.74 11.39 58.94
C GLY C 15 -26.96 10.01 59.51
N LYS C 16 -27.56 9.12 58.69
CA LYS C 16 -27.86 7.72 59.03
C LYS C 16 -26.77 6.72 58.57
N VAL C 17 -25.76 7.19 57.80
CA VAL C 17 -24.67 6.31 57.37
C VAL C 17 -23.70 6.05 58.55
N GLY C 18 -23.54 7.08 59.40
CA GLY C 18 -22.71 7.04 60.60
C GLY C 18 -21.23 6.91 60.32
N ALA C 19 -20.51 6.15 61.18
CA ALA C 19 -19.08 5.90 61.07
C ALA C 19 -18.76 4.78 60.05
N HIS C 20 -19.82 4.14 59.51
CA HIS C 20 -19.71 3.08 58.51
C HIS C 20 -19.73 3.65 57.08
N ALA C 21 -19.48 4.97 56.98
CA ALA C 21 -19.36 5.72 55.73
C ALA C 21 -18.09 5.24 55.01
N GLY C 22 -17.01 5.05 55.77
CA GLY C 22 -15.71 4.56 55.30
C GLY C 22 -15.80 3.20 54.64
N GLU C 23 -16.78 2.37 55.07
CA GLU C 23 -17.08 1.06 54.52
C GLU C 23 -17.95 1.20 53.27
N TYR C 24 -18.92 2.15 53.28
CA TYR C 24 -19.81 2.43 52.14
C TYR C 24 -19.02 3.00 50.95
N GLY C 25 -18.02 3.83 51.23
CA GLY C 25 -17.14 4.41 50.22
C GLY C 25 -16.26 3.35 49.61
N ALA C 26 -15.74 2.44 50.47
CA ALA C 26 -14.89 1.31 50.11
C ALA C 26 -15.66 0.35 49.21
N GLU C 27 -16.95 0.08 49.57
CA GLU C 27 -17.85 -0.78 48.81
C GLU C 27 -18.07 -0.18 47.43
N ALA C 28 -18.42 1.12 47.38
CA ALA C 28 -18.64 1.90 46.16
C ALA C 28 -17.44 1.81 45.21
N LEU C 29 -16.21 1.99 45.75
CA LEU C 29 -14.97 1.87 44.99
C LEU C 29 -14.88 0.46 44.43
N GLU C 30 -15.04 -0.55 45.31
CA GLU C 30 -14.99 -1.99 45.00
C GLU C 30 -15.93 -2.31 43.84
N ARG C 31 -17.16 -1.77 43.89
CA ARG C 31 -18.18 -1.89 42.86
C ARG C 31 -17.71 -1.30 41.53
N MET C 32 -17.24 -0.02 41.53
CA MET C 32 -16.73 0.67 40.33
C MET C 32 -15.61 -0.09 39.62
N PHE C 33 -14.65 -0.66 40.38
CA PHE C 33 -13.53 -1.41 39.83
C PHE C 33 -13.98 -2.69 39.16
N LEU C 34 -14.97 -3.41 39.77
CA LEU C 34 -15.52 -4.66 39.22
C LEU C 34 -16.49 -4.46 38.05
N SER C 35 -17.33 -3.39 38.11
CA SER C 35 -18.36 -3.07 37.11
C SER C 35 -17.82 -2.29 35.91
N PHE C 36 -16.80 -1.43 36.15
CA PHE C 36 -16.17 -0.58 35.12
C PHE C 36 -14.66 -0.71 35.28
N PRO C 37 -14.05 -1.83 34.77
CA PRO C 37 -12.61 -2.05 34.97
C PRO C 37 -11.67 -1.00 34.36
N THR C 38 -12.17 -0.14 33.44
CA THR C 38 -11.34 0.91 32.84
C THR C 38 -10.88 1.93 33.90
N THR C 39 -11.70 2.14 34.95
CA THR C 39 -11.44 3.06 36.07
C THR C 39 -10.21 2.68 36.91
N LYS C 40 -9.63 1.48 36.67
CA LYS C 40 -8.47 0.96 37.38
C LYS C 40 -7.16 1.65 36.96
N THR C 41 -7.12 2.27 35.74
CA THR C 41 -5.95 3.00 35.24
C THR C 41 -5.50 4.13 36.19
N TYR C 42 -6.47 4.74 36.90
CA TYR C 42 -6.29 5.82 37.86
C TYR C 42 -5.68 5.32 39.19
N PHE C 43 -5.55 3.97 39.35
CA PHE C 43 -4.99 3.36 40.57
C PHE C 43 -3.91 2.27 40.31
N PRO C 44 -2.73 2.58 39.69
CA PRO C 44 -1.69 1.52 39.54
C PRO C 44 -0.97 1.22 40.87
N HIS C 45 -0.82 2.26 41.71
CA HIS C 45 -0.18 2.25 43.03
C HIS C 45 -1.02 1.45 44.06
N PHE C 46 -2.29 1.13 43.68
CA PHE C 46 -3.25 0.45 44.55
C PHE C 46 -3.45 -1.05 44.27
N ASP C 47 -3.90 -1.79 45.32
CA ASP C 47 -4.32 -3.19 45.32
C ASP C 47 -5.85 -3.17 45.52
N LEU C 48 -6.60 -3.53 44.45
CA LEU C 48 -8.07 -3.45 44.41
C LEU C 48 -8.79 -4.81 44.54
N SER C 49 -8.17 -5.75 45.27
CA SER C 49 -8.75 -7.06 45.57
C SER C 49 -9.73 -6.92 46.73
N HIS C 50 -10.62 -7.92 46.91
CA HIS C 50 -11.65 -7.88 47.96
C HIS C 50 -11.08 -7.82 49.39
N GLY C 51 -11.57 -6.84 50.15
CA GLY C 51 -11.16 -6.60 51.54
C GLY C 51 -9.77 -6.02 51.72
N SER C 52 -9.25 -5.29 50.69
CA SER C 52 -7.91 -4.68 50.73
C SER C 52 -7.88 -3.41 51.57
N ALA C 53 -6.81 -3.24 52.37
CA ALA C 53 -6.60 -2.10 53.26
C ALA C 53 -6.52 -0.77 52.54
N GLN C 54 -6.00 -0.78 51.30
CA GLN C 54 -5.90 0.42 50.47
C GLN C 54 -7.26 0.93 50.00
N VAL C 55 -8.20 0.00 49.70
CA VAL C 55 -9.57 0.32 49.27
C VAL C 55 -10.37 0.90 50.47
N LYS C 56 -10.22 0.31 51.69
CA LYS C 56 -10.85 0.72 52.96
C LYS C 56 -10.40 2.11 53.42
N GLY C 57 -9.09 2.38 53.26
CA GLY C 57 -8.46 3.65 53.60
C GLY C 57 -8.85 4.75 52.64
N HIS C 58 -8.87 4.44 51.32
CA HIS C 58 -9.29 5.41 50.30
C HIS C 58 -10.80 5.66 50.38
N GLY C 59 -11.54 4.63 50.81
CA GLY C 59 -12.99 4.71 51.00
C GLY C 59 -13.32 5.70 52.11
N LYS C 60 -12.45 5.75 53.15
CA LYS C 60 -12.55 6.66 54.31
C LYS C 60 -12.28 8.08 53.82
N LYS C 61 -11.20 8.26 53.02
CA LYS C 61 -10.83 9.54 52.42
C LYS C 61 -12.01 10.11 51.61
N VAL C 62 -12.61 9.28 50.72
CA VAL C 62 -13.76 9.63 49.87
C VAL C 62 -15.01 10.01 50.68
N ALA C 63 -15.38 9.17 51.68
CA ALA C 63 -16.55 9.39 52.54
C ALA C 63 -16.44 10.60 53.47
N ASP C 64 -15.25 10.88 54.03
CA ASP C 64 -15.04 12.04 54.89
C ASP C 64 -15.19 13.34 54.08
N ALA C 65 -14.68 13.33 52.82
CA ALA C 65 -14.77 14.45 51.86
C ALA C 65 -16.24 14.76 51.55
N LEU C 66 -17.09 13.71 51.51
CA LEU C 66 -18.53 13.79 51.29
C LEU C 66 -19.25 14.34 52.53
N THR C 67 -18.76 13.98 53.74
CA THR C 67 -19.31 14.45 55.01
C THR C 67 -19.00 15.96 55.14
N ASN C 68 -17.84 16.37 54.58
CA ASN C 68 -17.39 17.75 54.52
C ASN C 68 -18.26 18.51 53.50
N ALA C 69 -18.69 17.81 52.43
CA ALA C 69 -19.54 18.37 51.37
C ALA C 69 -20.97 18.63 51.83
N VAL C 70 -21.59 17.67 52.58
CA VAL C 70 -22.96 17.78 53.11
C VAL C 70 -23.07 18.99 54.06
N ALA C 71 -22.05 19.17 54.91
CA ALA C 71 -21.96 20.25 55.89
C ALA C 71 -21.86 21.63 55.20
N HIS C 72 -21.12 21.70 54.07
CA HIS C 72 -20.90 22.93 53.28
C HIS C 72 -21.65 22.85 51.95
N VAL C 73 -22.98 22.61 52.02
CA VAL C 73 -23.88 22.45 50.86
C VAL C 73 -23.91 23.72 49.94
N ASP C 74 -23.66 24.91 50.52
CA ASP C 74 -23.64 26.17 49.77
C ASP C 74 -22.21 26.70 49.56
N ASP C 75 -21.23 26.13 50.30
CA ASP C 75 -19.81 26.48 50.29
C ASP C 75 -18.96 25.37 49.59
N MET C 76 -19.58 24.50 48.75
CA MET C 76 -18.91 23.38 48.07
C MET C 76 -17.68 23.75 47.20
N PRO C 77 -17.70 24.76 46.28
CA PRO C 77 -16.47 25.04 45.49
C PRO C 77 -15.26 25.50 46.30
N ASN C 78 -15.51 26.18 47.46
CA ASN C 78 -14.47 26.66 48.39
C ASN C 78 -14.00 25.57 49.38
N ALA C 79 -14.93 24.76 49.92
CA ALA C 79 -14.61 23.69 50.88
C ALA C 79 -13.89 22.50 50.22
N LEU C 80 -14.29 22.12 49.00
CA LEU C 80 -13.68 21.02 48.25
C LEU C 80 -12.64 21.56 47.23
N SER C 81 -12.06 22.74 47.52
CA SER C 81 -11.07 23.40 46.66
C SER C 81 -9.79 22.57 46.54
N ALA C 82 -9.26 22.08 47.68
CA ALA C 82 -8.05 21.25 47.76
C ALA C 82 -8.12 19.99 46.88
N LEU C 83 -9.31 19.35 46.85
CA LEU C 83 -9.57 18.14 46.08
C LEU C 83 -9.83 18.40 44.60
N SER C 84 -10.35 19.60 44.26
CA SER C 84 -10.58 20.05 42.89
C SER C 84 -9.21 20.19 42.22
N ASP C 85 -8.20 20.64 43.01
CA ASP C 85 -6.81 20.77 42.58
C ASP C 85 -6.22 19.39 42.31
N LEU C 86 -6.55 18.40 43.16
CA LEU C 86 -6.07 17.04 42.96
C LEU C 86 -6.71 16.38 41.71
N HIS C 87 -8.04 16.25 41.69
CA HIS C 87 -8.80 15.59 40.63
C HIS C 87 -8.77 16.29 39.25
N ALA C 88 -8.82 17.64 39.23
CA ALA C 88 -8.82 18.36 37.97
C ALA C 88 -7.43 18.76 37.48
N HIS C 89 -6.53 19.21 38.35
CA HIS C 89 -5.21 19.63 37.86
C HIS C 89 -4.17 18.53 37.75
N LYS C 90 -4.00 17.71 38.80
CA LYS C 90 -2.97 16.65 38.79
C LYS C 90 -3.45 15.31 38.22
N LEU C 91 -4.62 14.84 38.68
CA LEU C 91 -5.21 13.56 38.28
C LEU C 91 -5.87 13.61 36.92
N ARG C 92 -6.44 14.77 36.54
CA ARG C 92 -7.16 15.02 35.27
C ARG C 92 -8.12 13.84 34.93
N VAL C 93 -8.93 13.45 35.95
CA VAL C 93 -9.89 12.35 35.85
C VAL C 93 -11.04 12.72 34.92
N ASP C 94 -11.24 11.91 33.87
CA ASP C 94 -12.31 12.11 32.91
C ASP C 94 -13.65 12.19 33.69
N PRO C 95 -14.40 13.30 33.51
CA PRO C 95 -15.69 13.47 34.22
C PRO C 95 -16.67 12.30 34.20
N VAL C 96 -16.49 11.36 33.26
CA VAL C 96 -17.33 10.18 33.14
C VAL C 96 -17.17 9.28 34.36
N ASN C 97 -15.92 9.09 34.81
CA ASN C 97 -15.54 8.26 35.96
C ASN C 97 -16.27 8.64 37.25
N PHE C 98 -16.49 9.97 37.44
CA PHE C 98 -17.26 10.53 38.56
C PHE C 98 -18.71 10.06 38.50
N LYS C 99 -19.27 9.94 37.27
CA LYS C 99 -20.62 9.42 37.06
C LYS C 99 -20.72 7.95 37.53
N LEU C 100 -19.68 7.15 37.23
CA LEU C 100 -19.59 5.73 37.60
C LEU C 100 -19.48 5.51 39.11
N LEU C 101 -18.62 6.29 39.79
CA LEU C 101 -18.49 6.23 41.25
C LEU C 101 -19.77 6.74 41.92
N SER C 102 -20.37 7.82 41.40
CA SER C 102 -21.64 8.36 41.93
C SER C 102 -22.74 7.29 41.86
N HIS C 103 -22.78 6.56 40.73
CA HIS C 103 -23.74 5.48 40.54
C HIS C 103 -23.53 4.35 41.56
N CYS C 104 -22.27 3.85 41.72
CA CYS C 104 -21.88 2.77 42.61
C CYS C 104 -22.20 3.07 44.08
N LEU C 105 -21.99 4.33 44.51
CA LEU C 105 -22.30 4.80 45.85
C LEU C 105 -23.82 4.71 46.08
N LEU C 106 -24.62 5.13 45.07
CA LEU C 106 -26.10 5.08 45.12
C LEU C 106 -26.62 3.65 45.32
N VAL C 107 -25.93 2.68 44.68
CA VAL C 107 -26.19 1.25 44.71
C VAL C 107 -25.90 0.75 46.14
N THR C 108 -24.75 1.17 46.73
CA THR C 108 -24.30 0.84 48.10
C THR C 108 -25.33 1.31 49.14
N LEU C 109 -25.78 2.58 49.02
CA LEU C 109 -26.77 3.23 49.88
C LEU C 109 -28.10 2.48 49.85
N ALA C 110 -28.58 2.14 48.63
CA ALA C 110 -29.82 1.39 48.41
C ALA C 110 -29.77 0.00 49.06
N ALA C 111 -28.60 -0.67 48.99
CA ALA C 111 -28.35 -2.00 49.51
C ALA C 111 -28.33 -2.06 51.04
N HIS C 112 -27.67 -1.09 51.70
CA HIS C 112 -27.51 -1.03 53.16
C HIS C 112 -28.59 -0.24 53.88
N LEU C 113 -29.19 0.76 53.20
CA LEU C 113 -30.22 1.62 53.81
C LEU C 113 -31.52 1.64 52.98
N PRO C 114 -32.32 0.53 52.96
CA PRO C 114 -33.55 0.49 52.14
C PRO C 114 -34.67 1.47 52.53
N ALA C 115 -34.96 1.62 53.85
CA ALA C 115 -35.97 2.54 54.38
C ALA C 115 -35.62 4.00 54.08
N GLU C 116 -34.33 4.30 53.96
CA GLU C 116 -33.84 5.64 53.68
C GLU C 116 -33.85 5.94 52.17
N PHE C 117 -33.50 4.94 51.33
CA PHE C 117 -33.41 5.08 49.87
C PHE C 117 -34.79 5.15 49.18
N THR C 118 -35.50 6.26 49.38
CA THR C 118 -36.81 6.47 48.75
C THR C 118 -36.60 7.18 47.41
N PRO C 119 -37.54 7.08 46.42
CA PRO C 119 -37.33 7.82 45.15
C PRO C 119 -36.98 9.30 45.30
N ALA C 120 -37.53 9.96 46.34
CA ALA C 120 -37.27 11.36 46.66
C ALA C 120 -35.86 11.56 47.22
N VAL C 121 -35.39 10.64 48.06
CA VAL C 121 -34.06 10.71 48.68
C VAL C 121 -33.00 10.43 47.63
N HIS C 122 -33.22 9.36 46.85
CA HIS C 122 -32.39 8.90 45.74
C HIS C 122 -32.11 10.05 44.77
N ALA C 123 -33.16 10.79 44.39
CA ALA C 123 -33.12 11.93 43.46
C ALA C 123 -32.24 13.05 43.99
N SER C 124 -32.37 13.35 45.26
CA SER C 124 -31.61 14.38 45.95
C SER C 124 -30.11 14.03 46.01
N LEU C 125 -29.79 12.74 46.21
CA LEU C 125 -28.42 12.24 46.30
C LEU C 125 -27.72 12.22 44.95
N ASP C 126 -28.43 11.79 43.90
CA ASP C 126 -27.93 11.78 42.52
C ASP C 126 -27.61 13.24 42.12
N LYS C 127 -28.42 14.21 42.62
CA LYS C 127 -28.25 15.64 42.41
C LYS C 127 -27.02 16.11 43.21
N PHE C 128 -26.92 15.67 44.47
CA PHE C 128 -25.82 15.99 45.39
C PHE C 128 -24.47 15.56 44.82
N LEU C 129 -24.33 14.25 44.53
CA LEU C 129 -23.11 13.63 43.97
C LEU C 129 -22.69 14.30 42.66
N ALA C 130 -23.65 14.65 41.80
CA ALA C 130 -23.44 15.38 40.56
C ALA C 130 -22.81 16.77 40.82
N SER C 131 -23.36 17.57 41.76
CA SER C 131 -22.81 18.90 42.05
C SER C 131 -21.45 18.81 42.77
N VAL C 132 -21.19 17.68 43.49
CA VAL C 132 -19.92 17.37 44.14
C VAL C 132 -18.92 17.09 43.00
N SER C 133 -19.30 16.20 42.05
CA SER C 133 -18.53 15.78 40.88
C SER C 133 -18.10 16.97 40.06
N THR C 134 -19.05 17.88 39.75
CA THR C 134 -18.78 19.09 38.96
C THR C 134 -17.80 20.02 39.65
N VAL C 135 -17.73 20.03 41.02
CA VAL C 135 -16.77 20.84 41.80
C VAL C 135 -15.37 20.23 41.68
N LEU C 136 -15.23 18.90 41.86
CA LEU C 136 -13.95 18.20 41.78
C LEU C 136 -13.31 18.25 40.38
N THR C 137 -14.14 18.48 39.35
CA THR C 137 -13.74 18.63 37.93
C THR C 137 -14.03 20.07 37.42
N SER C 138 -14.17 21.04 38.34
CA SER C 138 -14.55 22.43 38.03
C SER C 138 -13.58 23.20 37.16
N LYS C 139 -12.36 23.44 37.64
CA LYS C 139 -11.44 24.25 36.86
C LYS C 139 -10.25 23.45 36.39
N TYR C 140 -10.19 23.31 35.06
CA TYR C 140 -9.21 22.63 34.26
C TYR C 140 -8.75 23.68 33.22
N ARG C 141 -7.43 23.93 33.05
CA ARG C 141 -6.94 24.89 32.05
C ARG C 141 -5.67 24.43 31.32
N HIS D 2 -21.75 -10.28 25.90
CA HIS D 2 -20.91 -11.43 26.19
C HIS D 2 -20.45 -11.42 27.65
N LEU D 3 -20.68 -12.54 28.36
CA LEU D 3 -20.31 -12.72 29.77
C LEU D 3 -20.05 -14.19 30.17
N THR D 4 -19.27 -14.40 31.25
CA THR D 4 -18.90 -15.70 31.82
C THR D 4 -20.12 -16.52 32.28
N PRO D 5 -20.07 -17.88 32.25
CA PRO D 5 -21.25 -18.67 32.70
C PRO D 5 -21.64 -18.43 34.16
N GLU D 6 -20.68 -18.00 35.02
CA GLU D 6 -20.93 -17.68 36.43
C GLU D 6 -21.78 -16.39 36.50
N GLU D 7 -21.57 -15.47 35.52
CA GLU D 7 -22.33 -14.22 35.38
C GLU D 7 -23.74 -14.55 34.87
N LYS D 8 -23.81 -15.46 33.87
CA LYS D 8 -25.04 -15.99 33.25
C LYS D 8 -25.94 -16.66 34.30
N SER D 9 -25.34 -17.40 35.25
CA SER D 9 -26.03 -18.09 36.35
C SER D 9 -26.54 -17.08 37.38
N ALA D 10 -25.70 -16.09 37.75
CA ALA D 10 -26.02 -15.04 38.73
C ALA D 10 -27.12 -14.11 38.22
N VAL D 11 -27.07 -13.73 36.93
CA VAL D 11 -28.05 -12.84 36.31
C VAL D 11 -29.44 -13.50 36.21
N THR D 12 -29.49 -14.83 35.98
CA THR D 12 -30.74 -15.57 35.83
C THR D 12 -31.32 -16.01 37.17
N ALA D 13 -30.47 -16.40 38.14
CA ALA D 13 -30.92 -16.84 39.48
C ALA D 13 -31.59 -15.69 40.24
N LEU D 14 -30.99 -14.48 40.20
CA LEU D 14 -31.47 -13.26 40.86
C LEU D 14 -32.71 -12.71 40.15
N TRP D 15 -32.81 -12.90 38.82
CA TRP D 15 -33.97 -12.44 38.04
C TRP D 15 -35.21 -13.31 38.31
N GLY D 16 -34.98 -14.55 38.75
CA GLY D 16 -36.01 -15.51 39.11
C GLY D 16 -36.75 -15.11 40.38
N LYS D 17 -36.11 -14.29 41.23
CA LYS D 17 -36.66 -13.76 42.48
C LYS D 17 -37.42 -12.44 42.25
N VAL D 18 -37.28 -11.84 41.04
CA VAL D 18 -37.92 -10.57 40.65
C VAL D 18 -39.40 -10.82 40.31
N ASN D 19 -40.34 -10.21 41.09
CA ASN D 19 -41.78 -10.37 40.91
C ASN D 19 -42.56 -9.06 41.15
N VAL D 20 -43.73 -8.77 40.47
CA VAL D 20 -44.47 -9.50 39.41
C VAL D 20 -45.24 -8.52 38.39
N ASP D 21 -44.76 -7.28 38.15
CA ASP D 21 -43.57 -6.69 38.72
C ASP D 21 -43.78 -5.31 39.32
N GLU D 22 -43.29 -5.15 40.54
CA GLU D 22 -43.28 -3.88 41.27
C GLU D 22 -41.92 -3.21 41.01
N VAL D 23 -40.94 -4.02 40.54
CA VAL D 23 -39.57 -3.61 40.20
C VAL D 23 -39.58 -2.74 38.93
N GLY D 24 -40.38 -3.14 37.94
CA GLY D 24 -40.55 -2.43 36.68
C GLY D 24 -41.11 -1.03 36.87
N GLY D 25 -42.14 -0.93 37.71
CA GLY D 25 -42.77 0.33 38.07
C GLY D 25 -41.88 1.20 38.95
N GLU D 26 -41.08 0.56 39.85
CA GLU D 26 -40.14 1.25 40.75
C GLU D 26 -38.99 1.86 39.96
N ALA D 27 -38.57 1.19 38.87
CA ALA D 27 -37.49 1.66 38.01
C ALA D 27 -37.99 2.80 37.11
N LEU D 28 -39.12 2.59 36.35
CA LEU D 28 -39.70 3.63 35.49
C LEU D 28 -40.06 4.87 36.31
N GLY D 29 -40.61 4.63 37.51
CA GLY D 29 -40.97 5.66 38.48
C GLY D 29 -39.78 6.50 38.89
N ARG D 30 -38.72 5.85 39.37
CA ARG D 30 -37.47 6.51 39.79
C ARG D 30 -36.79 7.27 38.64
N LEU D 31 -36.92 6.79 37.39
CA LEU D 31 -36.36 7.50 36.23
C LEU D 31 -37.09 8.85 36.08
N LEU D 32 -38.43 8.84 36.23
CA LEU D 32 -39.26 10.05 36.13
C LEU D 32 -39.04 11.00 37.28
N VAL D 33 -38.64 10.47 38.47
CA VAL D 33 -38.37 11.25 39.69
C VAL D 33 -36.95 11.85 39.67
N VAL D 34 -35.91 10.98 39.58
CA VAL D 34 -34.48 11.33 39.55
C VAL D 34 -34.10 12.21 38.34
N TYR D 35 -34.64 11.88 37.17
CA TYR D 35 -34.34 12.62 35.93
C TYR D 35 -35.68 13.12 35.34
N PRO D 36 -36.24 14.24 35.90
CA PRO D 36 -37.57 14.70 35.50
C PRO D 36 -37.82 15.05 34.03
N TRP D 37 -36.78 15.25 33.19
CA TRP D 37 -37.00 15.56 31.77
C TRP D 37 -37.63 14.41 30.98
N THR D 38 -37.54 13.18 31.53
CA THR D 38 -38.10 11.97 30.94
C THR D 38 -39.65 11.95 31.06
N GLN D 39 -40.20 12.85 31.90
CA GLN D 39 -41.64 12.99 32.12
C GLN D 39 -42.37 13.50 30.88
N ARG D 40 -41.68 14.28 30.02
CA ARG D 40 -42.26 14.84 28.79
C ARG D 40 -42.80 13.75 27.86
N PHE D 41 -42.14 12.59 27.82
CA PHE D 41 -42.55 11.45 27.00
C PHE D 41 -43.82 10.78 27.53
N PHE D 42 -44.18 11.06 28.80
CA PHE D 42 -45.32 10.50 29.50
C PHE D 42 -46.30 11.59 30.00
N GLU D 43 -46.44 12.69 29.22
CA GLU D 43 -47.33 13.82 29.51
C GLU D 43 -48.81 13.41 29.60
N SER D 44 -49.21 12.31 28.89
CA SER D 44 -50.57 11.76 28.90
C SER D 44 -50.77 10.73 30.04
N PHE D 45 -49.95 10.79 31.09
CA PHE D 45 -50.07 9.89 32.23
C PHE D 45 -50.71 10.61 33.40
N GLY D 46 -50.95 11.90 33.23
CA GLY D 46 -51.58 12.75 34.23
C GLY D 46 -50.60 13.39 35.18
N ASP D 47 -50.88 13.30 36.49
CA ASP D 47 -50.07 13.88 37.57
C ASP D 47 -48.76 13.13 37.80
N LEU D 48 -47.66 13.90 37.78
CA LEU D 48 -46.27 13.48 37.99
C LEU D 48 -45.52 14.63 38.69
N SER D 49 -46.29 15.58 39.30
CA SER D 49 -45.81 16.81 39.96
C SER D 49 -44.88 16.59 41.17
N THR D 50 -45.09 15.50 41.93
CA THR D 50 -44.29 15.16 43.10
C THR D 50 -43.78 13.73 42.99
N PRO D 51 -42.74 13.29 43.76
CA PRO D 51 -42.30 11.88 43.68
C PRO D 51 -43.40 10.86 44.00
N ASP D 52 -44.32 11.20 44.93
CA ASP D 52 -45.45 10.33 45.30
C ASP D 52 -46.45 10.20 44.17
N ALA D 53 -46.76 11.32 43.46
CA ALA D 53 -47.67 11.33 42.31
C ALA D 53 -47.24 10.35 41.22
N VAL D 54 -45.90 10.23 41.00
CA VAL D 54 -45.22 9.35 40.03
C VAL D 54 -45.28 7.88 40.48
N MET D 55 -44.90 7.60 41.74
CA MET D 55 -44.87 6.25 42.32
C MET D 55 -46.28 5.66 42.48
N GLY D 56 -47.26 6.52 42.77
CA GLY D 56 -48.67 6.15 42.93
C GLY D 56 -49.48 6.24 41.65
N ASN D 57 -48.82 6.47 40.49
CA ASN D 57 -49.46 6.56 39.19
C ASN D 57 -49.71 5.17 38.59
N PRO D 58 -51.00 4.81 38.33
CA PRO D 58 -51.30 3.46 37.78
C PRO D 58 -50.75 3.26 36.37
N LYS D 59 -50.80 4.31 35.53
CA LYS D 59 -50.31 4.30 34.15
C LYS D 59 -48.78 4.08 34.11
N VAL D 60 -48.05 4.62 35.11
CA VAL D 60 -46.60 4.45 35.27
C VAL D 60 -46.31 3.00 35.69
N LYS D 61 -47.06 2.50 36.70
CA LYS D 61 -46.96 1.14 37.25
C LYS D 61 -47.18 0.08 36.14
N ALA D 62 -48.25 0.26 35.32
CA ALA D 62 -48.62 -0.61 34.20
C ALA D 62 -47.55 -0.57 33.11
N HIS D 63 -47.04 0.64 32.78
CA HIS D 63 -45.98 0.83 31.80
C HIS D 63 -44.63 0.27 32.31
N GLY D 64 -44.48 0.24 33.64
CA GLY D 64 -43.33 -0.32 34.33
C GLY D 64 -43.23 -1.81 34.07
N LYS D 65 -44.41 -2.49 34.08
CA LYS D 65 -44.56 -3.93 33.79
C LYS D 65 -44.11 -4.23 32.36
N LYS D 66 -44.39 -3.29 31.41
CA LYS D 66 -44.03 -3.36 30.00
C LYS D 66 -42.51 -3.30 29.76
N VAL D 67 -41.82 -2.30 30.36
CA VAL D 67 -40.37 -2.08 30.24
C VAL D 67 -39.56 -3.25 30.85
N LEU D 68 -39.93 -3.73 32.06
CA LEU D 68 -39.21 -4.85 32.68
C LEU D 68 -39.40 -6.19 31.97
N GLY D 69 -40.52 -6.32 31.26
CA GLY D 69 -40.87 -7.50 30.46
C GLY D 69 -39.90 -7.70 29.32
N ALA D 70 -39.47 -6.58 28.69
CA ALA D 70 -38.50 -6.51 27.59
C ALA D 70 -37.11 -6.95 28.06
N PHE D 71 -36.70 -6.53 29.29
CA PHE D 71 -35.44 -6.89 29.93
C PHE D 71 -35.36 -8.41 30.11
N SER D 72 -36.46 -9.02 30.62
CA SER D 72 -36.61 -10.46 30.83
C SER D 72 -36.45 -11.24 29.52
N ASP D 73 -37.05 -10.72 28.41
CA ASP D 73 -36.98 -11.28 27.05
C ASP D 73 -35.53 -11.27 26.54
N GLY D 74 -34.86 -10.12 26.69
CA GLY D 74 -33.47 -9.92 26.31
C GLY D 74 -32.52 -10.77 27.11
N LEU D 75 -32.86 -11.06 28.38
CA LEU D 75 -32.07 -11.89 29.30
C LEU D 75 -32.01 -13.36 28.88
N ALA D 76 -32.93 -13.80 28.00
CA ALA D 76 -32.94 -15.15 27.46
C ALA D 76 -32.08 -15.13 26.19
N HIS D 77 -32.31 -14.11 25.33
CA HIS D 77 -31.59 -13.89 24.08
C HIS D 77 -30.36 -12.98 24.33
N LEU D 78 -29.40 -13.48 25.12
CA LEU D 78 -28.15 -12.78 25.49
C LEU D 78 -27.23 -12.59 24.29
N ASP D 79 -27.01 -13.68 23.51
CA ASP D 79 -26.16 -13.76 22.31
C ASP D 79 -26.57 -12.80 21.18
N ASN D 80 -27.87 -12.49 21.08
CA ASN D 80 -28.42 -11.58 20.08
C ASN D 80 -29.34 -10.55 20.74
N LEU D 81 -28.78 -9.39 21.11
CA LEU D 81 -29.58 -8.34 21.76
C LEU D 81 -30.20 -7.35 20.76
N LYS D 82 -29.57 -7.18 19.57
CA LYS D 82 -30.05 -6.28 18.51
C LYS D 82 -31.37 -6.73 17.86
N GLY D 83 -31.44 -8.00 17.44
CA GLY D 83 -32.63 -8.58 16.81
C GLY D 83 -33.82 -8.67 17.75
N THR D 84 -33.56 -8.91 19.04
CA THR D 84 -34.58 -9.01 20.10
C THR D 84 -35.24 -7.65 20.35
N PHE D 85 -34.42 -6.57 20.46
CA PHE D 85 -34.88 -5.20 20.72
C PHE D 85 -35.01 -4.34 19.44
N ALA D 86 -35.05 -4.98 18.25
CA ALA D 86 -35.18 -4.29 16.96
C ALA D 86 -36.57 -3.66 16.82
N THR D 87 -37.62 -4.41 17.22
CA THR D 87 -39.03 -3.99 17.20
C THR D 87 -39.33 -2.86 18.20
N LEU D 88 -38.37 -2.58 19.12
CA LEU D 88 -38.50 -1.51 20.13
C LEU D 88 -37.52 -0.35 19.89
N SER D 89 -36.38 -0.63 19.22
CA SER D 89 -35.35 0.38 18.90
C SER D 89 -35.88 1.45 17.94
N GLU D 90 -36.55 1.05 16.85
CA GLU D 90 -37.11 1.98 15.85
C GLU D 90 -38.29 2.80 16.41
N LEU D 91 -39.01 2.25 17.42
CA LEU D 91 -40.13 2.90 18.10
C LEU D 91 -39.64 4.15 18.82
N HIS D 92 -38.67 3.98 19.75
CA HIS D 92 -38.05 5.05 20.54
C HIS D 92 -37.24 6.03 19.71
N CYS D 93 -36.69 5.55 18.56
CA CYS D 93 -35.85 6.34 17.67
C CYS D 93 -36.64 7.25 16.74
N ASP D 94 -37.13 6.68 15.61
CA ASP D 94 -37.80 7.32 14.49
C ASP D 94 -38.83 8.41 14.83
N LYS D 95 -39.77 8.22 15.79
CA LYS D 95 -40.77 9.27 16.06
C LYS D 95 -41.07 9.55 17.56
N LEU D 96 -40.66 8.65 18.48
CA LEU D 96 -40.85 8.87 19.91
C LEU D 96 -39.84 9.91 20.45
N HIS D 97 -38.65 9.95 19.82
CA HIS D 97 -37.51 10.86 20.02
C HIS D 97 -36.99 10.93 21.48
N VAL D 98 -36.49 9.79 22.01
CA VAL D 98 -35.90 9.66 23.35
C VAL D 98 -34.37 9.67 23.16
N ASP D 99 -33.66 10.70 23.66
CA ASP D 99 -32.19 10.78 23.57
C ASP D 99 -31.56 9.51 24.19
N PRO D 100 -30.66 8.82 23.44
CA PRO D 100 -30.08 7.55 23.93
C PRO D 100 -29.37 7.55 25.29
N GLU D 101 -29.15 8.72 25.92
CA GLU D 101 -28.52 8.78 27.25
C GLU D 101 -29.51 8.28 28.27
N ASN D 102 -30.81 8.62 28.09
CA ASN D 102 -31.91 8.19 28.96
C ASN D 102 -32.02 6.65 29.05
N PHE D 103 -31.51 5.93 28.03
CA PHE D 103 -31.44 4.47 28.01
C PHE D 103 -30.44 3.99 29.04
N ARG D 104 -29.27 4.64 29.14
CA ARG D 104 -28.28 4.27 30.15
C ARG D 104 -28.72 4.65 31.57
N LEU D 105 -29.47 5.78 31.72
CA LEU D 105 -30.00 6.25 33.00
C LEU D 105 -31.02 5.23 33.57
N LEU D 106 -31.97 4.75 32.74
CA LEU D 106 -32.95 3.74 33.13
C LEU D 106 -32.29 2.41 33.52
N GLY D 107 -31.22 2.05 32.83
CA GLY D 107 -30.45 0.85 33.12
C GLY D 107 -29.81 0.91 34.48
N ASN D 108 -29.20 2.07 34.82
CA ASN D 108 -28.55 2.34 36.10
C ASN D 108 -29.57 2.45 37.24
N VAL D 109 -30.72 3.10 36.98
CA VAL D 109 -31.82 3.20 37.95
C VAL D 109 -32.34 1.78 38.30
N LEU D 110 -32.49 0.90 37.28
CA LEU D 110 -32.90 -0.50 37.42
C LEU D 110 -31.94 -1.21 38.40
N VAL D 111 -30.61 -1.01 38.19
CA VAL D 111 -29.54 -1.55 39.01
C VAL D 111 -29.67 -1.04 40.48
N CYS D 112 -30.09 0.23 40.67
CA CYS D 112 -30.35 0.81 42.01
C CYS D 112 -31.56 0.12 42.69
N VAL D 113 -32.62 -0.18 41.91
CA VAL D 113 -33.84 -0.86 42.38
C VAL D 113 -33.47 -2.29 42.87
N LEU D 114 -32.57 -3.00 42.12
CA LEU D 114 -32.09 -4.35 42.44
C LEU D 114 -31.35 -4.34 43.76
N ALA D 115 -30.48 -3.33 43.98
CA ALA D 115 -29.74 -3.13 45.21
C ALA D 115 -30.68 -2.81 46.37
N HIS D 116 -31.73 -2.00 46.10
CA HIS D 116 -32.75 -1.60 47.08
C HIS D 116 -33.60 -2.79 47.52
N HIS D 117 -34.03 -3.62 46.56
CA HIS D 117 -34.90 -4.78 46.80
C HIS D 117 -34.16 -6.03 47.29
N PHE D 118 -32.91 -6.26 46.83
CA PHE D 118 -32.13 -7.43 47.21
C PHE D 118 -31.16 -7.18 48.38
N GLY D 119 -30.70 -5.93 48.53
CA GLY D 119 -29.78 -5.54 49.60
C GLY D 119 -28.40 -6.14 49.47
N LYS D 120 -27.94 -6.83 50.52
CA LYS D 120 -26.64 -7.50 50.57
C LYS D 120 -26.52 -8.63 49.51
N GLU D 121 -27.68 -9.23 49.10
CA GLU D 121 -27.74 -10.28 48.08
C GLU D 121 -27.19 -9.78 46.75
N PHE D 122 -27.44 -8.49 46.41
CA PHE D 122 -26.95 -7.84 45.19
C PHE D 122 -25.47 -7.42 45.36
N THR D 123 -24.63 -8.42 45.66
CA THR D 123 -23.19 -8.31 45.90
C THR D 123 -22.46 -7.62 44.75
N PRO D 124 -21.27 -6.96 44.98
CA PRO D 124 -20.55 -6.32 43.86
C PRO D 124 -20.33 -7.18 42.60
N PRO D 125 -19.96 -8.51 42.63
CA PRO D 125 -19.80 -9.27 41.38
C PRO D 125 -21.11 -9.48 40.62
N VAL D 126 -22.25 -9.51 41.34
CA VAL D 126 -23.61 -9.63 40.80
C VAL D 126 -23.98 -8.32 40.07
N GLN D 127 -23.62 -7.14 40.67
CA GLN D 127 -23.84 -5.82 40.06
C GLN D 127 -23.05 -5.73 38.74
N ALA D 128 -21.74 -6.09 38.78
CA ALA D 128 -20.84 -6.11 37.63
C ALA D 128 -21.46 -6.89 36.44
N ALA D 129 -22.08 -8.06 36.74
CA ALA D 129 -22.75 -8.95 35.76
C ALA D 129 -23.93 -8.22 35.11
N TYR D 130 -24.83 -7.65 35.93
CA TYR D 130 -25.98 -6.88 35.49
C TYR D 130 -25.60 -5.61 34.74
N GLN D 131 -24.43 -4.99 35.06
CA GLN D 131 -23.93 -3.79 34.38
C GLN D 131 -23.69 -4.09 32.90
N LYS D 132 -22.98 -5.20 32.61
CA LYS D 132 -22.70 -5.69 31.26
C LYS D 132 -24.03 -5.93 30.51
N VAL D 133 -25.07 -6.38 31.24
CA VAL D 133 -26.43 -6.64 30.74
C VAL D 133 -27.16 -5.33 30.40
N VAL D 134 -27.20 -4.38 31.34
CA VAL D 134 -27.92 -3.10 31.14
C VAL D 134 -27.24 -2.23 30.10
N ALA D 135 -25.90 -2.32 29.97
CA ALA D 135 -25.14 -1.59 28.95
C ALA D 135 -25.53 -2.18 27.60
N GLY D 136 -25.66 -3.52 27.57
CA GLY D 136 -26.08 -4.30 26.41
C GLY D 136 -27.47 -3.90 25.96
N VAL D 137 -28.47 -3.99 26.86
CA VAL D 137 -29.87 -3.60 26.58
C VAL D 137 -29.93 -2.16 26.05
N ALA D 138 -29.27 -1.21 26.75
CA ALA D 138 -29.22 0.22 26.38
C ALA D 138 -28.62 0.43 25.00
N ASN D 139 -27.58 -0.35 24.65
CA ASN D 139 -26.94 -0.26 23.35
C ASN D 139 -27.82 -0.87 22.25
N ALA D 140 -28.48 -2.00 22.58
CA ALA D 140 -29.43 -2.71 21.71
C ALA D 140 -30.65 -1.85 21.40
N LEU D 141 -31.07 -0.99 22.33
CA LEU D 141 -32.22 -0.09 22.16
C LEU D 141 -31.83 1.22 21.46
N ALA D 142 -30.53 1.43 21.21
CA ALA D 142 -30.00 2.62 20.55
C ALA D 142 -29.30 2.31 19.21
N HIS D 143 -29.47 1.08 18.68
CA HIS D 143 -28.87 0.68 17.40
C HIS D 143 -29.45 1.45 16.19
N LYS D 144 -30.73 1.87 16.28
CA LYS D 144 -31.41 2.61 15.21
C LYS D 144 -30.92 4.05 15.02
N TYR D 145 -30.40 4.69 16.09
CA TYR D 145 -29.85 6.04 16.04
C TYR D 145 -28.51 6.01 15.29
N HIS D 146 -27.68 5.00 15.63
CA HIS D 146 -26.36 4.74 15.08
C HIS D 146 -26.43 4.26 13.62
N LEU E 2 -7.09 -28.21 -24.81
CA LEU E 2 -6.46 -27.25 -25.73
C LEU E 2 -7.05 -27.39 -27.13
N SER E 3 -7.53 -26.26 -27.69
CA SER E 3 -8.11 -26.21 -29.03
C SER E 3 -7.06 -25.76 -30.08
N PRO E 4 -7.26 -25.88 -31.42
CA PRO E 4 -6.23 -25.41 -32.37
C PRO E 4 -5.74 -24.00 -32.05
N ALA E 5 -6.68 -23.11 -31.66
CA ALA E 5 -6.44 -21.72 -31.25
C ALA E 5 -5.44 -21.68 -30.09
N ASP E 6 -5.65 -22.54 -29.08
CA ASP E 6 -4.77 -22.63 -27.91
C ASP E 6 -3.35 -23.03 -28.33
N LYS E 7 -3.21 -24.17 -29.06
CA LYS E 7 -1.94 -24.70 -29.57
C LYS E 7 -1.20 -23.67 -30.43
N THR E 8 -1.95 -22.93 -31.27
CA THR E 8 -1.45 -21.85 -32.12
C THR E 8 -0.95 -20.69 -31.25
N ASN E 9 -1.73 -20.31 -30.20
CA ASN E 9 -1.36 -19.22 -29.30
C ASN E 9 -0.10 -19.51 -28.50
N VAL E 10 0.02 -20.76 -28.00
CA VAL E 10 1.17 -21.21 -27.22
C VAL E 10 2.48 -21.20 -28.06
N LYS E 11 2.48 -21.86 -29.25
CA LYS E 11 3.65 -21.93 -30.12
C LYS E 11 4.12 -20.54 -30.59
N ALA E 12 3.17 -19.63 -30.88
CA ALA E 12 3.43 -18.26 -31.30
C ALA E 12 4.15 -17.48 -30.19
N ALA E 13 3.67 -17.61 -28.92
CA ALA E 13 4.25 -16.96 -27.74
C ALA E 13 5.59 -17.57 -27.37
N TRP E 14 5.72 -18.91 -27.45
CA TRP E 14 6.98 -19.58 -27.15
C TRP E 14 7.84 -19.78 -28.41
N GLY E 15 7.85 -18.76 -29.26
CA GLY E 15 8.65 -18.67 -30.47
C GLY E 15 9.71 -17.62 -30.25
N LYS E 16 9.27 -16.45 -29.72
CA LYS E 16 10.11 -15.30 -29.37
C LYS E 16 10.87 -15.54 -28.04
N VAL E 17 10.71 -16.75 -27.46
CA VAL E 17 11.41 -17.17 -26.24
C VAL E 17 12.88 -17.50 -26.58
N GLY E 18 13.10 -18.41 -27.53
CA GLY E 18 14.41 -18.85 -28.02
C GLY E 18 15.33 -19.44 -26.98
N ALA E 19 16.58 -18.94 -26.95
CA ALA E 19 17.64 -19.36 -26.02
C ALA E 19 17.40 -18.90 -24.57
N HIS E 20 16.54 -17.86 -24.42
CA HIS E 20 16.18 -17.27 -23.12
C HIS E 20 15.35 -18.19 -22.23
N ALA E 21 14.85 -19.33 -22.78
CA ALA E 21 14.04 -20.31 -22.05
C ALA E 21 14.68 -20.76 -20.74
N GLY E 22 16.01 -20.89 -20.72
CA GLY E 22 16.77 -21.27 -19.53
C GLY E 22 16.67 -20.22 -18.44
N GLU E 23 16.93 -18.97 -18.82
CA GLU E 23 16.89 -17.76 -18.00
C GLU E 23 15.46 -17.52 -17.48
N TYR E 24 14.45 -17.70 -18.35
CA TYR E 24 13.03 -17.53 -18.05
C TYR E 24 12.55 -18.61 -17.10
N GLY E 25 12.98 -19.84 -17.35
CA GLY E 25 12.65 -20.98 -16.50
C GLY E 25 13.23 -20.82 -15.10
N ALA E 26 14.45 -20.25 -15.00
CA ALA E 26 15.18 -20.01 -13.76
C ALA E 26 14.57 -18.86 -12.96
N GLU E 27 14.19 -17.77 -13.65
CA GLU E 27 13.54 -16.60 -13.05
C GLU E 27 12.17 -17.01 -12.50
N ALA E 28 11.50 -18.01 -13.15
CA ALA E 28 10.19 -18.54 -12.74
C ALA E 28 10.29 -19.26 -11.40
N LEU E 29 11.38 -20.04 -11.19
CA LEU E 29 11.60 -20.76 -9.93
C LEU E 29 11.94 -19.76 -8.82
N GLU E 30 12.76 -18.73 -9.13
CA GLU E 30 13.13 -17.68 -8.17
C GLU E 30 11.87 -16.95 -7.68
N ARG E 31 10.97 -16.59 -8.63
CA ARG E 31 9.68 -15.95 -8.36
C ARG E 31 8.89 -16.84 -7.40
N MET E 32 8.86 -18.17 -7.68
CA MET E 32 8.18 -19.17 -6.85
C MET E 32 8.75 -19.24 -5.44
N PHE E 33 10.07 -19.47 -5.30
CA PHE E 33 10.75 -19.57 -3.99
C PHE E 33 10.58 -18.30 -3.14
N LEU E 34 10.55 -17.11 -3.78
CA LEU E 34 10.43 -15.86 -3.04
C LEU E 34 8.98 -15.55 -2.60
N SER E 35 7.99 -15.85 -3.46
CA SER E 35 6.57 -15.59 -3.16
C SER E 35 5.97 -16.70 -2.31
N PHE E 36 6.29 -17.96 -2.66
CA PHE E 36 5.80 -19.15 -1.99
C PHE E 36 6.99 -19.89 -1.37
N PRO E 37 7.41 -19.54 -0.13
CA PRO E 37 8.64 -20.15 0.42
C PRO E 37 8.54 -21.63 0.82
N THR E 38 7.32 -22.21 0.85
CA THR E 38 7.08 -23.64 1.14
C THR E 38 7.63 -24.54 0.02
N THR E 39 7.82 -23.97 -1.20
CA THR E 39 8.33 -24.67 -2.37
C THR E 39 9.84 -24.89 -2.31
N LYS E 40 10.53 -24.20 -1.38
CA LYS E 40 11.98 -24.28 -1.17
C LYS E 40 12.42 -25.63 -0.61
N THR E 41 11.57 -26.28 0.21
CA THR E 41 11.86 -27.58 0.85
C THR E 41 12.04 -28.71 -0.17
N TYR E 42 11.56 -28.51 -1.41
CA TYR E 42 11.73 -29.46 -2.49
C TYR E 42 13.16 -29.44 -3.04
N PHE E 43 13.90 -28.35 -2.77
CA PHE E 43 15.28 -28.19 -3.21
C PHE E 43 16.13 -27.81 -1.95
N PRO E 44 16.31 -28.70 -0.93
CA PRO E 44 17.10 -28.31 0.26
C PRO E 44 18.61 -28.32 0.03
N HIS E 45 19.05 -29.10 -0.96
CA HIS E 45 20.45 -29.28 -1.36
C HIS E 45 20.92 -28.15 -2.30
N PHE E 46 19.97 -27.33 -2.78
CA PHE E 46 20.21 -26.21 -3.70
C PHE E 46 20.49 -24.91 -2.96
N ASP E 47 21.39 -24.08 -3.53
CA ASP E 47 21.68 -22.74 -3.03
C ASP E 47 20.59 -21.91 -3.68
N LEU E 48 19.61 -21.46 -2.89
CA LEU E 48 18.45 -20.72 -3.41
C LEU E 48 18.67 -19.19 -3.43
N SER E 49 19.93 -18.77 -3.27
CA SER E 49 20.35 -17.37 -3.34
C SER E 49 20.24 -16.93 -4.81
N HIS E 50 19.95 -15.65 -5.06
CA HIS E 50 19.78 -15.08 -6.39
C HIS E 50 21.04 -15.22 -7.27
N GLY E 51 20.84 -15.62 -8.52
CA GLY E 51 21.91 -15.79 -9.49
C GLY E 51 22.62 -17.13 -9.45
N SER E 52 22.14 -18.05 -8.61
CA SER E 52 22.68 -19.41 -8.42
C SER E 52 22.68 -20.21 -9.71
N ALA E 53 23.79 -20.91 -9.99
CA ALA E 53 23.98 -21.76 -11.16
C ALA E 53 23.11 -23.03 -11.09
N GLN E 54 22.75 -23.45 -9.87
CA GLN E 54 21.89 -24.62 -9.61
C GLN E 54 20.44 -24.29 -10.01
N VAL E 55 20.01 -23.04 -9.76
CA VAL E 55 18.70 -22.54 -10.16
C VAL E 55 18.74 -22.31 -11.68
N LYS E 56 19.84 -21.69 -12.18
CA LYS E 56 20.09 -21.40 -13.60
C LYS E 56 20.09 -22.66 -14.46
N GLY E 57 20.61 -23.75 -13.89
CA GLY E 57 20.68 -25.06 -14.53
C GLY E 57 19.34 -25.77 -14.54
N HIS E 58 18.63 -25.75 -13.39
CA HIS E 58 17.31 -26.38 -13.23
C HIS E 58 16.21 -25.69 -14.04
N GLY E 59 16.33 -24.37 -14.19
CA GLY E 59 15.41 -23.58 -14.99
C GLY E 59 15.43 -24.01 -16.44
N LYS E 60 16.64 -24.29 -16.96
CA LYS E 60 16.89 -24.80 -18.31
C LYS E 60 16.33 -26.22 -18.41
N LYS E 61 16.41 -27.01 -17.31
CA LYS E 61 15.85 -28.36 -17.27
C LYS E 61 14.31 -28.34 -17.41
N VAL E 62 13.62 -27.46 -16.63
CA VAL E 62 12.16 -27.28 -16.62
C VAL E 62 11.67 -26.68 -17.95
N ALA E 63 12.43 -25.72 -18.51
CA ALA E 63 12.11 -25.07 -19.79
C ALA E 63 12.15 -26.08 -20.93
N ASP E 64 13.26 -26.87 -21.04
CA ASP E 64 13.44 -27.89 -22.07
C ASP E 64 12.34 -28.95 -22.02
N ALA E 65 11.79 -29.21 -20.81
CA ALA E 65 10.67 -30.14 -20.62
C ALA E 65 9.40 -29.56 -21.29
N LEU E 66 9.17 -28.24 -21.14
CA LEU E 66 8.04 -27.54 -21.76
C LEU E 66 8.26 -27.30 -23.27
N THR E 67 9.54 -27.25 -23.73
CA THR E 67 9.88 -27.04 -25.15
C THR E 67 9.53 -28.31 -25.95
N ASN E 68 9.49 -29.47 -25.27
CA ASN E 68 9.12 -30.75 -25.85
C ASN E 68 7.59 -30.93 -25.78
N ALA E 69 6.97 -30.37 -24.72
CA ALA E 69 5.52 -30.42 -24.48
C ALA E 69 4.76 -29.58 -25.50
N VAL E 70 5.36 -28.45 -25.96
CA VAL E 70 4.76 -27.56 -26.96
C VAL E 70 4.74 -28.25 -28.34
N ALA E 71 5.87 -28.89 -28.73
CA ALA E 71 6.00 -29.62 -30.00
C ALA E 71 5.04 -30.81 -30.01
N HIS E 72 5.01 -31.57 -28.90
CA HIS E 72 4.14 -32.72 -28.75
C HIS E 72 2.85 -32.37 -27.97
N VAL E 73 2.19 -31.25 -28.37
CA VAL E 73 0.96 -30.75 -27.76
C VAL E 73 -0.26 -31.64 -28.06
N ASP E 74 -0.34 -32.25 -29.29
CA ASP E 74 -1.45 -33.11 -29.72
C ASP E 74 -1.61 -34.34 -28.80
N ASP E 75 -0.48 -34.82 -28.23
CA ASP E 75 -0.45 -35.89 -27.25
C ASP E 75 0.61 -35.58 -26.20
N MET E 76 0.25 -34.67 -25.29
CA MET E 76 1.07 -34.21 -24.18
C MET E 76 1.37 -35.27 -23.11
N PRO E 77 0.43 -36.19 -22.71
CA PRO E 77 0.80 -37.18 -21.66
C PRO E 77 1.91 -38.16 -22.06
N ASN E 78 2.08 -38.44 -23.38
CA ASN E 78 3.09 -39.36 -23.90
C ASN E 78 4.53 -38.81 -23.73
N ALA E 79 4.80 -37.61 -24.29
CA ALA E 79 6.10 -36.92 -24.27
C ALA E 79 6.75 -36.81 -22.87
N LEU E 80 5.94 -36.55 -21.83
CA LEU E 80 6.42 -36.42 -20.44
C LEU E 80 5.70 -37.38 -19.45
N SER E 81 5.59 -38.68 -19.86
CA SER E 81 5.00 -39.74 -19.03
C SER E 81 5.99 -40.15 -17.93
N ALA E 82 7.31 -39.93 -18.19
CA ALA E 82 8.42 -40.23 -17.29
C ALA E 82 8.40 -39.31 -16.07
N LEU E 83 8.35 -37.98 -16.31
CA LEU E 83 8.33 -36.93 -15.28
C LEU E 83 7.18 -37.12 -14.32
N SER E 84 6.03 -37.65 -14.81
CA SER E 84 4.83 -37.92 -14.03
C SER E 84 5.19 -38.81 -12.85
N ASP E 85 5.64 -40.05 -13.13
CA ASP E 85 6.07 -41.02 -12.11
C ASP E 85 7.13 -40.41 -11.20
N LEU E 86 8.07 -39.63 -11.81
CA LEU E 86 9.17 -38.95 -11.10
C LEU E 86 8.67 -37.94 -10.05
N HIS E 87 7.69 -37.09 -10.40
CA HIS E 87 7.16 -36.06 -9.51
C HIS E 87 6.31 -36.60 -8.33
N ALA E 88 5.96 -37.90 -8.33
CA ALA E 88 5.20 -38.51 -7.21
C ALA E 88 5.94 -39.60 -6.47
N HIS E 89 6.47 -40.58 -7.22
CA HIS E 89 7.17 -41.72 -6.61
C HIS E 89 8.50 -41.28 -6.01
N LYS E 90 9.25 -40.42 -6.71
CA LYS E 90 10.54 -39.92 -6.25
C LYS E 90 10.45 -38.51 -5.61
N LEU E 91 10.19 -37.48 -6.43
CA LEU E 91 10.13 -36.07 -6.05
C LEU E 91 9.03 -35.73 -5.03
N ARG E 92 7.94 -36.54 -4.96
CA ARG E 92 6.82 -36.46 -4.01
C ARG E 92 5.98 -35.13 -4.01
N VAL E 93 6.20 -34.24 -5.01
CA VAL E 93 5.57 -32.91 -5.18
C VAL E 93 4.05 -32.88 -4.92
N ASP E 94 3.59 -31.82 -4.25
CA ASP E 94 2.20 -31.51 -3.90
C ASP E 94 1.50 -30.92 -5.16
N PRO E 95 0.25 -31.33 -5.51
CA PRO E 95 -0.38 -30.79 -6.74
C PRO E 95 -0.62 -29.27 -6.73
N VAL E 96 -0.84 -28.70 -5.52
CA VAL E 96 -1.05 -27.28 -5.25
C VAL E 96 0.12 -26.43 -5.75
N ASN E 97 1.36 -26.96 -5.67
CA ASN E 97 2.57 -26.25 -6.06
C ASN E 97 2.76 -26.09 -7.55
N PHE E 98 2.08 -26.93 -8.35
CA PHE E 98 2.15 -26.86 -9.80
C PHE E 98 1.45 -25.58 -10.31
N LYS E 99 0.40 -25.14 -9.57
CA LYS E 99 -0.35 -23.91 -9.82
C LYS E 99 0.57 -22.70 -9.61
N LEU E 100 1.39 -22.77 -8.56
CA LEU E 100 2.31 -21.72 -8.17
C LEU E 100 3.43 -21.51 -9.17
N LEU E 101 4.03 -22.61 -9.71
CA LEU E 101 5.07 -22.51 -10.75
C LEU E 101 4.46 -22.07 -12.08
N SER E 102 3.24 -22.55 -12.40
CA SER E 102 2.51 -22.13 -13.60
C SER E 102 2.26 -20.62 -13.56
N HIS E 103 1.83 -20.08 -12.39
CA HIS E 103 1.54 -18.65 -12.20
C HIS E 103 2.83 -17.83 -12.36
N CYS E 104 3.92 -18.27 -11.71
CA CYS E 104 5.25 -17.65 -11.79
C CYS E 104 5.84 -17.73 -13.21
N LEU E 105 5.47 -18.77 -14.00
CA LEU E 105 5.90 -18.90 -15.40
C LEU E 105 5.09 -17.91 -16.26
N LEU E 106 3.78 -17.73 -15.96
CA LEU E 106 2.92 -16.75 -16.66
C LEU E 106 3.41 -15.33 -16.39
N VAL E 107 3.80 -15.06 -15.12
CA VAL E 107 4.33 -13.77 -14.64
C VAL E 107 5.64 -13.43 -15.39
N THR E 108 6.53 -14.42 -15.53
CA THR E 108 7.83 -14.35 -16.24
C THR E 108 7.56 -14.01 -17.71
N LEU E 109 6.63 -14.77 -18.35
CA LEU E 109 6.23 -14.55 -19.74
C LEU E 109 5.63 -13.15 -19.94
N ALA E 110 4.89 -12.64 -18.92
CA ALA E 110 4.32 -11.30 -18.94
C ALA E 110 5.40 -10.22 -18.77
N ALA E 111 6.40 -10.50 -17.91
CA ALA E 111 7.51 -9.58 -17.61
C ALA E 111 8.48 -9.40 -18.78
N HIS E 112 8.61 -10.44 -19.65
CA HIS E 112 9.55 -10.45 -20.77
C HIS E 112 8.94 -10.31 -22.17
N LEU E 113 7.78 -10.92 -22.43
CA LEU E 113 7.13 -10.84 -23.75
C LEU E 113 5.83 -9.99 -23.67
N PRO E 114 5.93 -8.64 -23.58
CA PRO E 114 4.71 -7.82 -23.49
C PRO E 114 3.89 -7.78 -24.77
N ALA E 115 4.55 -7.87 -25.93
CA ALA E 115 3.94 -7.81 -27.25
C ALA E 115 2.97 -8.96 -27.48
N GLU E 116 3.29 -10.17 -26.98
CA GLU E 116 2.40 -11.32 -27.20
C GLU E 116 1.70 -11.88 -25.94
N PHE E 117 1.75 -11.17 -24.79
CA PHE E 117 1.02 -11.62 -23.60
C PHE E 117 -0.33 -10.85 -23.51
N THR E 118 -1.20 -11.11 -24.50
CA THR E 118 -2.53 -10.52 -24.60
C THR E 118 -3.51 -11.46 -23.89
N PRO E 119 -4.76 -11.02 -23.56
CA PRO E 119 -5.70 -11.93 -22.88
C PRO E 119 -5.87 -13.31 -23.53
N ALA E 120 -5.96 -13.33 -24.88
CA ALA E 120 -6.12 -14.57 -25.65
C ALA E 120 -4.99 -15.57 -25.41
N VAL E 121 -3.73 -15.14 -25.59
CA VAL E 121 -2.59 -16.05 -25.39
C VAL E 121 -2.31 -16.23 -23.88
N HIS E 122 -2.74 -15.27 -23.02
CA HIS E 122 -2.62 -15.40 -21.55
C HIS E 122 -3.49 -16.60 -21.15
N ALA E 123 -4.78 -16.61 -21.56
CA ALA E 123 -5.74 -17.69 -21.32
C ALA E 123 -5.23 -19.09 -21.77
N SER E 124 -4.70 -19.18 -23.02
CA SER E 124 -4.17 -20.39 -23.67
C SER E 124 -2.97 -20.93 -22.91
N LEU E 125 -1.98 -20.06 -22.58
CA LEU E 125 -0.77 -20.43 -21.84
C LEU E 125 -1.15 -20.98 -20.46
N ASP E 126 -2.12 -20.34 -19.80
CA ASP E 126 -2.66 -20.76 -18.50
C ASP E 126 -3.26 -22.18 -18.62
N LYS E 127 -4.12 -22.40 -19.65
CA LYS E 127 -4.73 -23.70 -19.94
C LYS E 127 -3.66 -24.74 -20.35
N PHE E 128 -2.56 -24.28 -21.00
CA PHE E 128 -1.42 -25.12 -21.40
C PHE E 128 -0.66 -25.60 -20.19
N LEU E 129 -0.29 -24.66 -19.31
CA LEU E 129 0.40 -24.94 -18.06
C LEU E 129 -0.50 -25.71 -17.11
N ALA E 130 -1.85 -25.54 -17.23
CA ALA E 130 -2.85 -26.27 -16.45
C ALA E 130 -2.80 -27.76 -16.85
N SER E 131 -2.85 -28.06 -18.17
CA SER E 131 -2.74 -29.43 -18.71
C SER E 131 -1.37 -30.04 -18.39
N VAL E 132 -0.26 -29.26 -18.56
CA VAL E 132 1.11 -29.69 -18.24
C VAL E 132 1.11 -30.23 -16.81
N SER E 133 0.55 -29.45 -15.87
CA SER E 133 0.45 -29.81 -14.46
C SER E 133 -0.45 -31.02 -14.20
N THR E 134 -1.55 -31.15 -14.97
CA THR E 134 -2.54 -32.23 -14.84
C THR E 134 -1.92 -33.58 -15.19
N VAL E 135 -1.18 -33.65 -16.30
CA VAL E 135 -0.55 -34.90 -16.74
C VAL E 135 0.67 -35.22 -15.89
N LEU E 136 1.23 -34.21 -15.21
CA LEU E 136 2.35 -34.36 -14.28
C LEU E 136 1.85 -34.86 -12.92
N THR E 137 0.52 -34.80 -12.70
CA THR E 137 -0.15 -35.23 -11.46
C THR E 137 -1.05 -36.48 -11.66
N SER E 138 -1.13 -37.01 -12.90
CA SER E 138 -1.95 -38.19 -13.26
C SER E 138 -1.66 -39.43 -12.41
N LYS E 139 -0.36 -39.77 -12.31
CA LYS E 139 0.27 -40.90 -11.63
C LYS E 139 -0.08 -41.11 -10.13
N TYR E 140 -0.78 -40.16 -9.48
CA TYR E 140 -1.13 -40.26 -8.06
C TYR E 140 -2.01 -41.50 -7.78
N ARG E 141 -1.60 -42.31 -6.77
CA ARG E 141 -2.25 -43.56 -6.38
C ARG E 141 -2.63 -43.62 -4.87
N HIS F 2 1.51 -7.30 6.39
CA HIS F 2 2.74 -7.68 7.09
C HIS F 2 3.96 -7.64 6.16
N LEU F 3 4.35 -6.44 5.71
CA LEU F 3 5.45 -6.20 4.77
C LEU F 3 6.67 -5.59 5.45
N THR F 4 7.86 -5.90 4.93
CA THR F 4 9.13 -5.39 5.46
C THR F 4 9.34 -3.92 5.01
N PRO F 5 10.15 -3.09 5.75
CA PRO F 5 10.35 -1.69 5.32
C PRO F 5 10.73 -1.52 3.84
N GLU F 6 11.54 -2.45 3.31
CA GLU F 6 11.99 -2.49 1.93
C GLU F 6 10.83 -2.86 1.00
N GLU F 7 10.02 -3.87 1.38
CA GLU F 7 8.85 -4.35 0.63
C GLU F 7 7.72 -3.33 0.58
N LYS F 8 7.57 -2.51 1.64
CA LYS F 8 6.54 -1.46 1.72
C LYS F 8 6.82 -0.37 0.69
N SER F 9 8.09 0.08 0.59
CA SER F 9 8.59 1.11 -0.34
C SER F 9 8.59 0.62 -1.80
N ALA F 10 8.84 -0.69 -2.02
CA ALA F 10 8.84 -1.30 -3.36
C ALA F 10 7.42 -1.30 -3.92
N VAL F 11 6.44 -1.74 -3.09
CA VAL F 11 5.02 -1.79 -3.43
C VAL F 11 4.46 -0.41 -3.75
N THR F 12 4.66 0.56 -2.84
CA THR F 12 4.17 1.94 -2.99
C THR F 12 4.76 2.62 -4.23
N ALA F 13 6.05 2.40 -4.51
CA ALA F 13 6.73 3.00 -5.65
C ALA F 13 6.09 2.59 -6.97
N LEU F 14 5.79 1.28 -7.13
CA LEU F 14 5.17 0.70 -8.33
C LEU F 14 3.73 1.22 -8.49
N TRP F 15 2.96 1.18 -7.39
CA TRP F 15 1.57 1.62 -7.37
C TRP F 15 1.37 3.10 -7.73
N GLY F 16 2.36 3.93 -7.42
CA GLY F 16 2.36 5.36 -7.73
C GLY F 16 2.47 5.62 -9.22
N LYS F 17 2.98 4.63 -9.97
CA LYS F 17 3.17 4.65 -11.42
C LYS F 17 2.00 3.96 -12.14
N VAL F 18 1.09 3.33 -11.36
CA VAL F 18 -0.07 2.58 -11.88
C VAL F 18 -1.12 3.52 -12.48
N ASN F 19 -1.55 3.23 -13.73
CA ASN F 19 -2.62 3.98 -14.39
C ASN F 19 -3.95 3.50 -13.85
N VAL F 20 -4.52 4.29 -12.93
CA VAL F 20 -5.80 4.09 -12.23
C VAL F 20 -6.92 3.55 -13.17
N ASP F 21 -7.13 4.22 -14.32
CA ASP F 21 -8.18 3.93 -15.30
C ASP F 21 -8.07 2.57 -16.03
N GLU F 22 -6.89 2.24 -16.62
CA GLU F 22 -6.74 1.02 -17.42
C GLU F 22 -6.39 -0.28 -16.65
N VAL F 23 -5.50 -0.23 -15.64
CA VAL F 23 -5.01 -1.41 -14.92
C VAL F 23 -6.14 -2.30 -14.35
N GLY F 24 -7.11 -1.69 -13.66
CA GLY F 24 -8.25 -2.40 -13.09
C GLY F 24 -9.12 -3.07 -14.13
N GLY F 25 -9.39 -2.36 -15.24
CA GLY F 25 -10.16 -2.88 -16.36
C GLY F 25 -9.48 -4.06 -17.02
N GLU F 26 -8.13 -3.98 -17.12
CA GLU F 26 -7.24 -4.99 -17.68
C GLU F 26 -7.32 -6.28 -16.86
N ALA F 27 -7.18 -6.16 -15.51
CA ALA F 27 -7.25 -7.25 -14.53
C ALA F 27 -8.62 -7.92 -14.56
N LEU F 28 -9.72 -7.12 -14.57
CA LEU F 28 -11.08 -7.66 -14.62
C LEU F 28 -11.35 -8.39 -15.93
N GLY F 29 -11.04 -7.76 -17.06
CA GLY F 29 -11.21 -8.35 -18.38
C GLY F 29 -10.47 -9.67 -18.51
N ARG F 30 -9.18 -9.65 -18.11
CA ARG F 30 -8.31 -10.83 -18.11
C ARG F 30 -8.85 -11.95 -17.24
N LEU F 31 -9.61 -11.64 -16.17
CA LEU F 31 -10.24 -12.66 -15.33
C LEU F 31 -11.40 -13.32 -16.08
N LEU F 32 -12.27 -12.50 -16.71
CA LEU F 32 -13.42 -12.98 -17.48
C LEU F 32 -12.99 -13.84 -18.68
N VAL F 33 -11.88 -13.45 -19.35
CA VAL F 33 -11.32 -14.19 -20.48
C VAL F 33 -10.68 -15.50 -19.99
N VAL F 34 -9.65 -15.44 -19.12
CA VAL F 34 -8.88 -16.59 -18.60
C VAL F 34 -9.77 -17.56 -17.76
N TYR F 35 -10.76 -17.05 -17.01
CA TYR F 35 -11.64 -17.88 -16.19
C TYR F 35 -13.11 -17.56 -16.54
N PRO F 36 -13.60 -18.10 -17.68
CA PRO F 36 -14.95 -17.78 -18.16
C PRO F 36 -16.13 -18.01 -17.23
N TRP F 37 -16.01 -18.90 -16.22
CA TRP F 37 -17.11 -19.13 -15.27
C TRP F 37 -17.42 -17.88 -14.41
N THR F 38 -16.50 -16.90 -14.38
CA THR F 38 -16.68 -15.69 -13.59
C THR F 38 -17.76 -14.78 -14.19
N GLN F 39 -17.92 -14.81 -15.54
CA GLN F 39 -18.89 -14.03 -16.32
C GLN F 39 -20.33 -14.16 -15.81
N ARG F 40 -20.60 -15.24 -15.05
CA ARG F 40 -21.87 -15.53 -14.36
C ARG F 40 -22.28 -14.30 -13.51
N PHE F 41 -21.29 -13.70 -12.81
CA PHE F 41 -21.44 -12.54 -11.94
C PHE F 41 -21.42 -11.20 -12.69
N PHE F 42 -21.26 -11.24 -14.04
CA PHE F 42 -21.18 -10.04 -14.87
C PHE F 42 -21.95 -10.12 -16.20
N GLU F 43 -22.91 -11.05 -16.34
CA GLU F 43 -23.69 -11.20 -17.59
C GLU F 43 -24.56 -9.97 -17.91
N SER F 44 -24.76 -9.08 -16.90
CA SER F 44 -25.50 -7.82 -17.00
C SER F 44 -24.55 -6.66 -17.38
N PHE F 45 -23.45 -6.98 -18.09
CA PHE F 45 -22.46 -6.03 -18.58
C PHE F 45 -22.53 -5.98 -20.11
N GLY F 46 -23.33 -6.88 -20.68
CA GLY F 46 -23.57 -6.96 -22.11
C GLY F 46 -22.73 -8.00 -22.82
N ASP F 47 -21.93 -7.51 -23.79
CA ASP F 47 -21.06 -8.30 -24.66
C ASP F 47 -19.76 -8.78 -24.01
N LEU F 48 -19.64 -10.12 -23.88
CA LEU F 48 -18.49 -10.83 -23.31
C LEU F 48 -18.25 -12.11 -24.13
N SER F 49 -18.76 -12.09 -25.37
CA SER F 49 -18.73 -13.20 -26.33
C SER F 49 -17.34 -13.55 -26.85
N THR F 50 -16.49 -12.55 -27.05
CA THR F 50 -15.13 -12.74 -27.57
C THR F 50 -14.14 -12.05 -26.64
N PRO F 51 -12.81 -12.37 -26.69
CA PRO F 51 -11.85 -11.68 -25.79
C PRO F 51 -11.83 -10.16 -26.00
N ASP F 52 -11.95 -9.73 -27.28
CA ASP F 52 -11.98 -8.31 -27.67
C ASP F 52 -13.22 -7.58 -27.16
N ALA F 53 -14.36 -8.29 -27.06
CA ALA F 53 -15.62 -7.74 -26.54
C ALA F 53 -15.49 -7.50 -25.05
N VAL F 54 -14.85 -8.44 -24.32
CA VAL F 54 -14.62 -8.35 -22.86
C VAL F 54 -13.77 -7.12 -22.52
N MET F 55 -12.60 -6.97 -23.18
CA MET F 55 -11.66 -5.88 -22.97
C MET F 55 -12.21 -4.52 -23.36
N GLY F 56 -12.91 -4.48 -24.50
CA GLY F 56 -13.52 -3.26 -25.04
C GLY F 56 -14.77 -2.80 -24.31
N ASN F 57 -15.41 -3.69 -23.51
CA ASN F 57 -16.65 -3.44 -22.76
C ASN F 57 -16.50 -2.28 -21.76
N PRO F 58 -17.23 -1.15 -21.96
CA PRO F 58 -17.10 0.01 -21.04
C PRO F 58 -17.45 -0.30 -19.59
N LYS F 59 -18.44 -1.18 -19.35
CA LYS F 59 -18.81 -1.58 -18.00
C LYS F 59 -17.69 -2.39 -17.35
N VAL F 60 -16.96 -3.21 -18.14
CA VAL F 60 -15.80 -3.99 -17.64
C VAL F 60 -14.69 -3.02 -17.18
N LYS F 61 -14.40 -1.98 -18.00
CA LYS F 61 -13.41 -0.94 -17.67
C LYS F 61 -13.88 -0.10 -16.47
N ALA F 62 -15.19 0.28 -16.44
CA ALA F 62 -15.83 1.08 -15.40
C ALA F 62 -15.85 0.37 -14.06
N HIS F 63 -16.19 -0.93 -14.05
CA HIS F 63 -16.18 -1.73 -12.83
C HIS F 63 -14.72 -1.98 -12.40
N GLY F 64 -13.84 -2.15 -13.38
CA GLY F 64 -12.41 -2.37 -13.17
C GLY F 64 -11.74 -1.30 -12.32
N LYS F 65 -12.12 -0.01 -12.53
CA LYS F 65 -11.58 1.10 -11.75
C LYS F 65 -12.03 1.05 -10.31
N LYS F 66 -13.29 0.61 -10.05
CA LYS F 66 -13.88 0.49 -8.73
C LYS F 66 -13.08 -0.52 -7.90
N VAL F 67 -12.84 -1.72 -8.50
CA VAL F 67 -12.07 -2.84 -7.94
C VAL F 67 -10.65 -2.37 -7.61
N LEU F 68 -10.00 -1.63 -8.55
CA LEU F 68 -8.65 -1.11 -8.36
C LEU F 68 -8.57 -0.08 -7.21
N GLY F 69 -9.60 0.78 -7.10
CA GLY F 69 -9.73 1.77 -6.04
C GLY F 69 -9.71 1.12 -4.67
N ALA F 70 -10.44 -0.01 -4.53
CA ALA F 70 -10.53 -0.83 -3.31
C ALA F 70 -9.16 -1.46 -2.97
N PHE F 71 -8.33 -1.75 -4.00
CA PHE F 71 -6.99 -2.30 -3.81
C PHE F 71 -6.05 -1.22 -3.32
N SER F 72 -6.19 0.02 -3.86
CA SER F 72 -5.36 1.16 -3.45
C SER F 72 -5.67 1.49 -1.99
N ASP F 73 -6.94 1.28 -1.58
CA ASP F 73 -7.41 1.46 -0.21
C ASP F 73 -6.72 0.45 0.72
N GLY F 74 -6.62 -0.81 0.29
CA GLY F 74 -5.95 -1.88 1.03
C GLY F 74 -4.46 -1.64 1.21
N LEU F 75 -3.83 -0.96 0.24
CA LEU F 75 -2.40 -0.63 0.27
C LEU F 75 -2.13 0.51 1.22
N ALA F 76 -3.06 1.47 1.26
CA ALA F 76 -3.02 2.63 2.13
C ALA F 76 -3.36 2.24 3.58
N HIS F 77 -4.04 1.08 3.78
CA HIS F 77 -4.44 0.57 5.10
C HIS F 77 -4.14 -0.93 5.24
N LEU F 78 -2.85 -1.33 5.14
CA LEU F 78 -2.43 -2.75 5.21
C LEU F 78 -2.63 -3.40 6.57
N ASP F 79 -2.62 -2.60 7.66
CA ASP F 79 -2.83 -3.04 9.02
C ASP F 79 -4.32 -3.17 9.33
N ASN F 80 -5.17 -2.60 8.45
CA ASN F 80 -6.62 -2.56 8.55
C ASN F 80 -7.26 -3.15 7.29
N LEU F 81 -6.81 -4.36 6.90
CA LEU F 81 -7.38 -5.03 5.72
C LEU F 81 -8.79 -5.54 6.02
N LYS F 82 -9.00 -6.20 7.19
CA LYS F 82 -10.30 -6.71 7.58
C LYS F 82 -11.38 -5.63 7.50
N GLY F 83 -11.07 -4.45 8.06
CA GLY F 83 -11.94 -3.27 8.09
C GLY F 83 -12.25 -2.62 6.77
N THR F 84 -11.22 -2.19 6.01
CA THR F 84 -11.31 -1.54 4.68
C THR F 84 -12.30 -2.27 3.75
N PHE F 85 -12.34 -3.60 3.90
CA PHE F 85 -13.13 -4.53 3.11
C PHE F 85 -14.38 -5.07 3.80
N ALA F 86 -14.79 -4.52 4.99
CA ALA F 86 -15.96 -4.99 5.75
C ALA F 86 -17.27 -5.01 4.96
N THR F 87 -17.69 -3.87 4.39
CA THR F 87 -18.93 -3.80 3.59
C THR F 87 -18.76 -4.58 2.30
N LEU F 88 -17.54 -4.53 1.69
CA LEU F 88 -17.24 -5.27 0.45
C LEU F 88 -17.34 -6.78 0.65
N SER F 89 -16.83 -7.28 1.79
CA SER F 89 -16.88 -8.68 2.19
C SER F 89 -18.34 -9.09 2.41
N GLU F 90 -19.18 -8.17 2.91
CA GLU F 90 -20.60 -8.44 3.13
C GLU F 90 -21.31 -8.56 1.77
N LEU F 91 -20.94 -7.69 0.81
CA LEU F 91 -21.50 -7.67 -0.55
C LEU F 91 -21.10 -8.92 -1.34
N HIS F 92 -19.81 -9.27 -1.33
CA HIS F 92 -19.27 -10.41 -2.06
C HIS F 92 -19.61 -11.79 -1.47
N CYS F 93 -20.01 -11.84 -0.19
CA CYS F 93 -20.29 -13.11 0.49
C CYS F 93 -21.77 -13.34 0.83
N ASP F 94 -22.48 -12.34 1.34
CA ASP F 94 -23.89 -12.49 1.72
C ASP F 94 -24.89 -11.97 0.67
N LYS F 95 -24.41 -11.29 -0.37
CA LYS F 95 -25.28 -10.75 -1.43
C LYS F 95 -24.94 -11.35 -2.79
N LEU F 96 -23.63 -11.44 -3.14
CA LEU F 96 -23.16 -11.97 -4.43
C LEU F 96 -22.80 -13.45 -4.34
N HIS F 97 -22.32 -13.89 -3.15
CA HIS F 97 -21.89 -15.27 -2.83
C HIS F 97 -20.77 -15.79 -3.75
N VAL F 98 -19.73 -14.95 -3.96
CA VAL F 98 -18.56 -15.32 -4.76
C VAL F 98 -17.67 -16.26 -3.90
N ASP F 99 -17.24 -17.40 -4.47
CA ASP F 99 -16.36 -18.32 -3.75
C ASP F 99 -15.02 -17.61 -3.45
N PRO F 100 -14.48 -17.70 -2.20
CA PRO F 100 -13.21 -17.00 -1.88
C PRO F 100 -12.05 -17.24 -2.84
N GLU F 101 -11.98 -18.43 -3.49
CA GLU F 101 -10.94 -18.79 -4.47
C GLU F 101 -10.77 -17.73 -5.59
N ASN F 102 -11.89 -17.17 -6.09
CA ASN F 102 -11.93 -16.14 -7.15
C ASN F 102 -11.23 -14.84 -6.80
N PHE F 103 -11.21 -14.48 -5.50
CA PHE F 103 -10.52 -13.28 -5.04
C PHE F 103 -9.02 -13.49 -5.28
N ARG F 104 -8.54 -14.69 -4.92
CA ARG F 104 -7.16 -15.15 -5.13
C ARG F 104 -6.88 -15.26 -6.63
N LEU F 105 -7.87 -15.73 -7.42
CA LEU F 105 -7.77 -15.83 -8.89
C LEU F 105 -7.57 -14.45 -9.51
N LEU F 106 -8.42 -13.46 -9.17
CA LEU F 106 -8.31 -12.09 -9.63
C LEU F 106 -7.05 -11.41 -9.09
N GLY F 107 -6.66 -11.75 -7.85
CA GLY F 107 -5.45 -11.24 -7.22
C GLY F 107 -4.22 -11.62 -8.02
N ASN F 108 -4.15 -12.90 -8.47
CA ASN F 108 -3.07 -13.43 -9.31
C ASN F 108 -3.09 -12.87 -10.74
N VAL F 109 -4.29 -12.64 -11.31
CA VAL F 109 -4.43 -11.99 -12.61
C VAL F 109 -3.91 -10.54 -12.51
N LEU F 110 -4.14 -9.86 -11.37
CA LEU F 110 -3.64 -8.49 -11.15
C LEU F 110 -2.10 -8.51 -11.14
N VAL F 111 -1.52 -9.57 -10.52
CA VAL F 111 -0.06 -9.79 -10.47
C VAL F 111 0.45 -9.90 -11.93
N CYS F 112 -0.16 -10.78 -12.78
CA CYS F 112 0.21 -10.94 -14.19
C CYS F 112 0.12 -9.62 -14.95
N VAL F 113 -0.93 -8.80 -14.69
CA VAL F 113 -1.15 -7.49 -15.32
C VAL F 113 -0.04 -6.50 -14.89
N LEU F 114 0.32 -6.51 -13.60
CA LEU F 114 1.40 -5.65 -13.10
C LEU F 114 2.72 -6.09 -13.72
N ALA F 115 2.90 -7.43 -13.85
CA ALA F 115 4.08 -8.03 -14.46
C ALA F 115 4.20 -7.61 -15.94
N HIS F 116 3.06 -7.69 -16.68
CA HIS F 116 2.96 -7.29 -18.08
C HIS F 116 3.26 -5.79 -18.28
N HIS F 117 2.60 -4.91 -17.52
CA HIS F 117 2.74 -3.46 -17.65
C HIS F 117 4.10 -2.91 -17.26
N PHE F 118 4.68 -3.37 -16.12
CA PHE F 118 5.97 -2.86 -15.66
C PHE F 118 7.21 -3.67 -16.09
N GLY F 119 7.00 -4.89 -16.58
CA GLY F 119 8.06 -5.76 -17.06
C GLY F 119 9.16 -6.07 -16.07
N LYS F 120 10.43 -5.87 -16.53
CA LYS F 120 11.67 -6.08 -15.76
C LYS F 120 11.61 -5.41 -14.38
N GLU F 121 10.97 -4.22 -14.29
CA GLU F 121 10.81 -3.48 -13.03
C GLU F 121 10.04 -4.31 -12.00
N PHE F 122 9.13 -5.19 -12.47
CA PHE F 122 8.37 -6.09 -11.60
C PHE F 122 9.24 -7.31 -11.33
N THR F 123 10.27 -7.09 -10.49
CA THR F 123 11.29 -8.08 -10.08
C THR F 123 10.67 -9.15 -9.18
N PRO F 124 11.32 -10.33 -9.01
CA PRO F 124 10.77 -11.33 -8.08
C PRO F 124 10.53 -10.80 -6.65
N PRO F 125 11.38 -9.96 -5.98
CA PRO F 125 11.02 -9.49 -4.63
C PRO F 125 9.83 -8.53 -4.57
N VAL F 126 9.60 -7.78 -5.67
CA VAL F 126 8.45 -6.88 -5.78
C VAL F 126 7.18 -7.76 -5.87
N GLN F 127 7.26 -8.87 -6.65
CA GLN F 127 6.18 -9.86 -6.79
C GLN F 127 5.81 -10.46 -5.44
N ALA F 128 6.82 -10.91 -4.65
CA ALA F 128 6.63 -11.51 -3.34
C ALA F 128 5.81 -10.61 -2.44
N ALA F 129 6.15 -9.31 -2.40
CA ALA F 129 5.44 -8.30 -1.61
C ALA F 129 3.97 -8.17 -2.10
N TYR F 130 3.73 -8.08 -3.42
CA TYR F 130 2.38 -8.03 -4.01
C TYR F 130 1.54 -9.29 -3.76
N GLN F 131 2.18 -10.48 -3.68
CA GLN F 131 1.51 -11.75 -3.37
C GLN F 131 1.03 -11.75 -1.90
N LYS F 132 1.81 -11.10 -0.99
CA LYS F 132 1.42 -10.94 0.41
C LYS F 132 0.15 -10.04 0.42
N VAL F 133 0.20 -8.94 -0.36
CA VAL F 133 -0.86 -7.94 -0.48
C VAL F 133 -2.15 -8.56 -1.01
N VAL F 134 -2.10 -9.22 -2.19
CA VAL F 134 -3.28 -9.82 -2.83
C VAL F 134 -3.84 -11.00 -2.00
N ALA F 135 -3.00 -11.67 -1.18
CA ALA F 135 -3.41 -12.76 -0.27
C ALA F 135 -4.11 -12.12 0.94
N GLY F 136 -3.61 -10.95 1.35
CA GLY F 136 -4.20 -10.18 2.44
C GLY F 136 -5.58 -9.72 2.03
N VAL F 137 -5.71 -9.14 0.83
CA VAL F 137 -6.95 -8.64 0.23
C VAL F 137 -8.00 -9.74 0.08
N ALA F 138 -7.60 -10.89 -0.50
CA ALA F 138 -8.47 -12.04 -0.70
C ALA F 138 -8.98 -12.57 0.64
N ASN F 139 -8.07 -12.70 1.63
CA ASN F 139 -8.41 -13.16 2.97
C ASN F 139 -9.32 -12.20 3.71
N ALA F 140 -9.14 -10.88 3.50
CA ALA F 140 -9.99 -9.85 4.13
C ALA F 140 -11.38 -9.83 3.47
N LEU F 141 -11.44 -10.00 2.13
CA LEU F 141 -12.69 -10.03 1.37
C LEU F 141 -13.50 -11.30 1.65
N ALA F 142 -12.83 -12.33 2.22
CA ALA F 142 -13.40 -13.62 2.60
C ALA F 142 -13.64 -13.74 4.12
N HIS F 143 -13.64 -12.61 4.86
CA HIS F 143 -13.83 -12.64 6.29
C HIS F 143 -15.28 -12.95 6.71
N LYS F 144 -16.29 -12.54 5.89
CA LYS F 144 -17.71 -12.80 6.16
C LYS F 144 -18.08 -14.29 5.99
N TYR F 145 -17.09 -15.11 5.64
CA TYR F 145 -17.19 -16.56 5.52
C TYR F 145 -16.61 -17.22 6.77
N HIS F 146 -15.40 -16.76 7.18
CA HIS F 146 -14.63 -17.20 8.36
C HIS F 146 -15.47 -17.02 9.66
N LEU G 2 -8.44 -44.19 -15.23
CA LEU G 2 -8.69 -44.96 -14.01
C LEU G 2 -8.23 -46.41 -14.15
N SER G 3 -7.75 -47.00 -13.04
CA SER G 3 -7.22 -48.37 -13.00
C SER G 3 -8.31 -49.47 -12.87
N PRO G 4 -8.01 -50.73 -13.29
CA PRO G 4 -9.02 -51.81 -13.15
C PRO G 4 -9.58 -51.96 -11.74
N ALA G 5 -8.70 -51.87 -10.71
CA ALA G 5 -9.06 -51.93 -9.30
C ALA G 5 -9.98 -50.76 -8.89
N ASP G 6 -9.72 -49.56 -9.45
CA ASP G 6 -10.56 -48.36 -9.23
C ASP G 6 -11.96 -48.64 -9.76
N LYS G 7 -12.03 -49.18 -11.00
CA LYS G 7 -13.28 -49.54 -11.68
C LYS G 7 -14.08 -50.58 -10.88
N THR G 8 -13.38 -51.62 -10.38
CA THR G 8 -13.94 -52.70 -9.55
C THR G 8 -14.57 -52.13 -8.29
N ASN G 9 -13.83 -51.26 -7.56
CA ASN G 9 -14.32 -50.64 -6.32
C ASN G 9 -15.50 -49.70 -6.53
N VAL G 10 -15.48 -48.85 -7.58
CA VAL G 10 -16.60 -47.91 -7.80
C VAL G 10 -17.88 -48.68 -8.13
N LYS G 11 -17.77 -49.71 -9.00
CA LYS G 11 -18.90 -50.54 -9.41
C LYS G 11 -19.50 -51.33 -8.26
N ALA G 12 -18.65 -51.94 -7.40
CA ALA G 12 -19.12 -52.72 -6.26
C ALA G 12 -19.82 -51.85 -5.20
N ALA G 13 -19.27 -50.64 -4.95
CA ALA G 13 -19.81 -49.71 -3.97
C ALA G 13 -21.09 -49.05 -4.48
N TRP G 14 -21.07 -48.54 -5.74
CA TRP G 14 -22.21 -47.87 -6.35
C TRP G 14 -23.40 -48.79 -6.54
N GLY G 15 -23.18 -49.99 -7.08
CA GLY G 15 -24.20 -51.00 -7.29
C GLY G 15 -25.01 -51.31 -6.05
N LYS G 16 -24.38 -51.13 -4.87
CA LYS G 16 -24.99 -51.35 -3.57
C LYS G 16 -26.00 -50.22 -3.23
N VAL G 17 -25.78 -48.99 -3.75
CA VAL G 17 -26.68 -47.85 -3.53
C VAL G 17 -28.11 -48.20 -4.00
N GLY G 18 -28.22 -48.70 -5.24
CA GLY G 18 -29.47 -49.17 -5.86
C GLY G 18 -30.64 -48.21 -5.92
N ALA G 19 -31.76 -48.62 -5.27
CA ALA G 19 -33.03 -47.87 -5.20
C ALA G 19 -33.00 -46.67 -4.23
N HIS G 20 -31.93 -46.57 -3.41
CA HIS G 20 -31.72 -45.46 -2.47
C HIS G 20 -30.98 -44.28 -3.14
N ALA G 21 -30.69 -44.41 -4.47
CA ALA G 21 -29.99 -43.43 -5.30
C ALA G 21 -30.46 -41.98 -5.13
N GLY G 22 -31.70 -41.68 -5.53
CA GLY G 22 -32.28 -40.35 -5.42
C GLY G 22 -32.41 -39.85 -4.00
N GLU G 23 -32.51 -40.79 -3.04
CA GLU G 23 -32.60 -40.46 -1.62
C GLU G 23 -31.23 -39.99 -1.14
N TYR G 24 -30.15 -40.67 -1.61
CA TYR G 24 -28.77 -40.35 -1.26
C TYR G 24 -28.36 -39.08 -1.99
N GLY G 25 -28.85 -38.92 -3.22
CA GLY G 25 -28.62 -37.76 -4.06
C GLY G 25 -29.18 -36.50 -3.41
N ALA G 26 -30.38 -36.59 -2.82
CA ALA G 26 -31.06 -35.50 -2.11
C ALA G 26 -30.35 -35.19 -0.80
N GLU G 27 -29.90 -36.24 -0.07
CA GLU G 27 -29.15 -36.09 1.18
C GLU G 27 -27.82 -35.38 0.89
N ALA G 28 -27.11 -35.82 -0.18
CA ALA G 28 -25.85 -35.23 -0.61
C ALA G 28 -25.99 -33.71 -0.88
N LEU G 29 -27.15 -33.28 -1.40
CA LEU G 29 -27.43 -31.88 -1.69
C LEU G 29 -27.74 -31.09 -0.44
N GLU G 30 -28.65 -31.60 0.43
CA GLU G 30 -29.02 -30.98 1.72
C GLU G 30 -27.76 -30.80 2.59
N ARG G 31 -26.81 -31.74 2.48
CA ARG G 31 -25.53 -31.69 3.17
C ARG G 31 -24.70 -30.53 2.60
N MET G 32 -24.64 -30.42 1.25
CA MET G 32 -23.89 -29.37 0.53
C MET G 32 -24.44 -27.98 0.83
N PHE G 33 -25.78 -27.80 0.74
CA PHE G 33 -26.48 -26.55 1.01
C PHE G 33 -26.34 -26.05 2.45
N LEU G 34 -26.32 -26.98 3.43
CA LEU G 34 -26.17 -26.62 4.85
C LEU G 34 -24.72 -26.32 5.26
N SER G 35 -23.77 -27.11 4.74
CA SER G 35 -22.34 -26.96 5.05
C SER G 35 -21.68 -25.82 4.26
N PHE G 36 -21.95 -25.74 2.94
CA PHE G 36 -21.38 -24.73 2.05
C PHE G 36 -22.53 -23.87 1.45
N PRO G 37 -22.90 -22.77 2.15
CA PRO G 37 -24.05 -21.96 1.69
C PRO G 37 -23.87 -21.21 0.36
N THR G 38 -22.65 -21.16 -0.19
CA THR G 38 -22.40 -20.48 -1.48
C THR G 38 -23.15 -21.20 -2.64
N THR G 39 -23.15 -22.53 -2.62
CA THR G 39 -23.73 -23.45 -3.61
C THR G 39 -25.25 -23.22 -3.89
N LYS G 40 -25.98 -22.59 -2.94
CA LYS G 40 -27.44 -22.33 -3.04
C LYS G 40 -27.80 -21.36 -4.17
N THR G 41 -26.85 -20.44 -4.52
CA THR G 41 -26.96 -19.43 -5.58
C THR G 41 -27.41 -20.02 -6.92
N TYR G 42 -26.97 -21.25 -7.21
CA TYR G 42 -27.26 -21.97 -8.44
C TYR G 42 -28.71 -22.45 -8.53
N PHE G 43 -29.39 -22.56 -7.36
CA PHE G 43 -30.78 -22.99 -7.22
C PHE G 43 -31.61 -21.88 -6.45
N PRO G 44 -31.86 -20.68 -7.03
CA PRO G 44 -32.60 -19.64 -6.28
C PRO G 44 -34.12 -19.86 -6.15
N HIS G 45 -34.68 -20.61 -7.09
CA HIS G 45 -36.10 -20.93 -7.26
C HIS G 45 -36.53 -22.16 -6.47
N PHE G 46 -35.54 -23.00 -6.12
CA PHE G 46 -35.70 -24.27 -5.42
C PHE G 46 -36.18 -24.15 -3.99
N ASP G 47 -37.07 -25.07 -3.61
CA ASP G 47 -37.56 -25.20 -2.24
C ASP G 47 -36.51 -26.07 -1.53
N LEU G 48 -35.79 -25.47 -0.57
CA LEU G 48 -34.72 -26.15 0.16
C LEU G 48 -35.14 -26.45 1.61
N SER G 49 -36.47 -26.61 1.79
CA SER G 49 -37.17 -26.97 3.02
C SER G 49 -36.82 -28.44 3.35
N HIS G 50 -37.00 -28.88 4.62
CA HIS G 50 -36.68 -30.26 4.96
C HIS G 50 -37.70 -31.25 4.37
N GLY G 51 -37.19 -32.20 3.59
CA GLY G 51 -38.01 -33.20 2.91
C GLY G 51 -38.73 -32.60 1.71
N SER G 52 -37.98 -31.82 0.91
CA SER G 52 -38.47 -31.11 -0.27
C SER G 52 -38.44 -31.99 -1.52
N ALA G 53 -39.53 -31.92 -2.30
CA ALA G 53 -39.74 -32.70 -3.53
C ALA G 53 -38.80 -32.32 -4.66
N GLN G 54 -38.51 -31.00 -4.81
CA GLN G 54 -37.61 -30.49 -5.85
C GLN G 54 -36.17 -30.95 -5.64
N VAL G 55 -35.66 -30.87 -4.38
CA VAL G 55 -34.32 -31.31 -3.97
C VAL G 55 -34.21 -32.80 -4.25
N LYS G 56 -35.27 -33.57 -3.92
CA LYS G 56 -35.37 -35.03 -4.11
C LYS G 56 -35.26 -35.36 -5.59
N GLY G 57 -36.08 -34.68 -6.41
CA GLY G 57 -36.10 -34.83 -7.86
C GLY G 57 -34.78 -34.48 -8.50
N HIS G 58 -34.12 -33.43 -8.00
CA HIS G 58 -32.80 -33.07 -8.51
C HIS G 58 -31.75 -34.08 -8.07
N GLY G 59 -31.89 -34.60 -6.85
CA GLY G 59 -31.03 -35.62 -6.26
C GLY G 59 -31.06 -36.90 -7.08
N LYS G 60 -32.22 -37.18 -7.69
CA LYS G 60 -32.43 -38.33 -8.56
C LYS G 60 -31.72 -38.09 -9.89
N LYS G 61 -31.78 -36.86 -10.41
CA LYS G 61 -31.11 -36.47 -11.65
C LYS G 61 -29.57 -36.55 -11.51
N VAL G 62 -29.05 -36.19 -10.30
CA VAL G 62 -27.60 -36.24 -9.98
C VAL G 62 -27.16 -37.69 -9.84
N ALA G 63 -27.91 -38.49 -9.05
CA ALA G 63 -27.66 -39.90 -8.79
C ALA G 63 -27.67 -40.77 -10.06
N ASP G 64 -28.69 -40.59 -10.93
CA ASP G 64 -28.84 -41.32 -12.19
C ASP G 64 -27.75 -40.96 -13.19
N ALA G 65 -27.22 -39.72 -13.12
CA ALA G 65 -26.12 -39.25 -13.97
C ALA G 65 -24.80 -39.94 -13.56
N LEU G 66 -24.66 -40.25 -12.25
CA LEU G 66 -23.51 -40.96 -11.70
C LEU G 66 -23.58 -42.45 -12.06
N THR G 67 -24.80 -42.99 -12.19
CA THR G 67 -25.08 -44.37 -12.59
C THR G 67 -24.60 -44.56 -14.04
N ASN G 68 -24.90 -43.58 -14.91
CA ASN G 68 -24.48 -43.56 -16.33
C ASN G 68 -22.97 -43.41 -16.45
N ALA G 69 -22.34 -42.73 -15.46
CA ALA G 69 -20.90 -42.51 -15.39
C ALA G 69 -20.16 -43.79 -14.98
N VAL G 70 -20.73 -44.60 -14.06
CA VAL G 70 -20.10 -45.88 -13.66
C VAL G 70 -20.20 -46.90 -14.82
N ALA G 71 -21.34 -46.87 -15.56
CA ALA G 71 -21.65 -47.73 -16.71
C ALA G 71 -20.77 -47.42 -17.92
N HIS G 72 -20.34 -46.14 -18.05
CA HIS G 72 -19.48 -45.67 -19.14
C HIS G 72 -18.17 -45.11 -18.60
N VAL G 73 -17.60 -45.78 -17.57
CA VAL G 73 -16.35 -45.41 -16.88
C VAL G 73 -15.11 -45.34 -17.83
N ASP G 74 -15.25 -45.87 -19.05
CA ASP G 74 -14.19 -45.88 -20.05
C ASP G 74 -14.43 -44.83 -21.15
N ASP G 75 -15.67 -44.30 -21.25
CA ASP G 75 -16.04 -43.27 -22.23
C ASP G 75 -16.82 -42.10 -21.60
N MET G 76 -16.34 -41.62 -20.43
CA MET G 76 -16.93 -40.50 -19.68
C MET G 76 -16.96 -39.18 -20.48
N PRO G 77 -15.92 -38.77 -21.27
CA PRO G 77 -16.02 -37.50 -22.02
C PRO G 77 -17.13 -37.45 -23.07
N ASN G 78 -17.56 -38.63 -23.59
CA ASN G 78 -18.63 -38.73 -24.57
C ASN G 78 -20.01 -38.98 -23.94
N ALA G 79 -20.08 -39.79 -22.86
CA ALA G 79 -21.33 -40.10 -22.17
C ALA G 79 -21.92 -38.90 -21.41
N LEU G 80 -21.06 -38.10 -20.73
CA LEU G 80 -21.48 -36.91 -19.97
C LEU G 80 -21.36 -35.61 -20.78
N SER G 81 -21.19 -35.74 -22.11
CA SER G 81 -21.02 -34.64 -23.06
C SER G 81 -22.10 -33.54 -22.96
N ALA G 82 -23.38 -33.95 -22.82
CA ALA G 82 -24.53 -33.05 -22.72
C ALA G 82 -24.56 -32.35 -21.35
N LEU G 83 -24.00 -33.00 -20.32
CA LEU G 83 -23.89 -32.44 -18.97
C LEU G 83 -22.69 -31.49 -18.91
N SER G 84 -21.66 -31.75 -19.73
CA SER G 84 -20.45 -30.96 -19.81
C SER G 84 -20.75 -29.57 -20.30
N ASP G 85 -21.43 -29.43 -21.47
CA ASP G 85 -21.79 -28.14 -22.03
C ASP G 85 -22.92 -27.46 -21.26
N LEU G 86 -23.81 -28.23 -20.57
CA LEU G 86 -24.85 -27.65 -19.71
C LEU G 86 -24.20 -26.93 -18.49
N HIS G 87 -23.39 -27.67 -17.70
CA HIS G 87 -22.67 -27.17 -16.53
C HIS G 87 -21.64 -26.07 -16.87
N ALA G 88 -21.19 -26.02 -18.14
CA ALA G 88 -20.17 -25.08 -18.61
C ALA G 88 -20.70 -23.81 -19.27
N HIS G 89 -21.74 -23.92 -20.14
CA HIS G 89 -22.28 -22.77 -20.87
C HIS G 89 -23.56 -22.18 -20.25
N LYS G 90 -24.51 -23.03 -19.81
CA LYS G 90 -25.77 -22.55 -19.21
C LYS G 90 -25.61 -22.24 -17.71
N LEU G 91 -25.08 -23.20 -16.94
CA LEU G 91 -24.92 -23.15 -15.49
C LEU G 91 -23.72 -22.30 -15.00
N ARG G 92 -22.52 -22.49 -15.61
CA ARG G 92 -21.25 -21.83 -15.28
C ARG G 92 -20.86 -22.05 -13.80
N VAL G 93 -21.04 -23.30 -13.31
CA VAL G 93 -20.75 -23.69 -11.94
C VAL G 93 -19.24 -23.62 -11.70
N ASP G 94 -18.84 -22.75 -10.79
CA ASP G 94 -17.48 -22.54 -10.34
C ASP G 94 -16.82 -23.91 -10.06
N PRO G 95 -15.64 -24.20 -10.68
CA PRO G 95 -14.98 -25.53 -10.47
C PRO G 95 -14.84 -26.01 -9.02
N VAL G 96 -14.70 -25.10 -8.05
CA VAL G 96 -14.55 -25.42 -6.62
C VAL G 96 -15.77 -26.18 -6.09
N ASN G 97 -16.99 -25.78 -6.50
CA ASN G 97 -18.23 -26.38 -6.02
C ASN G 97 -18.32 -27.87 -6.30
N PHE G 98 -17.70 -28.35 -7.40
CA PHE G 98 -17.65 -29.78 -7.74
C PHE G 98 -16.92 -30.58 -6.67
N LYS G 99 -15.85 -30.01 -6.06
CA LYS G 99 -15.12 -30.64 -4.95
C LYS G 99 -16.04 -30.74 -3.73
N LEU G 100 -16.85 -29.71 -3.51
CA LEU G 100 -17.81 -29.64 -2.40
C LEU G 100 -18.94 -30.66 -2.58
N LEU G 101 -19.38 -30.91 -3.82
CA LEU G 101 -20.39 -31.94 -4.08
C LEU G 101 -19.74 -33.32 -3.97
N SER G 102 -18.53 -33.49 -4.51
CA SER G 102 -17.77 -34.73 -4.41
C SER G 102 -17.65 -35.17 -2.93
N HIS G 103 -17.28 -34.25 -2.02
CA HIS G 103 -17.09 -34.51 -0.59
C HIS G 103 -18.38 -34.91 0.15
N CYS G 104 -19.47 -34.13 -0.03
CA CYS G 104 -20.78 -34.36 0.57
C CYS G 104 -21.37 -35.70 0.17
N LEU G 105 -21.09 -36.14 -1.08
CA LEU G 105 -21.52 -37.42 -1.62
C LEU G 105 -20.87 -38.58 -0.81
N LEU G 106 -19.53 -38.49 -0.56
CA LEU G 106 -18.75 -39.46 0.23
C LEU G 106 -19.23 -39.57 1.67
N VAL G 107 -19.62 -38.45 2.29
CA VAL G 107 -20.15 -38.37 3.65
C VAL G 107 -21.47 -39.15 3.73
N THR G 108 -22.31 -39.03 2.67
CA THR G 108 -23.59 -39.71 2.51
C THR G 108 -23.34 -41.22 2.33
N LEU G 109 -22.37 -41.58 1.48
CA LEU G 109 -21.98 -42.96 1.23
C LEU G 109 -21.53 -43.62 2.53
N ALA G 110 -20.65 -42.94 3.30
CA ALA G 110 -20.15 -43.42 4.58
C ALA G 110 -21.22 -43.61 5.65
N ALA G 111 -22.24 -42.72 5.68
CA ALA G 111 -23.32 -42.76 6.67
C ALA G 111 -24.42 -43.78 6.35
N HIS G 112 -24.45 -44.27 5.10
CA HIS G 112 -25.47 -45.21 4.65
C HIS G 112 -24.97 -46.61 4.43
N LEU G 113 -23.74 -46.72 3.92
CA LEU G 113 -23.12 -48.03 3.69
C LEU G 113 -21.78 -48.12 4.43
N PRO G 114 -21.81 -48.27 5.78
CA PRO G 114 -20.53 -48.32 6.53
C PRO G 114 -19.62 -49.48 6.13
N ALA G 115 -20.14 -50.74 6.17
CA ALA G 115 -19.40 -51.97 5.84
C ALA G 115 -18.73 -51.98 4.45
N GLU G 116 -19.32 -51.27 3.48
CA GLU G 116 -18.82 -51.17 2.11
C GLU G 116 -17.78 -50.04 2.00
N PHE G 117 -17.95 -48.97 2.79
CA PHE G 117 -17.06 -47.80 2.79
C PHE G 117 -15.74 -48.12 3.48
N THR G 118 -14.80 -48.73 2.74
CA THR G 118 -13.48 -49.10 3.26
C THR G 118 -12.43 -48.07 2.81
N PRO G 119 -11.22 -47.99 3.42
CA PRO G 119 -10.21 -47.00 2.98
C PRO G 119 -9.86 -47.06 1.48
N ALA G 120 -9.81 -48.29 0.92
CA ALA G 120 -9.51 -48.54 -0.50
C ALA G 120 -10.68 -48.12 -1.41
N VAL G 121 -11.93 -48.37 -0.94
CA VAL G 121 -13.19 -48.02 -1.62
C VAL G 121 -13.34 -46.49 -1.60
N HIS G 122 -13.02 -45.83 -0.45
CA HIS G 122 -13.05 -44.38 -0.28
C HIS G 122 -12.10 -43.72 -1.29
N ALA G 123 -10.85 -44.21 -1.37
CA ALA G 123 -9.84 -43.71 -2.30
C ALA G 123 -10.29 -43.93 -3.74
N SER G 124 -10.96 -45.09 -4.02
CA SER G 124 -11.50 -45.46 -5.33
C SER G 124 -12.99 -45.06 -5.43
N LEU G 125 -13.25 -43.76 -5.26
CA LEU G 125 -14.53 -43.06 -5.29
C LEU G 125 -14.19 -41.57 -5.36
N ASP G 126 -13.09 -41.16 -4.68
CA ASP G 126 -12.58 -39.80 -4.72
C ASP G 126 -12.09 -39.49 -6.14
N LYS G 127 -11.30 -40.39 -6.73
CA LYS G 127 -10.75 -40.17 -8.08
C LYS G 127 -11.80 -40.31 -9.17
N PHE G 128 -12.86 -41.09 -8.93
CA PHE G 128 -13.95 -41.27 -9.90
C PHE G 128 -14.80 -40.00 -9.88
N LEU G 129 -15.20 -39.54 -8.66
CA LEU G 129 -15.94 -38.30 -8.45
C LEU G 129 -15.14 -37.13 -8.99
N ALA G 130 -13.80 -37.16 -8.91
CA ALA G 130 -12.94 -36.11 -9.46
C ALA G 130 -12.91 -36.22 -10.97
N SER G 131 -12.89 -37.46 -11.49
CA SER G 131 -12.87 -37.71 -12.94
C SER G 131 -14.16 -37.22 -13.58
N VAL G 132 -15.30 -37.42 -12.89
CA VAL G 132 -16.62 -36.96 -13.33
C VAL G 132 -16.59 -35.43 -13.38
N SER G 133 -16.08 -34.80 -12.30
CA SER G 133 -15.96 -33.35 -12.14
C SER G 133 -15.06 -32.72 -13.19
N THR G 134 -13.95 -33.39 -13.52
CA THR G 134 -12.98 -32.96 -14.52
C THR G 134 -13.65 -32.91 -15.87
N VAL G 135 -14.57 -33.88 -16.15
CA VAL G 135 -15.33 -33.96 -17.41
C VAL G 135 -16.33 -32.79 -17.48
N LEU G 136 -17.10 -32.58 -16.40
CA LEU G 136 -18.11 -31.53 -16.30
C LEU G 136 -17.56 -30.10 -16.38
N THR G 137 -16.23 -29.91 -16.25
CA THR G 137 -15.60 -28.58 -16.33
C THR G 137 -14.68 -28.47 -17.56
N SER G 138 -14.72 -29.46 -18.45
CA SER G 138 -13.86 -29.52 -19.63
C SER G 138 -14.20 -28.54 -20.72
N LYS G 139 -15.50 -28.17 -20.87
CA LYS G 139 -16.01 -27.27 -21.92
C LYS G 139 -15.97 -25.77 -21.55
N TYR G 140 -14.90 -25.30 -20.88
CA TYR G 140 -14.78 -23.90 -20.49
C TYR G 140 -14.11 -23.04 -21.56
N ARG G 141 -14.92 -22.21 -22.24
CA ARG G 141 -14.47 -21.29 -23.29
C ARG G 141 -15.28 -19.98 -23.21
N HIS H 2 -18.18 -18.88 13.90
CA HIS H 2 -19.20 -18.78 14.94
C HIS H 2 -20.19 -19.94 14.86
N LEU H 3 -20.65 -20.42 16.03
CA LEU H 3 -21.62 -21.52 16.14
C LEU H 3 -22.87 -21.12 16.92
N THR H 4 -24.02 -21.72 16.57
CA THR H 4 -25.29 -21.47 17.26
C THR H 4 -25.40 -22.43 18.45
N PRO H 5 -26.00 -22.03 19.60
CA PRO H 5 -26.06 -22.94 20.76
C PRO H 5 -26.61 -24.34 20.47
N GLU H 6 -27.63 -24.45 19.59
CA GLU H 6 -28.24 -25.72 19.19
C GLU H 6 -27.19 -26.67 18.58
N GLU H 7 -26.43 -26.20 17.55
CA GLU H 7 -25.41 -27.04 16.92
C GLU H 7 -24.14 -27.16 17.79
N LYS H 8 -23.86 -26.12 18.61
CA LYS H 8 -22.73 -26.10 19.55
C LYS H 8 -22.91 -27.25 20.56
N SER H 9 -24.12 -27.39 21.12
CA SER H 9 -24.46 -28.47 22.06
C SER H 9 -24.53 -29.82 21.33
N ALA H 10 -24.99 -29.82 20.06
CA ALA H 10 -25.10 -31.01 19.21
C ALA H 10 -23.75 -31.62 18.85
N VAL H 11 -22.69 -30.78 18.73
CA VAL H 11 -21.31 -31.16 18.42
C VAL H 11 -20.68 -31.80 19.64
N THR H 12 -20.71 -31.08 20.79
CA THR H 12 -20.16 -31.51 22.09
C THR H 12 -20.79 -32.81 22.57
N ALA H 13 -22.05 -33.06 22.17
CA ALA H 13 -22.78 -34.28 22.48
C ALA H 13 -22.19 -35.44 21.68
N LEU H 14 -21.97 -35.23 20.36
CA LEU H 14 -21.44 -36.23 19.44
C LEU H 14 -19.98 -36.57 19.71
N TRP H 15 -19.13 -35.58 20.03
CA TRP H 15 -17.71 -35.82 20.30
C TRP H 15 -17.47 -36.57 21.62
N GLY H 16 -18.47 -36.56 22.49
CA GLY H 16 -18.45 -37.27 23.76
C GLY H 16 -18.59 -38.77 23.57
N LYS H 17 -19.30 -39.18 22.49
CA LYS H 17 -19.55 -40.57 22.08
C LYS H 17 -18.46 -41.08 21.10
N VAL H 18 -17.42 -40.27 20.87
CA VAL H 18 -16.31 -40.59 19.97
C VAL H 18 -15.27 -41.47 20.66
N ASN H 19 -14.94 -42.63 20.05
CA ASN H 19 -13.89 -43.51 20.59
C ASN H 19 -12.54 -43.03 20.07
N VAL H 20 -11.86 -42.23 20.92
CA VAL H 20 -10.58 -41.55 20.75
C VAL H 20 -9.45 -42.42 20.19
N ASP H 21 -9.35 -43.67 20.67
CA ASP H 21 -8.28 -44.61 20.34
C ASP H 21 -8.15 -45.02 18.86
N GLU H 22 -9.24 -45.01 18.05
CA GLU H 22 -9.10 -45.48 16.67
C GLU H 22 -9.63 -44.54 15.53
N VAL H 23 -10.49 -43.53 15.80
CA VAL H 23 -10.99 -42.63 14.73
C VAL H 23 -9.91 -41.68 14.17
N GLY H 24 -8.93 -41.33 15.02
CA GLY H 24 -7.83 -40.44 14.67
C GLY H 24 -6.85 -41.03 13.67
N GLY H 25 -6.43 -42.28 13.91
CA GLY H 25 -5.51 -43.00 13.03
C GLY H 25 -6.12 -43.31 11.67
N GLU H 26 -7.45 -43.54 11.65
CA GLU H 26 -8.26 -43.81 10.47
C GLU H 26 -8.29 -42.60 9.54
N ALA H 27 -8.44 -41.39 10.10
CA ALA H 27 -8.42 -40.13 9.35
C ALA H 27 -7.05 -39.88 8.75
N LEU H 28 -5.97 -40.13 9.52
CA LEU H 28 -4.60 -39.94 9.04
C LEU H 28 -4.29 -40.97 7.97
N GLY H 29 -4.73 -42.20 8.22
CA GLY H 29 -4.54 -43.33 7.31
C GLY H 29 -5.20 -43.06 5.99
N ARG H 30 -6.51 -42.76 6.04
CA ARG H 30 -7.31 -42.43 4.85
C ARG H 30 -6.74 -41.23 4.11
N LEU H 31 -6.13 -40.26 4.81
CA LEU H 31 -5.50 -39.10 4.19
C LEU H 31 -4.29 -39.54 3.36
N LEU H 32 -3.51 -40.49 3.89
CA LEU H 32 -2.31 -41.01 3.21
C LEU H 32 -2.69 -41.92 2.05
N VAL H 33 -3.79 -42.67 2.21
CA VAL H 33 -4.34 -43.59 1.20
C VAL H 33 -4.97 -42.81 0.02
N VAL H 34 -5.89 -41.87 0.31
CA VAL H 34 -6.61 -41.07 -0.68
C VAL H 34 -5.70 -40.02 -1.36
N TYR H 35 -4.87 -39.34 -0.56
CA TYR H 35 -3.96 -38.27 -1.02
C TYR H 35 -2.53 -38.72 -0.78
N PRO H 36 -1.91 -39.46 -1.75
CA PRO H 36 -0.58 -40.06 -1.49
C PRO H 36 0.63 -39.13 -1.46
N TRP H 37 0.49 -37.86 -1.87
CA TRP H 37 1.60 -36.90 -1.84
C TRP H 37 1.91 -36.42 -0.40
N THR H 38 1.00 -36.70 0.56
CA THR H 38 1.16 -36.31 1.97
C THR H 38 2.14 -37.25 2.70
N GLN H 39 2.43 -38.42 2.09
CA GLN H 39 3.34 -39.43 2.60
C GLN H 39 4.77 -38.91 2.75
N ARG H 40 5.11 -37.82 2.02
CA ARG H 40 6.42 -37.17 2.07
C ARG H 40 6.76 -36.68 3.48
N PHE H 41 5.72 -36.24 4.22
CA PHE H 41 5.82 -35.75 5.60
C PHE H 41 5.91 -36.88 6.61
N PHE H 42 5.59 -38.12 6.19
CA PHE H 42 5.60 -39.27 7.08
C PHE H 42 6.47 -40.43 6.59
N GLU H 43 7.64 -40.11 6.02
CA GLU H 43 8.58 -41.12 5.51
C GLU H 43 9.26 -41.92 6.62
N SER H 44 9.18 -41.40 7.87
CA SER H 44 9.75 -41.99 9.09
C SER H 44 8.77 -42.99 9.74
N PHE H 45 7.70 -43.35 9.03
CA PHE H 45 6.65 -44.25 9.52
C PHE H 45 6.76 -45.66 8.92
N GLY H 46 7.74 -45.85 8.05
CA GLY H 46 8.04 -47.13 7.41
C GLY H 46 7.16 -47.49 6.23
N ASP H 47 6.46 -48.64 6.35
CA ASP H 47 5.60 -49.18 5.32
C ASP H 47 4.31 -48.41 5.13
N LEU H 48 4.11 -47.88 3.90
CA LEU H 48 2.93 -47.09 3.53
C LEU H 48 2.52 -47.29 2.05
N SER H 49 2.97 -48.39 1.41
CA SER H 49 2.68 -48.64 -0.01
C SER H 49 1.24 -49.09 -0.31
N THR H 50 0.61 -49.84 0.61
CA THR H 50 -0.74 -50.37 0.42
C THR H 50 -1.72 -49.80 1.48
N PRO H 51 -3.07 -49.77 1.24
CA PRO H 51 -3.99 -49.28 2.27
C PRO H 51 -3.84 -49.98 3.63
N ASP H 52 -3.75 -51.33 3.60
CA ASP H 52 -3.57 -52.18 4.79
C ASP H 52 -2.27 -51.90 5.54
N ALA H 53 -1.18 -51.56 4.81
CA ALA H 53 0.10 -51.19 5.41
C ALA H 53 -0.04 -49.84 6.16
N VAL H 54 -0.86 -48.92 5.59
CA VAL H 54 -1.13 -47.60 6.17
C VAL H 54 -2.04 -47.72 7.41
N MET H 55 -3.22 -48.32 7.23
CA MET H 55 -4.23 -48.48 8.28
C MET H 55 -3.77 -49.30 9.48
N GLY H 56 -2.93 -50.31 9.23
CA GLY H 56 -2.41 -51.19 10.26
C GLY H 56 -1.15 -50.69 10.98
N ASN H 57 -0.45 -49.68 10.41
CA ASN H 57 0.80 -49.09 10.93
C ASN H 57 0.65 -48.51 12.35
N PRO H 58 1.51 -48.92 13.33
CA PRO H 58 1.39 -48.39 14.70
C PRO H 58 1.73 -46.92 14.83
N LYS H 59 2.71 -46.44 14.03
CA LYS H 59 3.12 -45.03 14.02
C LYS H 59 2.01 -44.14 13.45
N VAL H 60 1.29 -44.61 12.42
CA VAL H 60 0.16 -43.91 11.80
C VAL H 60 -1.00 -43.86 12.83
N LYS H 61 -1.30 -45.01 13.46
CA LYS H 61 -2.35 -45.18 14.47
C LYS H 61 -2.11 -44.28 15.68
N ALA H 62 -0.84 -44.21 16.14
CA ALA H 62 -0.36 -43.41 17.27
C ALA H 62 -0.45 -41.94 16.96
N HIS H 63 0.17 -41.51 15.83
CA HIS H 63 0.17 -40.13 15.37
C HIS H 63 -1.24 -39.60 15.18
N GLY H 64 -2.15 -40.49 14.76
CA GLY H 64 -3.56 -40.20 14.56
C GLY H 64 -4.26 -39.73 15.82
N LYS H 65 -3.91 -40.34 16.98
CA LYS H 65 -4.46 -39.99 18.30
C LYS H 65 -4.00 -38.61 18.78
N LYS H 66 -2.82 -38.15 18.32
CA LYS H 66 -2.25 -36.84 18.63
C LYS H 66 -2.94 -35.77 17.79
N VAL H 67 -3.17 -36.08 16.50
CA VAL H 67 -3.88 -35.23 15.54
C VAL H 67 -5.32 -35.03 16.07
N LEU H 68 -5.96 -36.14 16.50
CA LEU H 68 -7.31 -36.15 17.07
C LEU H 68 -7.34 -35.43 18.41
N GLY H 69 -6.25 -35.54 19.17
CA GLY H 69 -6.07 -34.89 20.46
C GLY H 69 -6.03 -33.39 20.33
N ALA H 70 -5.35 -32.90 19.27
CA ALA H 70 -5.28 -31.47 18.95
C ALA H 70 -6.67 -30.98 18.60
N PHE H 71 -7.47 -31.81 17.85
CA PHE H 71 -8.86 -31.52 17.46
C PHE H 71 -9.76 -31.43 18.70
N SER H 72 -9.63 -32.40 19.63
CA SER H 72 -10.37 -32.45 20.90
C SER H 72 -10.09 -31.21 21.77
N ASP H 73 -8.84 -30.69 21.71
CA ASP H 73 -8.40 -29.49 22.43
C ASP H 73 -9.02 -28.24 21.80
N GLY H 74 -9.03 -28.18 20.47
CA GLY H 74 -9.62 -27.10 19.69
C GLY H 74 -11.12 -26.98 19.89
N LEU H 75 -11.80 -28.13 20.09
CA LEU H 75 -13.24 -28.20 20.34
C LEU H 75 -13.65 -27.62 21.69
N ALA H 76 -12.68 -27.55 22.65
CA ALA H 76 -12.88 -27.01 23.99
C ALA H 76 -12.62 -25.50 24.05
N HIS H 77 -11.86 -24.95 23.09
CA HIS H 77 -11.56 -23.51 23.03
C HIS H 77 -11.87 -22.97 21.62
N LEU H 78 -13.13 -23.18 21.16
CA LEU H 78 -13.61 -22.79 19.83
C LEU H 78 -13.53 -21.29 19.50
N ASP H 79 -13.75 -20.42 20.50
CA ASP H 79 -13.73 -18.96 20.32
C ASP H 79 -12.31 -18.36 20.35
N ASN H 80 -11.26 -19.23 20.37
CA ASN H 80 -9.85 -18.87 20.31
C ASN H 80 -8.98 -20.03 19.80
N LEU H 81 -9.26 -20.46 18.56
CA LEU H 81 -8.55 -21.55 17.89
C LEU H 81 -7.14 -21.13 17.50
N LYS H 82 -6.98 -19.85 17.09
CA LYS H 82 -5.69 -19.26 16.68
C LYS H 82 -4.60 -19.41 17.77
N GLY H 83 -4.99 -19.29 19.05
CA GLY H 83 -4.09 -19.45 20.19
C GLY H 83 -3.85 -20.89 20.56
N THR H 84 -4.92 -21.72 20.48
CA THR H 84 -4.89 -23.17 20.76
C THR H 84 -3.92 -23.86 19.80
N PHE H 85 -3.91 -23.43 18.52
CA PHE H 85 -3.07 -23.99 17.45
C PHE H 85 -1.93 -23.05 17.02
N ALA H 86 -1.54 -22.08 17.87
CA ALA H 86 -0.46 -21.13 17.59
C ALA H 86 0.93 -21.80 17.51
N THR H 87 1.24 -22.74 18.42
CA THR H 87 2.53 -23.46 18.39
C THR H 87 2.50 -24.56 17.32
N LEU H 88 1.31 -25.14 17.05
CA LEU H 88 1.14 -26.16 16.01
C LEU H 88 1.23 -25.53 14.62
N SER H 89 0.84 -24.25 14.49
CA SER H 89 0.95 -23.51 13.23
C SER H 89 2.42 -23.21 12.93
N GLU H 90 3.26 -23.01 13.97
CA GLU H 90 4.69 -22.79 13.81
C GLU H 90 5.36 -24.06 13.28
N LEU H 91 4.95 -25.23 13.80
CA LEU H 91 5.45 -26.55 13.47
C LEU H 91 5.12 -26.95 12.03
N HIS H 92 3.83 -26.86 11.64
CA HIS H 92 3.36 -27.22 10.30
C HIS H 92 3.78 -26.23 9.21
N CYS H 93 3.81 -24.93 9.56
CA CYS H 93 4.12 -23.84 8.61
C CYS H 93 5.62 -23.51 8.51
N ASP H 94 6.29 -23.18 9.63
CA ASP H 94 7.71 -22.81 9.59
C ASP H 94 8.68 -24.01 9.59
N LYS H 95 8.35 -25.11 10.30
CA LYS H 95 9.25 -26.24 10.36
C LYS H 95 9.01 -27.28 9.25
N LEU H 96 7.77 -27.80 9.12
CA LEU H 96 7.43 -28.85 8.13
C LEU H 96 7.14 -28.33 6.71
N HIS H 97 6.67 -27.07 6.60
CA HIS H 97 6.28 -26.40 5.36
C HIS H 97 5.18 -27.20 4.61
N VAL H 98 4.18 -27.67 5.38
CA VAL H 98 3.02 -28.39 4.85
C VAL H 98 2.15 -27.31 4.18
N ASP H 99 1.68 -27.56 2.95
CA ASP H 99 0.80 -26.60 2.27
C ASP H 99 -0.55 -26.50 3.02
N PRO H 100 -1.04 -25.27 3.32
CA PRO H 100 -2.28 -25.13 4.10
C PRO H 100 -3.48 -25.89 3.56
N GLU H 101 -3.55 -26.12 2.22
CA GLU H 101 -4.62 -26.87 1.54
C GLU H 101 -4.82 -28.28 2.13
N ASN H 102 -3.74 -28.89 2.66
CA ASN H 102 -3.77 -30.22 3.27
C ASN H 102 -4.54 -30.27 4.62
N PHE H 103 -4.62 -29.13 5.35
CA PHE H 103 -5.38 -29.04 6.61
C PHE H 103 -6.91 -29.11 6.29
N ARG H 104 -7.30 -28.53 5.13
CA ARG H 104 -8.66 -28.57 4.62
C ARG H 104 -9.02 -30.02 4.21
N LEU H 105 -8.03 -30.79 3.69
CA LEU H 105 -8.24 -32.17 3.28
C LEU H 105 -8.42 -33.07 4.49
N LEU H 106 -7.49 -33.02 5.45
CA LEU H 106 -7.55 -33.83 6.67
C LEU H 106 -8.86 -33.68 7.45
N GLY H 107 -9.35 -32.46 7.54
CA GLY H 107 -10.61 -32.14 8.20
C GLY H 107 -11.79 -32.81 7.53
N ASN H 108 -11.83 -32.78 6.18
CA ASN H 108 -12.91 -33.42 5.39
C ASN H 108 -12.90 -34.94 5.52
N VAL H 109 -11.68 -35.52 5.66
CA VAL H 109 -11.48 -36.96 5.88
C VAL H 109 -12.08 -37.33 7.26
N LEU H 110 -11.77 -36.55 8.30
CA LEU H 110 -12.35 -36.74 9.64
C LEU H 110 -13.90 -36.71 9.58
N VAL H 111 -14.47 -35.77 8.77
CA VAL H 111 -15.92 -35.62 8.56
C VAL H 111 -16.50 -36.90 7.94
N CYS H 112 -15.77 -37.54 7.01
CA CYS H 112 -16.20 -38.79 6.38
C CYS H 112 -16.21 -39.91 7.40
N VAL H 113 -15.18 -39.93 8.30
CA VAL H 113 -14.98 -40.91 9.36
C VAL H 113 -16.09 -40.78 10.40
N LEU H 114 -16.44 -39.55 10.79
CA LEU H 114 -17.49 -39.29 11.77
C LEU H 114 -18.85 -39.72 11.23
N ALA H 115 -19.09 -39.48 9.92
CA ALA H 115 -20.31 -39.89 9.22
C ALA H 115 -20.36 -41.42 9.14
N HIS H 116 -19.19 -42.05 8.93
CA HIS H 116 -18.99 -43.49 8.84
C HIS H 116 -19.31 -44.16 10.17
N HIS H 117 -18.81 -43.59 11.28
CA HIS H 117 -19.02 -44.11 12.61
C HIS H 117 -20.40 -43.84 13.19
N PHE H 118 -20.98 -42.64 12.97
CA PHE H 118 -22.25 -42.24 13.57
C PHE H 118 -23.53 -42.48 12.72
N GLY H 119 -23.35 -42.83 11.44
CA GLY H 119 -24.46 -43.11 10.50
C GLY H 119 -25.54 -42.06 10.43
N LYS H 120 -26.78 -42.45 10.80
CA LYS H 120 -27.95 -41.58 10.79
C LYS H 120 -27.89 -40.43 11.84
N GLU H 121 -27.11 -40.62 12.94
CA GLU H 121 -26.94 -39.61 13.99
C GLU H 121 -26.12 -38.40 13.50
N PHE H 122 -25.39 -38.57 12.38
CA PHE H 122 -24.62 -37.53 11.72
C PHE H 122 -25.49 -36.88 10.61
N THR H 123 -26.61 -36.26 11.04
CA THR H 123 -27.60 -35.59 10.19
C THR H 123 -26.94 -34.41 9.45
N PRO H 124 -27.45 -33.95 8.27
CA PRO H 124 -26.81 -32.80 7.60
C PRO H 124 -26.56 -31.60 8.53
N PRO H 125 -27.52 -31.11 9.41
CA PRO H 125 -27.15 -30.00 10.34
C PRO H 125 -25.92 -30.30 11.22
N VAL H 126 -25.74 -31.59 11.59
CA VAL H 126 -24.62 -32.08 12.38
C VAL H 126 -23.31 -31.95 11.56
N GLN H 127 -23.36 -32.29 10.25
CA GLN H 127 -22.19 -32.15 9.39
C GLN H 127 -21.78 -30.69 9.27
N ALA H 128 -22.74 -29.78 9.01
CA ALA H 128 -22.53 -28.34 8.84
C ALA H 128 -21.74 -27.77 10.00
N ALA H 129 -22.13 -28.12 11.24
CA ALA H 129 -21.47 -27.70 12.47
C ALA H 129 -20.04 -28.24 12.53
N TYR H 130 -19.82 -29.53 12.17
CA TYR H 130 -18.48 -30.14 12.13
C TYR H 130 -17.64 -29.59 10.98
N GLN H 131 -18.29 -29.14 9.91
CA GLN H 131 -17.67 -28.52 8.73
C GLN H 131 -17.17 -27.13 9.13
N LYS H 132 -17.90 -26.44 10.02
CA LYS H 132 -17.49 -25.15 10.58
C LYS H 132 -16.25 -25.36 11.48
N VAL H 133 -16.26 -26.42 12.32
CA VAL H 133 -15.15 -26.76 13.22
C VAL H 133 -13.86 -27.02 12.44
N VAL H 134 -13.93 -27.93 11.42
CA VAL H 134 -12.78 -28.27 10.58
C VAL H 134 -12.28 -27.05 9.75
N ALA H 135 -13.17 -26.12 9.38
CA ALA H 135 -12.80 -24.90 8.65
C ALA H 135 -11.98 -24.00 9.58
N GLY H 136 -12.45 -23.84 10.82
CA GLY H 136 -11.77 -23.05 11.85
C GLY H 136 -10.43 -23.63 12.24
N VAL H 137 -10.34 -24.97 12.45
CA VAL H 137 -9.11 -25.68 12.79
C VAL H 137 -8.05 -25.49 11.67
N ALA H 138 -8.45 -25.68 10.39
CA ALA H 138 -7.57 -25.51 9.22
C ALA H 138 -7.05 -24.08 9.09
N ASN H 139 -7.95 -23.08 9.24
CA ASN H 139 -7.61 -21.66 9.17
C ASN H 139 -6.63 -21.29 10.29
N ALA H 140 -6.90 -21.77 11.52
CA ALA H 140 -6.07 -21.56 12.71
C ALA H 140 -4.73 -22.26 12.63
N LEU H 141 -4.61 -23.27 11.76
CA LEU H 141 -3.36 -24.00 11.62
C LEU H 141 -2.46 -23.34 10.56
N ALA H 142 -2.99 -22.33 9.85
CA ALA H 142 -2.27 -21.66 8.77
C ALA H 142 -2.12 -20.14 8.90
N HIS H 143 -2.28 -19.56 10.11
CA HIS H 143 -2.19 -18.10 10.25
C HIS H 143 -0.75 -17.52 10.09
N LYS H 144 0.21 -18.37 9.67
CA LYS H 144 1.59 -17.95 9.34
C LYS H 144 1.74 -17.79 7.80
N TYR H 145 0.57 -17.80 7.09
CA TYR H 145 0.42 -17.67 5.63
C TYR H 145 -0.67 -16.63 5.24
N HIS H 146 -1.52 -16.24 6.22
CA HIS H 146 -2.63 -15.29 6.05
C HIS H 146 -2.16 -13.87 5.71
N LEU I 2 31.31 32.55 -20.23
CA LEU I 2 30.02 33.12 -19.82
C LEU I 2 30.00 34.62 -20.03
N SER I 3 29.15 35.10 -20.95
CA SER I 3 28.98 36.52 -21.24
C SER I 3 28.19 37.20 -20.09
N PRO I 4 28.18 38.55 -19.95
CA PRO I 4 27.35 39.16 -18.88
C PRO I 4 25.86 38.88 -19.11
N ALA I 5 25.47 38.78 -20.41
CA ALA I 5 24.11 38.43 -20.86
C ALA I 5 23.71 37.05 -20.31
N ASP I 6 24.68 36.10 -20.28
CA ASP I 6 24.46 34.75 -19.77
C ASP I 6 24.23 34.79 -18.28
N LYS I 7 25.12 35.51 -17.54
CA LYS I 7 25.06 35.70 -16.08
C LYS I 7 23.70 36.28 -15.66
N THR I 8 23.19 37.30 -16.40
CA THR I 8 21.89 37.94 -16.18
C THR I 8 20.74 36.90 -16.29
N ASN I 9 20.73 36.12 -17.40
CA ASN I 9 19.78 35.06 -17.70
C ASN I 9 19.80 33.97 -16.64
N VAL I 10 21.00 33.58 -16.18
CA VAL I 10 21.19 32.57 -15.12
C VAL I 10 20.68 33.08 -13.76
N LYS I 11 21.10 34.31 -13.34
CA LYS I 11 20.69 34.91 -12.06
C LYS I 11 19.18 35.08 -11.97
N ALA I 12 18.55 35.53 -13.09
CA ALA I 12 17.11 35.75 -13.17
C ALA I 12 16.32 34.44 -13.13
N ALA I 13 16.74 33.41 -13.90
CA ALA I 13 16.08 32.09 -13.94
C ALA I 13 16.17 31.41 -12.58
N TRP I 14 17.39 31.28 -12.03
CA TRP I 14 17.63 30.66 -10.74
C TRP I 14 16.95 31.39 -9.58
N GLY I 15 16.68 32.69 -9.79
CA GLY I 15 16.00 33.58 -8.85
C GLY I 15 14.54 33.25 -8.62
N LYS I 16 13.87 32.61 -9.62
CA LYS I 16 12.46 32.20 -9.53
C LYS I 16 12.37 30.85 -8.78
N VAL I 17 13.49 30.08 -8.74
CA VAL I 17 13.61 28.79 -8.05
C VAL I 17 13.49 29.03 -6.54
N GLY I 18 14.39 29.89 -6.02
CA GLY I 18 14.47 30.31 -4.62
C GLY I 18 14.28 29.22 -3.60
N ALA I 19 13.05 29.15 -3.04
CA ALA I 19 12.65 28.18 -2.01
C ALA I 19 12.69 26.75 -2.53
N HIS I 20 12.25 26.56 -3.77
CA HIS I 20 12.18 25.25 -4.42
C HIS I 20 13.54 24.61 -4.80
N ALA I 21 14.68 25.28 -4.47
CA ALA I 21 16.03 24.79 -4.79
C ALA I 21 16.23 23.30 -4.49
N GLY I 22 15.95 22.87 -3.27
CA GLY I 22 16.07 21.48 -2.84
C GLY I 22 14.98 20.56 -3.35
N GLU I 23 13.82 21.12 -3.72
CA GLU I 23 12.69 20.37 -4.26
C GLU I 23 13.01 19.99 -5.72
N TYR I 24 13.57 20.96 -6.48
CA TYR I 24 13.95 20.84 -7.89
C TYR I 24 15.22 20.00 -8.03
N GLY I 25 16.19 20.23 -7.12
CA GLY I 25 17.45 19.49 -7.06
C GLY I 25 17.23 18.00 -6.89
N ALA I 26 16.26 17.62 -6.03
CA ALA I 26 15.89 16.23 -5.75
C ALA I 26 15.23 15.58 -6.99
N GLU I 27 14.35 16.33 -7.68
CA GLU I 27 13.64 15.91 -8.90
C GLU I 27 14.67 15.64 -10.03
N ALA I 28 15.73 16.50 -10.12
CA ALA I 28 16.83 16.41 -11.07
C ALA I 28 17.60 15.10 -10.91
N LEU I 29 17.79 14.66 -9.64
CA LEU I 29 18.46 13.42 -9.27
C LEU I 29 17.56 12.24 -9.62
N GLU I 30 16.25 12.32 -9.30
CA GLU I 30 15.26 11.27 -9.62
C GLU I 30 15.18 11.06 -11.13
N ARG I 31 15.21 12.17 -11.88
CA ARG I 31 15.21 12.19 -13.34
C ARG I 31 16.48 11.51 -13.85
N MET I 32 17.62 11.80 -13.19
CA MET I 32 18.91 11.22 -13.51
C MET I 32 18.96 9.72 -13.23
N PHE I 33 18.63 9.28 -12.00
CA PHE I 33 18.60 7.87 -11.59
C PHE I 33 17.70 7.00 -12.46
N LEU I 34 16.50 7.52 -12.84
CA LEU I 34 15.51 6.82 -13.66
C LEU I 34 15.82 6.80 -15.16
N SER I 35 16.33 7.92 -15.72
CA SER I 35 16.65 8.00 -17.15
C SER I 35 18.01 7.38 -17.45
N PHE I 36 19.01 7.69 -16.61
CA PHE I 36 20.39 7.20 -16.76
C PHE I 36 20.74 6.31 -15.54
N PRO I 37 20.38 5.00 -15.58
CA PRO I 37 20.67 4.12 -14.41
C PRO I 37 22.14 3.95 -14.02
N THR I 38 23.05 4.15 -14.97
CA THR I 38 24.51 4.06 -14.76
C THR I 38 25.04 5.11 -13.77
N THR I 39 24.15 5.99 -13.27
CA THR I 39 24.47 7.05 -12.32
C THR I 39 24.22 6.57 -10.89
N LYS I 40 23.38 5.53 -10.73
CA LYS I 40 23.06 4.90 -9.44
C LYS I 40 24.28 4.07 -8.95
N THR I 41 25.28 3.90 -9.85
CA THR I 41 26.58 3.25 -9.67
C THR I 41 27.42 4.01 -8.65
N TYR I 42 26.97 5.23 -8.31
CA TYR I 42 27.63 6.15 -7.38
C TYR I 42 26.90 6.27 -6.04
N PHE I 43 25.69 5.73 -5.97
CA PHE I 43 24.87 5.81 -4.76
C PHE I 43 24.39 4.41 -4.31
N PRO I 44 25.29 3.38 -4.10
CA PRO I 44 24.80 2.06 -3.64
C PRO I 44 24.33 2.07 -2.19
N HIS I 45 24.72 3.10 -1.45
CA HIS I 45 24.41 3.37 -0.05
C HIS I 45 23.20 4.34 0.06
N PHE I 46 22.34 4.35 -0.99
CA PHE I 46 21.18 5.25 -1.07
C PHE I 46 19.85 4.58 -1.34
N ASP I 47 18.77 5.15 -0.76
CA ASP I 47 17.39 4.77 -1.01
C ASP I 47 17.02 5.72 -2.14
N LEU I 48 16.85 5.17 -3.34
CA LEU I 48 16.60 5.97 -4.54
C LEU I 48 15.10 6.04 -4.90
N SER I 49 14.21 5.64 -3.96
CA SER I 49 12.76 5.65 -4.16
C SER I 49 12.20 7.07 -4.17
N HIS I 50 10.99 7.26 -4.74
CA HIS I 50 10.37 8.58 -4.77
C HIS I 50 9.88 8.96 -3.36
N GLY I 51 10.36 10.09 -2.85
CA GLY I 51 10.02 10.60 -1.54
C GLY I 51 11.05 10.26 -0.47
N SER I 52 12.19 9.71 -0.91
CA SER I 52 13.30 9.33 -0.05
C SER I 52 13.99 10.58 0.48
N ALA I 53 14.15 10.66 1.82
CA ALA I 53 14.77 11.78 2.49
C ALA I 53 16.27 11.88 2.17
N GLN I 54 16.92 10.73 1.90
CA GLN I 54 18.33 10.63 1.54
C GLN I 54 18.60 11.27 0.15
N VAL I 55 17.56 11.35 -0.73
CA VAL I 55 17.64 12.00 -2.05
C VAL I 55 17.08 13.44 -1.95
N LYS I 56 16.03 13.65 -1.11
CA LYS I 56 15.44 14.98 -0.87
C LYS I 56 16.49 15.87 -0.19
N GLY I 57 17.33 15.24 0.63
CA GLY I 57 18.44 15.87 1.34
C GLY I 57 19.65 16.06 0.45
N HIS I 58 19.90 15.11 -0.47
CA HIS I 58 20.99 15.24 -1.43
C HIS I 58 20.68 16.32 -2.48
N GLY I 59 19.38 16.44 -2.81
CA GLY I 59 18.84 17.46 -3.71
C GLY I 59 19.20 18.84 -3.23
N LYS I 60 18.93 19.12 -1.94
CA LYS I 60 19.24 20.38 -1.24
C LYS I 60 20.72 20.73 -1.34
N LYS I 61 21.61 19.73 -1.11
CA LYS I 61 23.08 19.88 -1.16
C LYS I 61 23.58 20.30 -2.53
N VAL I 62 23.15 19.60 -3.61
CA VAL I 62 23.55 19.91 -4.99
C VAL I 62 23.01 21.29 -5.37
N ALA I 63 21.74 21.57 -5.02
CA ALA I 63 21.07 22.84 -5.33
C ALA I 63 21.71 24.07 -4.71
N ASP I 64 21.99 24.02 -3.39
CA ASP I 64 22.60 25.12 -2.66
C ASP I 64 24.04 25.38 -3.13
N ALA I 65 24.73 24.33 -3.63
CA ALA I 65 26.07 24.44 -4.23
C ALA I 65 25.97 25.24 -5.55
N LEU I 66 24.83 25.07 -6.29
CA LEU I 66 24.53 25.79 -7.52
C LEU I 66 24.12 27.23 -7.19
N THR I 67 23.42 27.44 -6.05
CA THR I 67 23.02 28.78 -5.60
C THR I 67 24.27 29.60 -5.25
N ASN I 68 25.29 28.93 -4.68
CA ASN I 68 26.58 29.56 -4.34
C ASN I 68 27.36 29.86 -5.62
N ALA I 69 27.21 29.01 -6.65
CA ALA I 69 27.84 29.19 -7.96
C ALA I 69 27.28 30.42 -8.68
N VAL I 70 25.96 30.71 -8.54
CA VAL I 70 25.36 31.90 -9.16
C VAL I 70 25.79 33.17 -8.41
N ALA I 71 26.00 33.07 -7.06
CA ALA I 71 26.40 34.17 -6.18
C ALA I 71 27.71 34.82 -6.63
N HIS I 72 28.78 34.02 -6.82
CA HIS I 72 30.07 34.52 -7.31
C HIS I 72 30.45 33.79 -8.59
N VAL I 73 29.66 34.05 -9.66
CA VAL I 73 29.77 33.52 -11.02
C VAL I 73 31.13 33.85 -11.68
N ASP I 74 31.82 34.91 -11.21
CA ASP I 74 33.15 35.32 -11.70
C ASP I 74 34.23 34.52 -10.96
N ASP I 75 33.95 34.12 -9.70
CA ASP I 75 34.83 33.35 -8.82
C ASP I 75 34.41 31.87 -8.80
N MET I 76 34.04 31.34 -9.98
CA MET I 76 33.56 29.97 -10.14
C MET I 76 34.63 28.87 -9.79
N PRO I 77 35.94 28.92 -10.18
CA PRO I 77 36.87 27.85 -9.79
C PRO I 77 37.28 27.90 -8.32
N ASN I 78 37.07 29.07 -7.68
CA ASN I 78 37.39 29.27 -6.27
C ASN I 78 36.25 28.89 -5.34
N ALA I 79 34.99 29.25 -5.69
CA ALA I 79 33.82 28.95 -4.85
C ALA I 79 33.51 27.46 -4.73
N LEU I 80 33.81 26.67 -5.79
CA LEU I 80 33.59 25.22 -5.85
C LEU I 80 34.85 24.43 -5.44
N SER I 81 35.68 25.01 -4.54
CA SER I 81 36.94 24.43 -4.05
C SER I 81 36.75 23.11 -3.30
N ALA I 82 35.92 23.12 -2.24
CA ALA I 82 35.63 21.94 -1.42
C ALA I 82 34.83 20.89 -2.20
N LEU I 83 34.08 21.34 -3.23
CA LEU I 83 33.24 20.51 -4.09
C LEU I 83 34.00 19.80 -5.20
N SER I 84 34.97 20.49 -5.87
CA SER I 84 35.77 19.90 -6.95
C SER I 84 36.62 18.72 -6.45
N ASP I 85 37.38 18.90 -5.34
CA ASP I 85 38.23 17.87 -4.72
C ASP I 85 37.43 16.74 -4.08
N LEU I 86 36.15 17.00 -3.74
CA LEU I 86 35.23 16.03 -3.14
C LEU I 86 34.99 14.86 -4.11
N HIS I 87 34.57 15.14 -5.36
CA HIS I 87 34.37 14.08 -6.36
C HIS I 87 35.62 13.83 -7.21
N ALA I 88 36.71 14.60 -7.00
CA ALA I 88 37.98 14.45 -7.73
C ALA I 88 39.00 13.58 -6.98
N HIS I 89 38.77 13.31 -5.67
CA HIS I 89 39.65 12.51 -4.82
C HIS I 89 38.89 11.55 -3.88
N LYS I 90 37.81 12.03 -3.23
CA LYS I 90 37.02 11.20 -2.31
C LYS I 90 35.94 10.50 -3.12
N LEU I 91 36.31 9.33 -3.69
CA LEU I 91 35.47 8.46 -4.53
C LEU I 91 34.99 9.23 -5.79
N ARG I 92 35.87 9.24 -6.79
CA ARG I 92 35.74 9.94 -8.07
C ARG I 92 34.54 9.52 -8.91
N VAL I 93 34.05 10.47 -9.73
CA VAL I 93 32.91 10.32 -10.64
C VAL I 93 33.41 10.53 -12.08
N ASP I 94 33.04 9.63 -13.00
CA ASP I 94 33.43 9.77 -14.40
C ASP I 94 32.76 11.04 -14.99
N PRO I 95 33.56 11.90 -15.69
CA PRO I 95 33.02 13.19 -16.20
C PRO I 95 31.74 13.16 -17.06
N VAL I 96 31.41 11.99 -17.65
CA VAL I 96 30.23 11.78 -18.49
C VAL I 96 28.92 12.01 -17.70
N ASN I 97 28.89 11.57 -16.43
CA ASN I 97 27.72 11.71 -15.55
C ASN I 97 27.34 13.16 -15.27
N PHE I 98 28.31 14.11 -15.37
CA PHE I 98 28.08 15.55 -15.17
C PHE I 98 27.18 16.15 -16.24
N LYS I 99 27.30 15.65 -17.49
CA LYS I 99 26.46 16.04 -18.63
C LYS I 99 25.04 15.51 -18.38
N LEU I 100 24.94 14.36 -17.70
CA LEU I 100 23.69 13.70 -17.40
C LEU I 100 22.89 14.44 -16.33
N LEU I 101 23.54 14.87 -15.23
CA LEU I 101 22.87 15.64 -14.17
C LEU I 101 22.48 17.03 -14.65
N SER I 102 23.33 17.65 -15.50
CA SER I 102 23.09 18.95 -16.12
C SER I 102 21.80 18.94 -16.97
N HIS I 103 21.68 17.95 -17.86
CA HIS I 103 20.51 17.75 -18.73
C HIS I 103 19.25 17.61 -17.87
N CYS I 104 19.33 16.81 -16.80
CA CYS I 104 18.23 16.59 -15.88
C CYS I 104 17.90 17.84 -15.05
N LEU I 105 18.89 18.70 -14.77
CA LEU I 105 18.68 19.97 -14.10
C LEU I 105 17.90 20.92 -15.05
N LEU I 106 18.27 20.96 -16.36
CA LEU I 106 17.59 21.77 -17.40
C LEU I 106 16.16 21.31 -17.60
N VAL I 107 15.94 19.99 -17.70
CA VAL I 107 14.62 19.35 -17.86
C VAL I 107 13.69 19.79 -16.74
N THR I 108 14.18 19.76 -15.48
CA THR I 108 13.47 20.13 -14.27
C THR I 108 13.07 21.61 -14.36
N LEU I 109 14.06 22.50 -14.61
CA LEU I 109 13.86 23.94 -14.74
C LEU I 109 12.84 24.26 -15.83
N ALA I 110 12.92 23.57 -16.98
CA ALA I 110 12.00 23.74 -18.10
C ALA I 110 10.56 23.41 -17.71
N ALA I 111 10.36 22.33 -16.92
CA ALA I 111 9.04 21.86 -16.48
C ALA I 111 8.45 22.67 -15.32
N HIS I 112 9.17 23.69 -14.84
CA HIS I 112 8.72 24.57 -13.76
C HIS I 112 8.77 26.04 -14.12
N LEU I 113 9.54 26.40 -15.16
CA LEU I 113 9.70 27.78 -15.62
C LEU I 113 9.16 27.99 -17.04
N PRO I 114 7.82 28.02 -17.28
CA PRO I 114 7.31 28.24 -18.65
C PRO I 114 7.67 29.61 -19.22
N ALA I 115 7.51 30.67 -18.41
CA ALA I 115 7.79 32.04 -18.85
C ALA I 115 9.28 32.36 -18.88
N GLU I 116 10.10 31.68 -18.06
CA GLU I 116 11.53 31.97 -17.98
C GLU I 116 12.39 31.15 -18.93
N PHE I 117 12.04 29.86 -19.21
CA PHE I 117 12.86 28.96 -20.04
C PHE I 117 12.83 29.27 -21.56
N THR I 118 13.24 30.50 -21.93
CA THR I 118 13.32 30.96 -23.33
C THR I 118 14.59 30.37 -23.95
N PRO I 119 14.67 30.22 -25.30
CA PRO I 119 15.91 29.70 -25.93
C PRO I 119 17.21 30.33 -25.45
N ALA I 120 17.22 31.64 -25.21
CA ALA I 120 18.40 32.38 -24.72
C ALA I 120 18.75 32.01 -23.29
N VAL I 121 17.72 31.82 -22.42
CA VAL I 121 17.90 31.43 -21.00
C VAL I 121 18.37 29.98 -20.96
N HIS I 122 17.83 29.14 -21.87
CA HIS I 122 18.19 27.74 -22.05
C HIS I 122 19.67 27.66 -22.47
N ALA I 123 20.10 28.45 -23.48
CA ALA I 123 21.49 28.50 -23.95
C ALA I 123 22.46 28.91 -22.83
N SER I 124 22.04 29.90 -22.00
CA SER I 124 22.78 30.41 -20.86
C SER I 124 22.91 29.38 -19.75
N LEU I 125 21.76 28.83 -19.31
CA LEU I 125 21.69 27.83 -18.22
C LEU I 125 22.52 26.59 -18.54
N ASP I 126 22.43 26.10 -19.79
CA ASP I 126 23.19 24.96 -20.29
C ASP I 126 24.71 25.25 -20.14
N LYS I 127 25.17 26.41 -20.66
CA LYS I 127 26.56 26.91 -20.58
C LYS I 127 27.04 27.03 -19.15
N PHE I 128 26.12 27.42 -18.24
CA PHE I 128 26.40 27.58 -16.82
C PHE I 128 26.63 26.23 -16.20
N LEU I 129 25.78 25.22 -16.51
CA LEU I 129 25.93 23.87 -15.97
C LEU I 129 27.19 23.20 -16.54
N ALA I 130 27.53 23.49 -17.80
CA ALA I 130 28.75 23.01 -18.44
C ALA I 130 29.98 23.57 -17.69
N SER I 131 29.99 24.91 -17.42
CA SER I 131 31.03 25.61 -16.66
C SER I 131 31.18 25.05 -15.24
N VAL I 132 30.06 24.81 -14.51
CA VAL I 132 30.08 24.22 -13.15
C VAL I 132 30.78 22.84 -13.23
N SER I 133 30.39 22.03 -14.21
CA SER I 133 30.90 20.69 -14.45
C SER I 133 32.37 20.66 -14.85
N THR I 134 32.81 21.68 -15.62
CA THR I 134 34.20 21.84 -16.08
C THR I 134 35.14 22.04 -14.89
N VAL I 135 34.68 22.86 -13.92
CA VAL I 135 35.35 23.19 -12.66
C VAL I 135 35.40 21.94 -11.77
N LEU I 136 34.25 21.26 -11.57
CA LEU I 136 34.16 20.04 -10.74
C LEU I 136 34.99 18.86 -11.26
N THR I 137 35.44 18.93 -12.53
CA THR I 137 36.26 17.90 -13.17
C THR I 137 37.69 18.39 -13.53
N SER I 138 38.03 19.65 -13.19
CA SER I 138 39.32 20.31 -13.46
C SER I 138 40.51 19.75 -12.68
N LYS I 139 40.29 19.27 -11.44
CA LYS I 139 41.38 18.79 -10.58
C LYS I 139 41.46 17.25 -10.55
N TYR I 140 41.52 16.62 -11.74
CA TYR I 140 41.61 15.16 -11.88
C TYR I 140 43.09 14.74 -11.98
N ARG I 141 43.74 14.80 -10.81
CA ARG I 141 45.15 14.48 -10.55
C ARG I 141 45.25 13.35 -9.51
N HIS J 2 13.04 -1.57 -26.59
CA HIS J 2 13.09 -2.06 -25.21
C HIS J 2 12.22 -1.22 -24.27
N LEU J 3 10.97 -0.95 -24.69
CA LEU J 3 9.99 -0.15 -23.95
C LEU J 3 8.86 -1.02 -23.39
N THR J 4 8.53 -0.83 -22.10
CA THR J 4 7.47 -1.58 -21.40
C THR J 4 6.10 -1.07 -21.86
N PRO J 5 5.01 -1.88 -21.75
CA PRO J 5 3.68 -1.36 -22.13
C PRO J 5 3.33 -0.02 -21.48
N GLU J 6 3.70 0.18 -20.19
CA GLU J 6 3.50 1.41 -19.41
C GLU J 6 4.27 2.60 -20.04
N GLU J 7 5.53 2.36 -20.48
CA GLU J 7 6.39 3.37 -21.11
C GLU J 7 5.83 3.75 -22.48
N LYS J 8 5.57 2.73 -23.34
CA LYS J 8 5.00 2.92 -24.69
C LYS J 8 3.70 3.71 -24.58
N SER J 9 2.87 3.42 -23.56
CA SER J 9 1.62 4.14 -23.30
C SER J 9 1.91 5.57 -22.86
N ALA J 10 2.92 5.79 -22.00
CA ALA J 10 3.30 7.15 -21.56
C ALA J 10 3.74 7.99 -22.76
N VAL J 11 4.58 7.39 -23.63
CA VAL J 11 5.10 8.00 -24.85
C VAL J 11 3.94 8.42 -25.76
N THR J 12 3.11 7.45 -26.20
CA THR J 12 1.99 7.68 -27.11
C THR J 12 0.94 8.61 -26.51
N ALA J 13 0.60 8.44 -25.21
CA ALA J 13 -0.39 9.29 -24.52
C ALA J 13 0.02 10.76 -24.56
N LEU J 14 1.31 11.06 -24.34
CA LEU J 14 1.82 12.43 -24.39
C LEU J 14 1.97 12.89 -25.83
N TRP J 15 2.43 12.00 -26.73
CA TRP J 15 2.66 12.34 -28.13
C TRP J 15 1.42 12.82 -28.88
N GLY J 16 0.27 12.25 -28.53
CA GLY J 16 -1.03 12.62 -29.10
C GLY J 16 -1.32 14.08 -28.87
N LYS J 17 -1.05 14.54 -27.63
CA LYS J 17 -1.21 15.92 -27.17
C LYS J 17 -0.20 16.91 -27.80
N VAL J 18 0.85 16.40 -28.48
CA VAL J 18 1.93 17.21 -29.11
C VAL J 18 1.47 17.88 -30.43
N ASN J 19 1.80 19.18 -30.60
CA ASN J 19 1.56 19.94 -31.84
C ASN J 19 2.85 19.78 -32.65
N VAL J 20 2.89 18.71 -33.45
CA VAL J 20 4.05 18.27 -34.26
C VAL J 20 4.72 19.40 -35.07
N ASP J 21 3.89 20.30 -35.67
CA ASP J 21 4.35 21.45 -36.47
C ASP J 21 5.25 22.34 -35.59
N GLU J 22 4.68 22.84 -34.47
CA GLU J 22 5.30 23.73 -33.52
C GLU J 22 6.52 23.15 -32.81
N VAL J 23 6.40 21.97 -32.16
CA VAL J 23 7.49 21.32 -31.39
C VAL J 23 8.75 21.11 -32.23
N GLY J 24 8.60 20.60 -33.45
CA GLY J 24 9.70 20.36 -34.37
C GLY J 24 10.59 21.57 -34.60
N GLY J 25 9.96 22.67 -34.99
CA GLY J 25 10.62 23.94 -35.25
C GLY J 25 11.14 24.61 -34.00
N GLU J 26 10.52 24.31 -32.85
CA GLU J 26 10.94 24.84 -31.55
C GLU J 26 12.24 24.12 -31.14
N ALA J 27 12.29 22.78 -31.30
CA ALA J 27 13.44 21.95 -30.95
C ALA J 27 14.62 22.20 -31.89
N LEU J 28 14.38 22.32 -33.20
CA LEU J 28 15.46 22.60 -34.15
C LEU J 28 16.03 23.99 -33.89
N GLY J 29 15.16 24.96 -33.61
CA GLY J 29 15.55 26.33 -33.31
C GLY J 29 16.50 26.38 -32.11
N ARG J 30 16.06 25.77 -30.99
CA ARG J 30 16.80 25.68 -29.74
C ARG J 30 18.14 24.94 -29.90
N LEU J 31 18.22 23.97 -30.82
CA LEU J 31 19.46 23.26 -31.10
C LEU J 31 20.46 24.28 -31.66
N LEU J 32 20.03 25.11 -32.65
CA LEU J 32 20.88 26.15 -33.26
C LEU J 32 21.25 27.27 -32.28
N VAL J 33 20.41 27.53 -31.27
CA VAL J 33 20.66 28.58 -30.26
C VAL J 33 21.60 28.04 -29.17
N VAL J 34 21.19 26.93 -28.48
CA VAL J 34 21.93 26.28 -27.39
C VAL J 34 23.32 25.82 -27.84
N TYR J 35 23.39 25.10 -28.98
CA TYR J 35 24.64 24.60 -29.57
C TYR J 35 24.82 25.34 -30.89
N PRO J 36 25.38 26.60 -30.85
CA PRO J 36 25.48 27.40 -32.09
C PRO J 36 26.29 26.78 -33.21
N TRP J 37 27.20 25.86 -32.86
CA TRP J 37 28.04 25.17 -33.84
C TRP J 37 27.22 24.37 -34.83
N THR J 38 26.00 23.97 -34.50
CA THR J 38 25.17 23.15 -35.40
C THR J 38 24.58 23.97 -36.61
N GLN J 39 24.92 25.28 -36.71
CA GLN J 39 24.43 26.21 -37.72
C GLN J 39 24.99 26.04 -39.17
N ARG J 40 26.25 25.54 -39.38
CA ARG J 40 26.76 25.41 -40.78
C ARG J 40 25.96 24.41 -41.61
N PHE J 41 25.31 23.42 -40.97
CA PHE J 41 24.47 22.47 -41.69
C PHE J 41 23.24 23.17 -42.31
N PHE J 42 23.02 24.47 -41.94
CA PHE J 42 21.87 25.29 -42.37
C PHE J 42 22.25 26.75 -42.79
N GLU J 43 23.38 26.93 -43.50
CA GLU J 43 23.79 28.27 -43.94
C GLU J 43 22.86 28.84 -45.04
N SER J 44 22.07 27.97 -45.73
CA SER J 44 21.11 28.37 -46.77
C SER J 44 19.83 28.97 -46.17
N PHE J 45 19.51 28.57 -44.93
CA PHE J 45 18.31 28.94 -44.17
C PHE J 45 18.21 30.44 -43.85
N GLY J 46 19.31 31.17 -44.00
CA GLY J 46 19.35 32.62 -43.82
C GLY J 46 19.93 33.11 -42.52
N ASP J 47 19.32 34.21 -42.01
CA ASP J 47 19.70 34.89 -40.78
C ASP J 47 19.47 34.00 -39.56
N LEU J 48 20.54 33.73 -38.80
CA LEU J 48 20.53 32.93 -37.57
C LEU J 48 21.38 33.63 -36.50
N SER J 49 21.46 34.98 -36.59
CA SER J 49 22.26 35.88 -35.74
C SER J 49 21.87 35.87 -34.26
N THR J 50 20.57 36.06 -33.99
CA THR J 50 20.06 36.12 -32.63
C THR J 50 19.08 34.99 -32.36
N PRO J 51 18.88 34.56 -31.09
CA PRO J 51 17.87 33.51 -30.82
C PRO J 51 16.53 33.81 -31.50
N ASP J 52 16.04 35.06 -31.42
CA ASP J 52 14.80 35.51 -32.05
C ASP J 52 14.80 35.26 -33.57
N ALA J 53 15.92 35.57 -34.25
CA ALA J 53 16.08 35.36 -35.68
C ALA J 53 16.03 33.88 -36.00
N VAL J 54 16.76 33.06 -35.19
CA VAL J 54 16.78 31.58 -35.31
C VAL J 54 15.34 31.04 -35.13
N MET J 55 14.68 31.40 -34.00
CA MET J 55 13.33 30.94 -33.65
C MET J 55 12.25 31.34 -34.65
N GLY J 56 12.35 32.58 -35.16
CA GLY J 56 11.42 33.18 -36.12
C GLY J 56 11.89 33.14 -37.57
N ASN J 57 12.54 32.03 -37.94
CA ASN J 57 13.06 31.75 -39.27
C ASN J 57 12.11 30.76 -39.96
N PRO J 58 11.56 31.12 -41.16
CA PRO J 58 10.59 30.23 -41.81
C PRO J 58 11.16 28.91 -42.29
N LYS J 59 12.43 28.90 -42.72
CA LYS J 59 13.08 27.68 -43.21
C LYS J 59 13.41 26.71 -42.05
N VAL J 60 13.76 27.27 -40.88
CA VAL J 60 14.08 26.52 -39.65
C VAL J 60 12.81 25.84 -39.14
N LYS J 61 11.71 26.64 -39.04
CA LYS J 61 10.38 26.21 -38.62
C LYS J 61 9.82 25.13 -39.53
N ALA J 62 10.11 25.23 -40.85
CA ALA J 62 9.67 24.26 -41.87
C ALA J 62 10.46 22.95 -41.77
N HIS J 63 11.78 23.08 -41.54
CA HIS J 63 12.65 21.92 -41.42
C HIS J 63 12.32 21.10 -40.20
N GLY J 64 11.99 21.79 -39.11
CA GLY J 64 11.60 21.19 -37.84
C GLY J 64 10.43 20.23 -37.98
N LYS J 65 9.44 20.61 -38.80
CA LYS J 65 8.25 19.81 -39.12
C LYS J 65 8.65 18.53 -39.82
N LYS J 66 9.56 18.62 -40.83
CA LYS J 66 10.06 17.47 -41.58
C LYS J 66 10.78 16.52 -40.62
N VAL J 67 11.73 17.08 -39.81
CA VAL J 67 12.52 16.36 -38.79
C VAL J 67 11.63 15.62 -37.77
N LEU J 68 10.61 16.33 -37.22
CA LEU J 68 9.66 15.77 -36.24
C LEU J 68 8.61 14.84 -36.84
N GLY J 69 8.39 14.97 -38.16
CA GLY J 69 7.49 14.12 -38.91
C GLY J 69 8.06 12.71 -38.89
N ALA J 70 9.37 12.58 -39.23
CA ALA J 70 10.15 11.35 -39.21
C ALA J 70 10.14 10.70 -37.81
N PHE J 71 10.17 11.53 -36.73
CA PHE J 71 10.10 11.12 -35.33
C PHE J 71 8.77 10.44 -35.01
N SER J 72 7.63 11.07 -35.42
CA SER J 72 6.27 10.55 -35.23
C SER J 72 6.15 9.18 -35.90
N ASP J 73 6.74 9.06 -37.12
CA ASP J 73 6.81 7.85 -37.93
C ASP J 73 7.56 6.77 -37.15
N GLY J 74 8.78 7.09 -36.69
CA GLY J 74 9.62 6.19 -35.89
C GLY J 74 8.96 5.62 -34.65
N LEU J 75 7.94 6.33 -34.09
CA LEU J 75 7.19 5.88 -32.92
C LEU J 75 6.26 4.69 -33.21
N ALA J 76 5.95 4.46 -34.51
CA ALA J 76 5.11 3.35 -34.98
C ALA J 76 5.89 2.02 -35.01
N HIS J 77 7.22 2.08 -35.22
CA HIS J 77 8.09 0.89 -35.26
C HIS J 77 9.26 0.99 -34.26
N LEU J 78 8.95 1.08 -32.96
CA LEU J 78 9.95 1.14 -31.90
C LEU J 78 10.81 -0.14 -31.81
N ASP J 79 10.26 -1.26 -32.32
CA ASP J 79 10.94 -2.56 -32.33
C ASP J 79 11.95 -2.71 -33.48
N ASN J 80 11.80 -1.91 -34.55
CA ASN J 80 12.73 -1.90 -35.68
C ASN J 80 13.02 -0.45 -36.13
N LEU J 81 13.67 0.33 -35.24
CA LEU J 81 14.05 1.72 -35.48
C LEU J 81 15.15 1.80 -36.54
N LYS J 82 16.11 0.87 -36.46
CA LYS J 82 17.27 0.73 -37.34
C LYS J 82 16.82 0.51 -38.80
N GLY J 83 15.81 -0.33 -39.01
CA GLY J 83 15.24 -0.59 -40.32
C GLY J 83 14.42 0.58 -40.85
N THR J 84 13.66 1.24 -39.94
CA THR J 84 12.82 2.40 -40.23
C THR J 84 13.68 3.60 -40.67
N PHE J 85 14.71 3.96 -39.90
CA PHE J 85 15.54 5.12 -40.25
C PHE J 85 16.75 4.79 -41.14
N ALA J 86 16.77 3.59 -41.75
CA ALA J 86 17.87 3.10 -42.62
C ALA J 86 18.23 4.03 -43.80
N THR J 87 17.24 4.47 -44.60
CA THR J 87 17.50 5.38 -45.74
C THR J 87 17.88 6.79 -45.24
N LEU J 88 17.28 7.24 -44.11
CA LEU J 88 17.60 8.52 -43.47
C LEU J 88 19.00 8.50 -42.85
N SER J 89 19.44 7.31 -42.35
CA SER J 89 20.76 7.07 -41.78
C SER J 89 21.77 7.15 -42.90
N GLU J 90 21.36 6.72 -44.10
CA GLU J 90 22.19 6.77 -45.30
C GLU J 90 22.25 8.20 -45.82
N LEU J 91 21.13 8.94 -45.79
CA LEU J 91 21.07 10.31 -46.32
C LEU J 91 21.92 11.32 -45.54
N HIS J 92 21.84 11.30 -44.19
CA HIS J 92 22.56 12.22 -43.30
C HIS J 92 24.07 12.00 -43.33
N CYS J 93 24.49 10.71 -43.28
CA CYS J 93 25.90 10.32 -43.24
C CYS J 93 26.49 9.96 -44.63
N ASP J 94 25.99 10.63 -45.73
CA ASP J 94 26.40 10.39 -47.13
C ASP J 94 26.26 11.61 -48.05
N LYS J 95 25.08 12.26 -48.01
CA LYS J 95 24.77 13.44 -48.83
C LYS J 95 24.70 14.70 -47.99
N LEU J 96 24.37 14.56 -46.69
CA LEU J 96 24.30 15.71 -45.79
C LEU J 96 25.55 15.92 -44.95
N HIS J 97 26.36 14.86 -44.75
CA HIS J 97 27.62 14.85 -43.98
C HIS J 97 27.39 15.34 -42.54
N VAL J 98 26.31 14.85 -41.92
CA VAL J 98 25.97 15.24 -40.55
C VAL J 98 26.53 14.25 -39.55
N ASP J 99 27.39 14.77 -38.66
CA ASP J 99 27.98 14.03 -37.57
C ASP J 99 26.82 13.51 -36.71
N PRO J 100 26.69 12.16 -36.55
CA PRO J 100 25.60 11.62 -35.74
C PRO J 100 25.59 12.07 -34.27
N GLU J 101 26.64 12.74 -33.81
CA GLU J 101 26.66 13.30 -32.44
C GLU J 101 25.58 14.36 -32.27
N ASN J 102 25.26 15.07 -33.38
CA ASN J 102 24.22 16.08 -33.42
C ASN J 102 22.82 15.50 -33.19
N PHE J 103 22.65 14.17 -33.41
CA PHE J 103 21.38 13.48 -33.18
C PHE J 103 21.07 13.37 -31.69
N ARG J 104 22.10 13.18 -30.84
CA ARG J 104 21.99 13.12 -29.38
C ARG J 104 21.59 14.49 -28.86
N LEU J 105 22.25 15.55 -29.36
CA LEU J 105 21.99 16.93 -29.00
C LEU J 105 20.55 17.29 -29.27
N LEU J 106 20.05 17.00 -30.50
CA LEU J 106 18.66 17.28 -30.86
C LEU J 106 17.67 16.55 -29.96
N GLY J 107 17.91 15.27 -29.68
CA GLY J 107 17.07 14.46 -28.80
C GLY J 107 16.95 15.03 -27.40
N ASN J 108 18.04 15.61 -26.88
CA ASN J 108 18.07 16.21 -25.56
C ASN J 108 17.36 17.55 -25.54
N VAL J 109 17.44 18.30 -26.67
CA VAL J 109 16.75 19.58 -26.84
C VAL J 109 15.26 19.28 -26.95
N LEU J 110 14.90 18.20 -27.67
CA LEU J 110 13.53 17.72 -27.79
C LEU J 110 12.93 17.41 -26.42
N VAL J 111 13.67 16.71 -25.53
CA VAL J 111 13.26 16.35 -24.16
C VAL J 111 12.94 17.62 -23.34
N CYS J 112 13.82 18.65 -23.42
CA CYS J 112 13.71 19.97 -22.79
C CYS J 112 12.45 20.70 -23.27
N VAL J 113 12.22 20.70 -24.61
CA VAL J 113 11.07 21.32 -25.26
C VAL J 113 9.78 20.68 -24.74
N LEU J 114 9.75 19.32 -24.69
CA LEU J 114 8.61 18.54 -24.18
C LEU J 114 8.37 18.86 -22.71
N ALA J 115 9.44 19.05 -21.92
CA ALA J 115 9.32 19.41 -20.50
C ALA J 115 8.72 20.80 -20.38
N HIS J 116 9.15 21.74 -21.25
CA HIS J 116 8.70 23.13 -21.32
C HIS J 116 7.25 23.28 -21.76
N HIS J 117 6.77 22.41 -22.65
CA HIS J 117 5.39 22.43 -23.16
C HIS J 117 4.42 21.75 -22.20
N PHE J 118 4.79 20.55 -21.70
CA PHE J 118 3.94 19.71 -20.85
C PHE J 118 4.10 19.92 -19.35
N GLY J 119 5.03 20.79 -18.94
CA GLY J 119 5.30 21.10 -17.54
C GLY J 119 5.27 19.89 -16.63
N LYS J 120 4.51 20.02 -15.54
CA LYS J 120 4.34 19.05 -14.43
C LYS J 120 4.02 17.61 -14.89
N GLU J 121 3.26 17.47 -15.98
CA GLU J 121 2.85 16.16 -16.50
C GLU J 121 3.99 15.38 -17.17
N PHE J 122 5.14 16.04 -17.44
CA PHE J 122 6.33 15.39 -18.01
C PHE J 122 7.17 14.91 -16.82
N THR J 123 6.61 13.94 -16.10
CA THR J 123 7.12 13.32 -14.88
C THR J 123 8.43 12.58 -15.12
N PRO J 124 9.30 12.38 -14.09
CA PRO J 124 10.53 11.59 -14.31
C PRO J 124 10.29 10.24 -15.03
N PRO J 125 9.26 9.40 -14.68
CA PRO J 125 9.04 8.16 -15.48
C PRO J 125 8.74 8.41 -16.96
N VAL J 126 7.96 9.49 -17.28
CA VAL J 126 7.63 9.93 -18.66
C VAL J 126 8.92 10.38 -19.37
N GLN J 127 9.83 11.10 -18.67
CA GLN J 127 11.12 11.50 -19.23
C GLN J 127 11.97 10.26 -19.56
N ALA J 128 12.09 9.33 -18.58
CA ALA J 128 12.83 8.07 -18.75
C ALA J 128 12.39 7.33 -20.01
N ALA J 129 11.06 7.32 -20.29
CA ALA J 129 10.47 6.69 -21.48
C ALA J 129 10.97 7.38 -22.77
N TYR J 130 10.92 8.73 -22.83
CA TYR J 130 11.42 9.47 -23.98
C TYR J 130 12.94 9.37 -24.13
N GLN J 131 13.73 9.32 -23.03
CA GLN J 131 15.19 9.16 -23.12
C GLN J 131 15.54 7.86 -23.82
N LYS J 132 14.75 6.80 -23.55
CA LYS J 132 14.93 5.51 -24.21
C LYS J 132 14.65 5.66 -25.72
N VAL J 133 13.59 6.41 -26.09
CA VAL J 133 13.16 6.68 -27.46
C VAL J 133 14.18 7.47 -28.26
N VAL J 134 14.55 8.67 -27.78
CA VAL J 134 15.48 9.57 -28.46
C VAL J 134 16.85 8.92 -28.65
N ALA J 135 17.32 8.08 -27.68
CA ALA J 135 18.60 7.37 -27.80
C ALA J 135 18.51 6.32 -28.89
N GLY J 136 17.35 5.63 -28.97
CA GLY J 136 17.06 4.60 -29.95
C GLY J 136 17.07 5.17 -31.37
N VAL J 137 16.36 6.30 -31.56
CA VAL J 137 16.26 7.04 -32.82
C VAL J 137 17.64 7.58 -33.20
N ALA J 138 18.38 8.13 -32.20
CA ALA J 138 19.74 8.65 -32.42
C ALA J 138 20.68 7.51 -32.87
N ASN J 139 20.58 6.32 -32.23
CA ASN J 139 21.42 5.18 -32.60
C ASN J 139 21.01 4.56 -33.93
N ALA J 140 19.69 4.57 -34.25
CA ALA J 140 19.13 4.01 -35.48
C ALA J 140 19.62 4.81 -36.68
N LEU J 141 19.56 6.13 -36.56
CA LEU J 141 19.96 7.12 -37.55
C LEU J 141 21.48 7.20 -37.74
N ALA J 142 22.27 6.58 -36.82
CA ALA J 142 23.74 6.54 -36.85
C ALA J 142 24.35 5.26 -37.43
N HIS J 143 23.53 4.19 -37.57
CA HIS J 143 23.87 2.81 -37.96
C HIS J 143 24.77 2.62 -39.22
N LYS J 144 25.13 3.70 -39.96
CA LYS J 144 26.10 3.64 -41.06
C LYS J 144 27.54 3.41 -40.45
N TYR J 145 27.75 3.95 -39.21
CA TYR J 145 29.00 3.89 -38.39
C TYR J 145 29.37 2.47 -37.95
N HIS J 146 28.37 1.56 -37.86
CA HIS J 146 28.52 0.15 -37.47
C HIS J 146 29.52 -0.63 -38.34
N LEU K 2 48.36 20.54 -15.84
CA LEU K 2 49.56 20.19 -16.61
C LEU K 2 50.87 20.52 -15.88
N SER K 3 51.37 19.55 -15.08
CA SER K 3 52.57 19.61 -14.22
C SER K 3 53.91 19.87 -14.94
N PRO K 4 55.00 20.29 -14.22
CA PRO K 4 56.31 20.45 -14.90
C PRO K 4 56.86 19.08 -15.35
N ALA K 5 56.34 17.99 -14.75
CA ALA K 5 56.66 16.61 -15.09
C ALA K 5 55.97 16.27 -16.42
N ASP K 6 54.69 16.68 -16.55
CA ASP K 6 53.90 16.47 -17.77
C ASP K 6 54.53 17.21 -18.96
N LYS K 7 54.94 18.47 -18.76
CA LYS K 7 55.54 19.33 -19.78
C LYS K 7 56.90 18.82 -20.27
N THR K 8 57.73 18.24 -19.38
CA THR K 8 59.04 17.68 -19.80
C THR K 8 58.82 16.39 -20.58
N ASN K 9 57.87 15.54 -20.11
CA ASN K 9 57.47 14.27 -20.73
C ASN K 9 57.01 14.48 -22.18
N VAL K 10 56.12 15.47 -22.40
CA VAL K 10 55.55 15.82 -23.71
C VAL K 10 56.64 16.40 -24.63
N LYS K 11 57.53 17.25 -24.07
CA LYS K 11 58.63 17.86 -24.80
C LYS K 11 59.63 16.80 -25.23
N ALA K 12 59.89 15.80 -24.36
CA ALA K 12 60.79 14.67 -24.63
C ALA K 12 60.25 13.78 -25.76
N ALA K 13 58.94 13.45 -25.71
CA ALA K 13 58.26 12.62 -26.70
C ALA K 13 58.01 13.33 -28.04
N TRP K 14 57.50 14.59 -28.02
CA TRP K 14 57.27 15.32 -29.27
C TRP K 14 58.59 15.75 -29.94
N GLY K 15 59.62 16.02 -29.13
CA GLY K 15 60.96 16.34 -29.58
C GLY K 15 61.55 15.18 -30.36
N LYS K 16 61.25 13.94 -29.91
CA LYS K 16 61.64 12.68 -30.53
C LYS K 16 60.91 12.44 -31.88
N VAL K 17 59.82 13.20 -32.16
CA VAL K 17 59.05 13.12 -33.40
C VAL K 17 59.82 13.81 -34.56
N GLY K 18 60.30 15.04 -34.30
CA GLY K 18 61.06 15.85 -35.23
C GLY K 18 60.42 16.11 -36.57
N ALA K 19 61.19 15.90 -37.67
CA ALA K 19 60.79 16.09 -39.06
C ALA K 19 59.66 15.17 -39.51
N HIS K 20 59.48 14.05 -38.80
CA HIS K 20 58.45 13.06 -39.08
C HIS K 20 57.08 13.49 -38.49
N ALA K 21 56.97 14.74 -38.01
CA ALA K 21 55.73 15.29 -37.44
C ALA K 21 54.58 15.26 -38.45
N GLY K 22 54.84 15.74 -39.66
CA GLY K 22 53.88 15.80 -40.77
C GLY K 22 53.26 14.47 -41.14
N GLU K 23 54.08 13.38 -41.16
CA GLU K 23 53.63 12.02 -41.50
C GLU K 23 52.86 11.34 -40.34
N TYR K 24 53.29 11.56 -39.08
CA TYR K 24 52.65 10.99 -37.88
C TYR K 24 51.28 11.65 -37.70
N GLY K 25 51.20 12.93 -38.04
CA GLY K 25 49.98 13.72 -38.04
C GLY K 25 49.05 13.23 -39.12
N ALA K 26 49.61 12.85 -40.29
CA ALA K 26 48.89 12.29 -41.42
C ALA K 26 48.39 10.88 -41.11
N GLU K 27 49.17 10.13 -40.30
CA GLU K 27 48.87 8.77 -39.86
C GLU K 27 47.71 8.79 -38.88
N ALA K 28 47.74 9.71 -37.87
CA ALA K 28 46.70 9.90 -36.86
C ALA K 28 45.36 10.19 -37.53
N LEU K 29 45.36 11.11 -38.53
CA LEU K 29 44.18 11.48 -39.32
C LEU K 29 43.64 10.28 -40.10
N GLU K 30 44.52 9.54 -40.80
CA GLU K 30 44.13 8.36 -41.58
C GLU K 30 43.59 7.25 -40.64
N ARG K 31 44.19 7.09 -39.43
CA ARG K 31 43.74 6.15 -38.41
C ARG K 31 42.36 6.57 -37.88
N MET K 32 42.12 7.89 -37.75
CA MET K 32 40.84 8.47 -37.31
C MET K 32 39.75 8.19 -38.37
N PHE K 33 40.07 8.45 -39.67
CA PHE K 33 39.13 8.24 -40.78
C PHE K 33 38.61 6.82 -40.88
N LEU K 34 39.47 5.80 -40.67
CA LEU K 34 39.07 4.39 -40.75
C LEU K 34 38.46 3.84 -39.45
N SER K 35 39.05 4.17 -38.28
CA SER K 35 38.61 3.70 -36.97
C SER K 35 37.25 4.27 -36.59
N PHE K 36 37.05 5.56 -36.88
CA PHE K 36 35.83 6.31 -36.55
C PHE K 36 35.26 6.94 -37.84
N PRO K 37 34.51 6.16 -38.66
CA PRO K 37 34.00 6.69 -39.95
C PRO K 37 33.21 8.01 -39.88
N THR K 38 32.60 8.35 -38.71
CA THR K 38 31.79 9.58 -38.50
C THR K 38 32.59 10.86 -38.64
N THR K 39 33.90 10.82 -38.33
CA THR K 39 34.83 11.97 -38.42
C THR K 39 35.05 12.43 -39.88
N LYS K 40 34.77 11.54 -40.85
CA LYS K 40 34.91 11.80 -42.28
C LYS K 40 33.90 12.86 -42.78
N THR K 41 32.82 13.09 -42.01
CA THR K 41 31.76 14.08 -42.30
C THR K 41 32.29 15.50 -42.33
N TYR K 42 33.46 15.73 -41.71
CA TYR K 42 34.11 17.04 -41.63
C TYR K 42 35.03 17.32 -42.80
N PHE K 43 35.33 16.28 -43.61
CA PHE K 43 36.20 16.39 -44.78
C PHE K 43 35.50 15.79 -46.04
N PRO K 44 34.31 16.28 -46.48
CA PRO K 44 33.70 15.69 -47.69
C PRO K 44 34.42 16.10 -48.98
N HIS K 45 35.17 17.22 -48.92
CA HIS K 45 35.96 17.85 -49.98
C HIS K 45 37.33 17.16 -50.19
N PHE K 46 37.74 16.31 -49.22
CA PHE K 46 39.00 15.56 -49.22
C PHE K 46 38.89 14.23 -49.97
N ASP K 47 40.05 13.60 -50.27
CA ASP K 47 40.11 12.29 -50.92
C ASP K 47 40.35 11.21 -49.84
N LEU K 48 39.39 10.27 -49.72
CA LEU K 48 39.36 9.21 -48.71
C LEU K 48 40.46 8.14 -48.83
N SER K 49 40.92 7.84 -50.07
CA SER K 49 41.94 6.82 -50.39
C SER K 49 43.30 6.99 -49.70
N HIS K 50 44.02 5.87 -49.46
CA HIS K 50 45.35 5.88 -48.84
C HIS K 50 46.38 6.53 -49.77
N GLY K 51 47.30 7.28 -49.17
CA GLY K 51 48.30 8.02 -49.91
C GLY K 51 47.73 9.32 -50.46
N SER K 52 46.67 9.84 -49.81
CA SER K 52 45.99 11.10 -50.18
C SER K 52 46.92 12.28 -49.91
N ALA K 53 47.08 13.17 -50.92
CA ALA K 53 47.92 14.37 -50.82
C ALA K 53 47.27 15.37 -49.86
N GLN K 54 45.91 15.39 -49.84
CA GLN K 54 45.07 16.24 -48.99
C GLN K 54 45.26 15.86 -47.52
N VAL K 55 45.09 14.56 -47.20
CA VAL K 55 45.26 13.98 -45.86
C VAL K 55 46.70 14.20 -45.39
N LYS K 56 47.68 14.00 -46.29
CA LYS K 56 49.11 14.19 -46.02
C LYS K 56 49.45 15.65 -45.73
N GLY K 57 48.90 16.56 -46.54
CA GLY K 57 49.08 17.99 -46.43
C GLY K 57 48.49 18.53 -45.15
N HIS K 58 47.26 18.08 -44.84
CA HIS K 58 46.55 18.45 -43.62
C HIS K 58 47.24 17.84 -42.40
N GLY K 59 47.83 16.65 -42.56
CA GLY K 59 48.61 15.98 -41.53
C GLY K 59 49.74 16.85 -41.04
N LYS K 60 50.42 17.52 -42.00
CA LYS K 60 51.49 18.50 -41.77
C LYS K 60 50.87 19.70 -41.06
N LYS K 61 49.71 20.18 -41.59
CA LYS K 61 48.94 21.30 -41.08
C LYS K 61 48.29 21.05 -39.71
N VAL K 62 48.36 19.81 -39.16
CA VAL K 62 47.84 19.47 -37.83
C VAL K 62 49.02 19.27 -36.88
N ALA K 63 50.08 18.58 -37.35
CA ALA K 63 51.32 18.33 -36.62
C ALA K 63 52.03 19.60 -36.18
N ASP K 64 52.04 20.64 -37.06
CA ASP K 64 52.66 21.95 -36.83
C ASP K 64 52.00 22.71 -35.66
N ALA K 65 50.65 22.63 -35.56
CA ALA K 65 49.86 23.28 -34.51
C ALA K 65 50.23 22.70 -33.14
N LEU K 66 50.51 21.38 -33.11
CA LEU K 66 50.93 20.63 -31.93
C LEU K 66 52.38 20.99 -31.61
N THR K 67 53.23 21.16 -32.65
CA THR K 67 54.64 21.58 -32.50
C THR K 67 54.64 22.97 -31.87
N ASN K 68 53.73 23.85 -32.33
CA ASN K 68 53.53 25.19 -31.78
C ASN K 68 52.99 25.09 -30.35
N ALA K 69 52.02 24.18 -30.11
CA ALA K 69 51.41 23.94 -28.81
C ALA K 69 52.42 23.50 -27.74
N VAL K 70 53.43 22.67 -28.11
CA VAL K 70 54.47 22.23 -27.16
C VAL K 70 55.43 23.39 -26.83
N ALA K 71 55.70 24.28 -27.81
CA ALA K 71 56.56 25.46 -27.67
C ALA K 71 56.00 26.46 -26.67
N HIS K 72 54.66 26.62 -26.62
CA HIS K 72 53.99 27.55 -25.70
C HIS K 72 53.07 26.80 -24.73
N VAL K 73 53.53 25.64 -24.22
CA VAL K 73 52.80 24.74 -23.31
C VAL K 73 52.39 25.43 -21.98
N ASP K 74 52.78 26.71 -21.79
CA ASP K 74 52.49 27.54 -20.63
C ASP K 74 51.51 28.69 -20.99
N ASP K 75 51.36 28.96 -22.30
CA ASP K 75 50.53 30.02 -22.88
C ASP K 75 49.71 29.50 -24.12
N MET K 76 49.17 28.27 -24.01
CA MET K 76 48.35 27.60 -25.05
C MET K 76 47.05 28.38 -25.42
N PRO K 77 46.22 28.90 -24.47
CA PRO K 77 45.05 29.68 -24.90
C PRO K 77 45.43 30.86 -25.81
N ASN K 78 46.53 31.58 -25.48
CA ASN K 78 47.00 32.72 -26.29
C ASN K 78 47.66 32.28 -27.60
N ALA K 79 48.51 31.24 -27.57
CA ALA K 79 49.23 30.75 -28.77
C ALA K 79 48.32 30.12 -29.82
N LEU K 80 47.21 29.49 -29.39
CA LEU K 80 46.27 28.79 -30.28
C LEU K 80 45.01 29.61 -30.59
N SER K 81 44.93 30.86 -30.06
CA SER K 81 43.83 31.83 -30.17
C SER K 81 43.15 31.85 -31.54
N ALA K 82 43.91 32.03 -32.62
CA ALA K 82 43.40 32.05 -33.99
C ALA K 82 42.84 30.70 -34.44
N LEU K 83 43.49 29.58 -34.02
CA LEU K 83 42.99 28.24 -34.36
C LEU K 83 41.66 27.97 -33.66
N SER K 84 41.51 28.50 -32.42
CA SER K 84 40.30 28.44 -31.60
C SER K 84 39.17 29.26 -32.26
N ASP K 85 39.51 30.22 -33.16
CA ASP K 85 38.52 31.01 -33.87
C ASP K 85 37.97 30.22 -35.06
N LEU K 86 38.87 29.57 -35.85
CA LEU K 86 38.48 28.74 -36.99
C LEU K 86 37.62 27.58 -36.58
N HIS K 87 38.03 26.86 -35.52
CA HIS K 87 37.34 25.69 -34.99
C HIS K 87 35.96 26.01 -34.43
N ALA K 88 35.77 27.22 -33.89
CA ALA K 88 34.51 27.67 -33.31
C ALA K 88 33.60 28.37 -34.30
N HIS K 89 34.17 29.15 -35.24
CA HIS K 89 33.39 29.94 -36.18
C HIS K 89 33.26 29.35 -37.58
N LYS K 90 34.18 28.47 -38.03
CA LYS K 90 34.05 27.94 -39.40
C LYS K 90 33.95 26.43 -39.46
N LEU K 91 34.89 25.75 -38.81
CA LEU K 91 34.95 24.30 -38.83
C LEU K 91 33.90 23.68 -37.92
N ARG K 92 33.64 24.31 -36.75
CA ARG K 92 32.69 23.90 -35.70
C ARG K 92 32.58 22.38 -35.57
N VAL K 93 33.71 21.76 -35.25
CA VAL K 93 33.81 20.32 -35.07
C VAL K 93 33.22 20.00 -33.70
N ASP K 94 32.28 19.03 -33.65
CA ASP K 94 31.68 18.64 -32.38
C ASP K 94 32.78 18.19 -31.40
N PRO K 95 32.85 18.78 -30.18
CA PRO K 95 33.91 18.42 -29.22
C PRO K 95 34.35 16.94 -29.10
N VAL K 96 33.42 15.95 -29.22
CA VAL K 96 33.72 14.49 -29.12
C VAL K 96 34.78 14.03 -30.14
N ASN K 97 34.85 14.68 -31.31
CA ASN K 97 35.81 14.33 -32.37
C ASN K 97 37.26 14.64 -32.00
N PHE K 98 37.47 15.59 -31.07
CA PHE K 98 38.80 15.93 -30.60
C PHE K 98 39.36 14.78 -29.77
N LYS K 99 38.48 14.13 -28.97
CA LYS K 99 38.78 12.98 -28.12
C LYS K 99 39.24 11.82 -29.02
N LEU K 100 38.62 11.69 -30.20
CA LEU K 100 38.97 10.65 -31.18
C LEU K 100 40.26 10.97 -31.89
N LEU K 101 40.51 12.25 -32.21
CA LEU K 101 41.77 12.61 -32.86
C LEU K 101 42.93 12.37 -31.89
N SER K 102 42.80 12.88 -30.65
CA SER K 102 43.73 12.70 -29.53
C SER K 102 44.12 11.22 -29.36
N HIS K 103 43.10 10.32 -29.44
CA HIS K 103 43.30 8.88 -29.28
C HIS K 103 44.25 8.33 -30.36
N CYS K 104 43.96 8.66 -31.62
CA CYS K 104 44.71 8.17 -32.79
C CYS K 104 46.13 8.72 -32.84
N LEU K 105 46.34 9.90 -32.24
CA LEU K 105 47.62 10.55 -32.08
C LEU K 105 48.45 9.78 -31.04
N LEU K 106 47.79 9.30 -29.96
CA LEU K 106 48.44 8.52 -28.90
C LEU K 106 48.84 7.14 -29.39
N VAL K 107 48.02 6.53 -30.26
CA VAL K 107 48.25 5.23 -30.88
C VAL K 107 49.48 5.35 -31.78
N THR K 108 49.55 6.45 -32.58
CA THR K 108 50.64 6.76 -33.52
C THR K 108 51.97 6.93 -32.76
N LEU K 109 51.97 7.72 -31.66
CA LEU K 109 53.16 7.89 -30.83
C LEU K 109 53.63 6.54 -30.26
N ALA K 110 52.68 5.68 -29.83
CA ALA K 110 52.96 4.34 -29.30
C ALA K 110 53.56 3.42 -30.36
N ALA K 111 53.14 3.59 -31.63
CA ALA K 111 53.56 2.80 -32.79
C ALA K 111 54.94 3.21 -33.37
N HIS K 112 55.43 4.42 -33.00
CA HIS K 112 56.70 4.97 -33.49
C HIS K 112 57.73 5.26 -32.38
N LEU K 113 57.27 5.30 -31.12
CA LEU K 113 58.14 5.56 -29.97
C LEU K 113 57.98 4.45 -28.89
N PRO K 114 58.53 3.21 -29.09
CA PRO K 114 58.41 2.17 -28.06
C PRO K 114 59.16 2.51 -26.75
N ALA K 115 60.40 3.01 -26.88
CA ALA K 115 61.27 3.38 -25.75
C ALA K 115 60.70 4.57 -24.94
N GLU K 116 60.08 5.55 -25.64
CA GLU K 116 59.53 6.78 -25.05
C GLU K 116 58.08 6.65 -24.52
N PHE K 117 57.25 5.74 -25.08
CA PHE K 117 55.85 5.62 -24.66
C PHE K 117 55.63 4.89 -23.32
N THR K 118 56.23 5.44 -22.25
CA THR K 118 56.15 4.96 -20.87
C THR K 118 54.72 5.28 -20.35
N PRO K 119 54.12 4.51 -19.39
CA PRO K 119 52.78 4.89 -18.90
C PRO K 119 52.65 6.34 -18.43
N ALA K 120 53.73 6.90 -17.81
CA ALA K 120 53.80 8.28 -17.32
C ALA K 120 53.71 9.27 -18.46
N VAL K 121 54.51 9.04 -19.54
CA VAL K 121 54.54 9.83 -20.78
C VAL K 121 53.15 9.73 -21.44
N HIS K 122 52.57 8.49 -21.49
CA HIS K 122 51.23 8.21 -22.04
C HIS K 122 50.17 9.04 -21.27
N ALA K 123 50.26 9.07 -19.92
CA ALA K 123 49.39 9.85 -19.04
C ALA K 123 49.58 11.38 -19.26
N SER K 124 50.83 11.82 -19.54
CA SER K 124 51.17 13.22 -19.79
C SER K 124 50.62 13.71 -21.14
N LEU K 125 50.93 12.97 -22.25
CA LEU K 125 50.51 13.25 -23.63
C LEU K 125 48.98 13.28 -23.76
N ASP K 126 48.28 12.34 -23.08
CA ASP K 126 46.82 12.29 -23.10
C ASP K 126 46.27 13.60 -22.50
N LYS K 127 46.72 13.93 -21.26
CA LYS K 127 46.34 15.14 -20.52
C LYS K 127 46.68 16.45 -21.29
N PHE K 128 47.78 16.43 -22.04
CA PHE K 128 48.19 17.54 -22.89
C PHE K 128 47.24 17.68 -24.11
N LEU K 129 46.92 16.55 -24.79
CA LEU K 129 46.02 16.57 -25.97
C LEU K 129 44.61 17.01 -25.58
N ALA K 130 44.15 16.64 -24.36
CA ALA K 130 42.88 17.05 -23.77
C ALA K 130 42.90 18.55 -23.49
N SER K 131 44.08 19.07 -23.10
CA SER K 131 44.30 20.49 -22.82
C SER K 131 44.22 21.30 -24.11
N VAL K 132 44.85 20.80 -25.21
CA VAL K 132 44.81 21.46 -26.53
C VAL K 132 43.37 21.49 -26.97
N SER K 133 42.66 20.35 -26.83
CA SER K 133 41.25 20.15 -27.16
C SER K 133 40.33 21.12 -26.47
N THR K 134 40.57 21.39 -25.17
CA THR K 134 39.78 22.35 -24.39
C THR K 134 40.00 23.77 -24.91
N VAL K 135 41.26 24.13 -25.23
CA VAL K 135 41.61 25.43 -25.84
C VAL K 135 40.90 25.60 -27.21
N LEU K 136 40.95 24.53 -28.04
CA LEU K 136 40.35 24.53 -29.38
C LEU K 136 38.81 24.52 -29.43
N THR K 137 38.13 24.26 -28.29
CA THR K 137 36.65 24.25 -28.17
C THR K 137 36.13 25.34 -27.20
N SER K 138 37.08 26.12 -26.62
CA SER K 138 36.85 27.18 -25.63
C SER K 138 35.98 28.34 -26.08
N LYS K 139 35.93 28.61 -27.40
CA LYS K 139 35.22 29.76 -27.98
C LYS K 139 33.96 29.40 -28.78
N TYR K 140 33.21 28.35 -28.37
CA TYR K 140 31.99 27.93 -29.09
C TYR K 140 30.78 28.81 -28.73
N ARG K 141 30.83 30.09 -29.18
CA ARG K 141 29.81 31.12 -28.93
C ARG K 141 28.82 31.31 -30.09
N HIS L 2 30.84 -8.14 -35.72
CA HIS L 2 30.06 -7.39 -36.68
C HIS L 2 30.96 -6.65 -37.66
N LEU L 3 31.83 -7.40 -38.37
CA LEU L 3 32.80 -6.87 -39.33
C LEU L 3 33.20 -7.87 -40.43
N THR L 4 33.93 -7.38 -41.47
CA THR L 4 34.40 -8.13 -42.65
C THR L 4 35.37 -9.27 -42.27
N PRO L 5 35.32 -10.45 -42.96
CA PRO L 5 36.25 -11.55 -42.60
C PRO L 5 37.75 -11.23 -42.79
N GLU L 6 38.07 -10.18 -43.59
CA GLU L 6 39.43 -9.70 -43.85
C GLU L 6 39.99 -9.08 -42.56
N GLU L 7 39.19 -8.20 -41.93
CA GLU L 7 39.55 -7.53 -40.68
C GLU L 7 39.55 -8.53 -39.51
N LYS L 8 38.51 -9.39 -39.41
CA LYS L 8 38.36 -10.41 -38.37
C LYS L 8 39.54 -11.37 -38.30
N SER L 9 40.14 -11.68 -39.46
CA SER L 9 41.32 -12.55 -39.54
C SER L 9 42.53 -11.83 -38.96
N ALA L 10 42.68 -10.51 -39.29
CA ALA L 10 43.76 -9.65 -38.79
C ALA L 10 43.73 -9.52 -37.27
N VAL L 11 42.50 -9.48 -36.69
CA VAL L 11 42.30 -9.39 -35.24
C VAL L 11 42.90 -10.64 -34.60
N THR L 12 42.47 -11.84 -35.05
CA THR L 12 42.96 -13.13 -34.57
C THR L 12 44.47 -13.35 -34.84
N ALA L 13 44.98 -12.86 -35.99
CA ALA L 13 46.39 -13.00 -36.39
C ALA L 13 47.32 -12.27 -35.44
N LEU L 14 47.02 -10.99 -35.12
CA LEU L 14 47.82 -10.20 -34.19
C LEU L 14 47.58 -10.69 -32.76
N TRP L 15 46.33 -11.14 -32.45
CA TRP L 15 45.99 -11.65 -31.12
C TRP L 15 46.76 -12.92 -30.75
N GLY L 16 47.16 -13.70 -31.76
CA GLY L 16 47.93 -14.93 -31.59
C GLY L 16 49.35 -14.66 -31.12
N LYS L 17 49.90 -13.50 -31.54
CA LYS L 17 51.23 -13.00 -31.19
C LYS L 17 51.18 -12.18 -29.87
N VAL L 18 49.94 -11.88 -29.37
CA VAL L 18 49.70 -11.13 -28.14
C VAL L 18 50.11 -11.95 -26.90
N ASN L 19 50.94 -11.35 -26.04
CA ASN L 19 51.40 -11.97 -24.82
C ASN L 19 50.29 -11.84 -23.75
N VAL L 20 49.40 -12.84 -23.67
CA VAL L 20 48.28 -12.89 -22.72
C VAL L 20 48.75 -13.06 -21.26
N ASP L 21 50.07 -13.01 -21.00
CA ASP L 21 50.64 -13.10 -19.66
C ASP L 21 51.05 -11.72 -19.09
N GLU L 22 51.18 -10.67 -19.95
CA GLU L 22 51.61 -9.34 -19.52
C GLU L 22 50.81 -8.13 -20.12
N VAL L 23 50.14 -8.30 -21.29
CA VAL L 23 49.37 -7.24 -21.98
C VAL L 23 48.21 -6.67 -21.10
N GLY L 24 47.43 -7.55 -20.47
CA GLY L 24 46.31 -7.19 -19.61
C GLY L 24 46.72 -6.40 -18.38
N GLY L 25 47.87 -6.74 -17.83
CA GLY L 25 48.46 -6.07 -16.66
C GLY L 25 48.96 -4.69 -17.02
N GLU L 26 49.44 -4.54 -18.28
CA GLU L 26 49.90 -3.28 -18.84
C GLU L 26 48.68 -2.39 -19.14
N ALA L 27 47.62 -2.95 -19.77
CA ALA L 27 46.36 -2.28 -20.12
C ALA L 27 45.62 -1.73 -18.89
N LEU L 28 45.26 -2.61 -17.91
CA LEU L 28 44.59 -2.24 -16.66
C LEU L 28 45.49 -1.32 -15.81
N GLY L 29 46.80 -1.55 -15.89
CA GLY L 29 47.81 -0.74 -15.20
C GLY L 29 47.81 0.69 -15.70
N ARG L 30 47.93 0.86 -17.04
CA ARG L 30 47.94 2.15 -17.74
C ARG L 30 46.64 2.89 -17.60
N LEU L 31 45.52 2.14 -17.44
CA LEU L 31 44.21 2.73 -17.24
C LEU L 31 44.24 3.57 -15.95
N LEU L 32 44.83 3.02 -14.86
CA LEU L 32 44.97 3.70 -13.56
C LEU L 32 45.99 4.84 -13.59
N VAL L 33 46.99 4.78 -14.50
CA VAL L 33 48.02 5.82 -14.66
C VAL L 33 47.48 7.01 -15.47
N VAL L 34 46.90 6.73 -16.67
CA VAL L 34 46.35 7.73 -17.61
C VAL L 34 45.06 8.37 -17.09
N TYR L 35 44.10 7.54 -16.61
CA TYR L 35 42.82 8.01 -16.05
C TYR L 35 42.86 7.67 -14.55
N PRO L 36 43.49 8.52 -13.70
CA PRO L 36 43.66 8.16 -12.28
C PRO L 36 42.39 8.05 -11.44
N TRP L 37 41.22 8.38 -11.98
CA TRP L 37 39.98 8.24 -11.21
C TRP L 37 39.50 6.80 -11.12
N THR L 38 39.99 5.91 -12.01
CA THR L 38 39.64 4.49 -12.00
C THR L 38 40.28 3.74 -10.80
N GLN L 39 41.16 4.43 -10.03
CA GLN L 39 41.86 3.95 -8.83
C GLN L 39 40.87 3.62 -7.71
N ARG L 40 39.74 4.37 -7.63
CA ARG L 40 38.68 4.25 -6.63
C ARG L 40 38.29 2.81 -6.31
N PHE L 41 38.13 1.97 -7.36
CA PHE L 41 37.71 0.57 -7.26
C PHE L 41 38.82 -0.37 -6.76
N PHE L 42 40.09 0.06 -6.91
CA PHE L 42 41.29 -0.70 -6.55
C PHE L 42 42.20 0.05 -5.54
N GLU L 43 41.58 0.83 -4.61
CA GLU L 43 42.28 1.57 -3.54
C GLU L 43 42.81 0.56 -2.51
N SER L 44 42.14 -0.61 -2.43
CA SER L 44 42.43 -1.76 -1.56
C SER L 44 43.44 -2.73 -2.20
N PHE L 45 43.94 -2.40 -3.39
CA PHE L 45 44.90 -3.22 -4.12
C PHE L 45 46.36 -2.85 -3.78
N GLY L 46 46.55 -1.86 -2.90
CA GLY L 46 47.86 -1.45 -2.43
C GLY L 46 48.34 -0.07 -2.83
N ASP L 47 49.66 0.10 -2.91
CA ASP L 47 50.31 1.36 -3.24
C ASP L 47 50.14 1.74 -4.71
N LEU L 48 49.29 2.76 -4.95
CA LEU L 48 48.94 3.30 -6.26
C LEU L 48 49.31 4.81 -6.31
N SER L 49 50.29 5.21 -5.47
CA SER L 49 50.76 6.60 -5.32
C SER L 49 51.61 7.12 -6.49
N THR L 50 52.35 6.24 -7.20
CA THR L 50 53.19 6.64 -8.34
C THR L 50 52.97 5.70 -9.56
N PRO L 51 53.25 6.12 -10.83
CA PRO L 51 53.08 5.20 -11.97
C PRO L 51 53.90 3.90 -11.86
N ASP L 52 55.17 3.99 -11.35
CA ASP L 52 56.03 2.82 -11.13
C ASP L 52 55.36 1.87 -10.14
N ALA L 53 54.69 2.44 -9.11
CA ALA L 53 53.95 1.71 -8.07
C ALA L 53 52.66 1.07 -8.61
N VAL L 54 52.07 1.63 -9.67
CA VAL L 54 50.85 1.09 -10.27
C VAL L 54 51.24 -0.03 -11.25
N MET L 55 52.30 0.17 -12.05
CA MET L 55 52.79 -0.81 -13.01
C MET L 55 53.49 -1.99 -12.32
N GLY L 56 54.23 -1.70 -11.25
CA GLY L 56 54.92 -2.72 -10.47
C GLY L 56 54.10 -3.21 -9.28
N ASN L 57 52.76 -3.34 -9.47
CA ASN L 57 51.82 -3.78 -8.44
C ASN L 57 51.25 -5.17 -8.76
N PRO L 58 51.52 -6.19 -7.90
CA PRO L 58 51.05 -7.55 -8.20
C PRO L 58 49.53 -7.73 -8.28
N LYS L 59 48.77 -7.05 -7.40
CA LYS L 59 47.31 -7.11 -7.32
C LYS L 59 46.62 -6.72 -8.64
N VAL L 60 47.07 -5.61 -9.28
CA VAL L 60 46.52 -5.14 -10.55
C VAL L 60 47.03 -6.02 -11.72
N LYS L 61 48.33 -6.42 -11.69
CA LYS L 61 48.97 -7.28 -12.71
C LYS L 61 48.25 -8.62 -12.83
N ALA L 62 47.77 -9.15 -11.69
CA ALA L 62 47.02 -10.41 -11.59
C ALA L 62 45.60 -10.20 -12.11
N HIS L 63 44.96 -9.09 -11.70
CA HIS L 63 43.60 -8.73 -12.12
C HIS L 63 43.51 -8.50 -13.63
N GLY L 64 44.60 -7.95 -14.20
CA GLY L 64 44.75 -7.68 -15.62
C GLY L 64 44.58 -8.92 -16.47
N LYS L 65 45.10 -10.08 -15.97
CA LYS L 65 45.03 -11.39 -16.62
C LYS L 65 43.63 -11.97 -16.55
N LYS L 66 42.92 -11.74 -15.43
CA LYS L 66 41.54 -12.18 -15.23
C LYS L 66 40.63 -11.40 -16.18
N VAL L 67 40.89 -10.07 -16.30
CA VAL L 67 40.16 -9.15 -17.17
C VAL L 67 40.47 -9.43 -18.67
N LEU L 68 41.77 -9.61 -19.04
CA LEU L 68 42.20 -9.89 -20.42
C LEU L 68 41.78 -11.30 -20.83
N GLY L 69 41.74 -12.22 -19.86
CA GLY L 69 41.28 -13.59 -20.04
C GLY L 69 39.83 -13.62 -20.46
N ALA L 70 39.01 -12.75 -19.85
CA ALA L 70 37.60 -12.61 -20.19
C ALA L 70 37.47 -11.90 -21.55
N PHE L 71 38.38 -10.94 -21.85
CA PHE L 71 38.40 -10.20 -23.12
C PHE L 71 38.66 -11.15 -24.31
N SER L 72 39.77 -11.91 -24.24
CA SER L 72 40.21 -12.89 -25.23
C SER L 72 39.13 -13.94 -25.54
N ASP L 73 38.35 -14.34 -24.50
CA ASP L 73 37.22 -15.29 -24.58
C ASP L 73 36.12 -14.78 -25.54
N GLY L 74 35.89 -13.46 -25.53
CA GLY L 74 34.90 -12.80 -26.37
C GLY L 74 35.23 -12.81 -27.86
N LEU L 75 36.52 -12.96 -28.21
CA LEU L 75 36.99 -13.00 -29.60
C LEU L 75 36.49 -14.23 -30.38
N ALA L 76 35.85 -15.18 -29.67
CA ALA L 76 35.29 -16.41 -30.22
C ALA L 76 33.89 -16.16 -30.78
N HIS L 77 33.01 -15.60 -29.94
CA HIS L 77 31.61 -15.31 -30.23
C HIS L 77 31.42 -13.82 -30.52
N LEU L 78 31.89 -13.37 -31.71
CA LEU L 78 31.80 -11.99 -32.17
C LEU L 78 30.36 -11.53 -32.44
N ASP L 79 29.51 -12.47 -32.93
CA ASP L 79 28.10 -12.26 -33.26
C ASP L 79 27.27 -12.11 -31.99
N ASN L 80 27.69 -12.78 -30.92
CA ASN L 80 26.98 -12.72 -29.64
C ASN L 80 27.93 -12.42 -28.49
N LEU L 81 28.33 -11.13 -28.39
CA LEU L 81 29.19 -10.64 -27.32
C LEU L 81 28.31 -10.39 -26.10
N LYS L 82 27.08 -9.89 -26.35
CA LYS L 82 26.06 -9.58 -25.36
C LYS L 82 25.75 -10.79 -24.49
N GLY L 83 25.59 -11.95 -25.12
CA GLY L 83 25.31 -13.21 -24.44
C GLY L 83 26.47 -13.69 -23.61
N THR L 84 27.69 -13.71 -24.22
CA THR L 84 28.94 -14.14 -23.56
C THR L 84 29.21 -13.31 -22.30
N PHE L 85 29.17 -11.97 -22.45
CA PHE L 85 29.45 -11.03 -21.36
C PHE L 85 28.22 -10.65 -20.55
N ALA L 86 27.07 -11.36 -20.71
CA ALA L 86 25.83 -11.09 -19.96
C ALA L 86 25.99 -11.30 -18.47
N THR L 87 26.62 -12.43 -18.07
CA THR L 87 26.91 -12.80 -16.68
C THR L 87 27.96 -11.83 -16.08
N LEU L 88 28.92 -11.40 -16.93
CA LEU L 88 29.99 -10.47 -16.57
C LEU L 88 29.51 -9.02 -16.56
N SER L 89 28.40 -8.72 -17.29
CA SER L 89 27.72 -7.41 -17.35
C SER L 89 27.06 -7.17 -16.00
N GLU L 90 26.67 -8.29 -15.35
CA GLU L 90 26.09 -8.39 -14.01
C GLU L 90 27.32 -8.50 -13.05
N LEU L 91 27.21 -8.17 -11.75
CA LEU L 91 26.03 -7.89 -10.93
C LEU L 91 25.68 -6.40 -10.58
N HIS L 92 26.49 -5.31 -10.80
CA HIS L 92 27.84 -5.03 -11.33
C HIS L 92 28.20 -3.53 -11.23
N CYS L 93 27.28 -2.53 -11.42
CA CYS L 93 25.81 -2.38 -11.43
C CYS L 93 25.22 -2.56 -10.01
N ASP L 94 24.01 -3.15 -9.83
CA ASP L 94 23.34 -3.31 -8.52
C ASP L 94 24.05 -4.27 -7.48
N LYS L 95 25.31 -3.92 -7.07
CA LYS L 95 26.19 -4.57 -6.06
C LYS L 95 27.63 -4.00 -6.10
N LEU L 96 28.45 -4.39 -7.12
CA LEU L 96 29.84 -3.93 -7.30
C LEU L 96 29.94 -2.43 -7.70
N HIS L 97 28.92 -1.93 -8.43
CA HIS L 97 28.73 -0.55 -8.89
C HIS L 97 29.97 0.08 -9.59
N VAL L 98 30.28 -0.42 -10.82
CA VAL L 98 31.37 0.06 -11.69
C VAL L 98 30.74 0.71 -12.92
N ASP L 99 31.05 2.00 -13.13
CA ASP L 99 30.55 2.83 -14.23
C ASP L 99 30.90 2.22 -15.60
N PRO L 100 29.88 1.95 -16.45
CA PRO L 100 30.15 1.39 -17.78
C PRO L 100 30.98 2.26 -18.73
N GLU L 101 31.21 3.55 -18.38
CA GLU L 101 32.06 4.40 -19.23
C GLU L 101 33.54 4.04 -19.10
N ASN L 102 33.95 3.55 -17.90
CA ASN L 102 35.31 3.07 -17.63
C ASN L 102 35.72 1.91 -18.55
N PHE L 103 34.73 1.22 -19.18
CA PHE L 103 34.93 0.08 -20.09
C PHE L 103 35.41 0.51 -21.46
N ARG L 104 34.89 1.63 -21.97
CA ARG L 104 35.29 2.19 -23.26
C ARG L 104 36.72 2.75 -23.11
N LEU L 105 37.00 3.33 -21.91
CA LEU L 105 38.30 3.88 -21.51
C LEU L 105 39.38 2.80 -21.44
N LEU L 106 39.04 1.59 -20.93
CA LEU L 106 39.95 0.44 -20.85
C LEU L 106 40.24 -0.08 -22.27
N GLY L 107 39.19 -0.17 -23.10
CA GLY L 107 39.28 -0.59 -24.49
C GLY L 107 40.27 0.24 -25.29
N ASN L 108 40.22 1.58 -25.12
CA ASN L 108 41.14 2.48 -25.83
C ASN L 108 42.57 2.39 -25.33
N VAL L 109 42.75 2.09 -24.01
CA VAL L 109 44.06 1.91 -23.39
C VAL L 109 44.70 0.62 -23.95
N LEU L 110 43.88 -0.45 -24.14
CA LEU L 110 44.26 -1.74 -24.74
C LEU L 110 44.82 -1.55 -26.17
N VAL L 111 44.14 -0.73 -26.96
CA VAL L 111 44.52 -0.36 -28.34
C VAL L 111 45.92 0.32 -28.33
N CYS L 112 46.21 1.16 -27.30
CA CYS L 112 47.52 1.82 -27.17
C CYS L 112 48.64 0.84 -26.83
N VAL L 113 48.32 -0.18 -25.99
CA VAL L 113 49.22 -1.23 -25.54
C VAL L 113 49.60 -2.08 -26.76
N LEU L 114 48.60 -2.45 -27.58
CA LEU L 114 48.78 -3.25 -28.80
C LEU L 114 49.60 -2.46 -29.83
N ALA L 115 49.36 -1.13 -29.91
CA ALA L 115 50.12 -0.23 -30.79
C ALA L 115 51.58 -0.17 -30.30
N HIS L 116 51.77 -0.12 -28.97
CA HIS L 116 53.05 -0.05 -28.29
C HIS L 116 53.86 -1.31 -28.51
N HIS L 117 53.22 -2.47 -28.32
CA HIS L 117 53.85 -3.77 -28.44
C HIS L 117 54.13 -4.21 -29.88
N PHE L 118 53.30 -3.77 -30.87
CA PHE L 118 53.44 -4.19 -32.27
C PHE L 118 54.01 -3.12 -33.23
N GLY L 119 54.09 -1.87 -32.77
CA GLY L 119 54.64 -0.77 -33.56
C GLY L 119 54.05 -0.67 -34.95
N LYS L 120 54.92 -0.78 -36.00
CA LYS L 120 54.54 -0.72 -37.41
C LYS L 120 53.52 -1.80 -37.81
N GLU L 121 53.48 -2.94 -37.09
CA GLU L 121 52.56 -4.05 -37.31
C GLU L 121 51.11 -3.67 -36.99
N PHE L 122 50.92 -2.62 -36.16
CA PHE L 122 49.61 -2.10 -35.77
C PHE L 122 49.17 -0.97 -36.70
N THR L 123 48.97 -1.33 -37.98
CA THR L 123 48.56 -0.47 -39.10
C THR L 123 47.15 0.13 -38.91
N PRO L 124 46.79 1.23 -39.64
CA PRO L 124 45.44 1.83 -39.46
C PRO L 124 44.26 0.85 -39.65
N PRO L 125 44.24 -0.11 -40.62
CA PRO L 125 43.10 -1.03 -40.70
C PRO L 125 43.03 -2.04 -39.54
N VAL L 126 44.21 -2.54 -39.04
CA VAL L 126 44.21 -3.51 -37.94
C VAL L 126 43.79 -2.78 -36.64
N GLN L 127 44.07 -1.46 -36.55
CA GLN L 127 43.60 -0.61 -35.45
C GLN L 127 42.08 -0.45 -35.61
N ALA L 128 41.61 -0.09 -36.84
CA ALA L 128 40.19 0.07 -37.19
C ALA L 128 39.37 -1.17 -36.82
N ALA L 129 39.93 -2.37 -37.09
CA ALA L 129 39.35 -3.65 -36.77
C ALA L 129 39.34 -3.86 -35.24
N TYR L 130 40.42 -3.40 -34.55
CA TYR L 130 40.52 -3.50 -33.10
C TYR L 130 39.61 -2.53 -32.37
N GLN L 131 39.25 -1.40 -33.01
CA GLN L 131 38.33 -0.41 -32.42
C GLN L 131 36.92 -1.00 -32.36
N LYS L 132 36.49 -1.71 -33.43
CA LYS L 132 35.19 -2.37 -33.52
C LYS L 132 35.04 -3.49 -32.49
N VAL L 133 36.15 -4.19 -32.20
CA VAL L 133 36.17 -5.28 -31.23
C VAL L 133 35.94 -4.71 -29.83
N VAL L 134 36.80 -3.74 -29.43
CA VAL L 134 36.74 -3.09 -28.12
C VAL L 134 35.41 -2.32 -27.92
N ALA L 135 34.83 -1.78 -29.02
CA ALA L 135 33.53 -1.07 -29.00
C ALA L 135 32.40 -2.04 -28.67
N GLY L 136 32.44 -3.24 -29.25
CA GLY L 136 31.47 -4.31 -29.01
C GLY L 136 31.55 -4.84 -27.59
N VAL L 137 32.79 -5.01 -27.06
CA VAL L 137 33.05 -5.53 -25.71
C VAL L 137 32.50 -4.60 -24.61
N ALA L 138 32.88 -3.31 -24.65
CA ALA L 138 32.41 -2.28 -23.70
C ALA L 138 30.88 -2.10 -23.77
N ASN L 139 30.26 -2.37 -24.96
CA ASN L 139 28.81 -2.29 -25.17
C ASN L 139 28.11 -3.46 -24.47
N ALA L 140 28.57 -4.69 -24.76
CA ALA L 140 28.04 -5.94 -24.22
C ALA L 140 28.16 -5.99 -22.70
N LEU L 141 29.30 -5.51 -22.17
CA LEU L 141 29.60 -5.46 -20.73
C LEU L 141 28.83 -4.35 -19.99
N ALA L 142 28.16 -3.45 -20.74
CA ALA L 142 27.39 -2.33 -20.22
C ALA L 142 25.87 -2.56 -20.25
N HIS L 143 25.43 -3.72 -20.78
CA HIS L 143 24.03 -4.11 -20.91
C HIS L 143 23.33 -4.27 -19.55
N LYS L 144 22.93 -3.12 -19.02
CA LYS L 144 22.28 -2.85 -17.73
C LYS L 144 21.81 -1.37 -17.76
N TYR L 145 22.19 -0.66 -18.86
CA TYR L 145 22.02 0.75 -19.26
C TYR L 145 20.55 1.28 -19.23
N HIS L 146 20.15 2.14 -20.23
CA HIS L 146 18.82 2.76 -20.39
C HIS L 146 17.69 1.75 -20.26
NI HNI M . -35.13 28.46 26.17
CHA HNI M . -37.99 30.20 26.08
CHB HNI M . -33.51 31.23 27.22
CHC HNI M . -32.22 26.81 26.02
CHD HNI M . -36.69 25.79 24.77
NA HNI M . -35.65 30.31 26.54
C1A HNI M . -36.88 30.88 26.44
C2A HNI M . -36.85 32.26 26.85
C3A HNI M . -35.53 32.56 27.17
C4A HNI M . -34.84 31.34 26.98
CMA HNI M . -34.94 33.85 27.63
CAA HNI M . -38.03 33.21 26.88
CBA HNI M . -38.78 33.14 28.24
CGA HNI M . -39.48 34.46 28.50
O1A HNI M . -40.24 34.98 27.66
O2A HNI M . -39.22 35.09 29.69
NB HNI M . -33.26 28.88 26.58
C1B HNI M . -32.78 30.04 27.03
C2B HNI M . -31.36 30.03 27.26
C3B HNI M . -30.96 28.76 26.89
C4B HNI M . -32.20 28.10 26.44
CMB HNI M . -30.57 31.22 27.80
CAB HNI M . -29.61 28.16 26.90
CBB HNI M . -28.51 28.92 26.92
NC HNI M . -34.57 26.69 25.53
C1C HNI M . -33.31 26.16 25.58
C2C HNI M . -33.25 24.83 25.09
C3C HNI M . -34.55 24.54 24.70
C4C HNI M . -35.34 25.70 24.97
CMC HNI M . -32.01 23.97 25.01
CAC HNI M . -35.02 23.29 24.12
CBC HNI M . -34.47 22.86 23.00
ND HNI M . -36.96 28.07 25.59
C1D HNI M . -37.41 26.95 25.05
C2D HNI M . -38.85 27.02 24.75
C3D HNI M . -39.25 28.23 25.17
C4D HNI M . -38.01 28.88 25.67
CMD HNI M . -39.68 25.94 24.15
CAD HNI M . -40.63 28.85 25.07
CBD HNI M . -40.69 29.75 23.83
CGD HNI M . -42.09 30.29 23.56
O1D HNI M . -42.29 31.48 23.48
O2D HNI M . -43.12 29.44 23.38
CHA HEM N . -4.01 8.31 18.16
CHB HEM N . -7.68 9.39 15.39
CHC HEM N . -10.12 10.93 19.19
CHD HEM N . -6.34 9.92 22.01
C1A HEM N . -4.80 8.50 17.08
C2A HEM N . -4.42 8.24 15.73
C3A HEM N . -5.47 8.48 14.97
C4A HEM N . -6.48 8.95 15.83
CMA HEM N . -5.52 8.34 13.46
CAA HEM N . -3.08 7.74 15.23
CBA HEM N . -2.85 6.31 15.70
CGA HEM N . -1.37 6.08 15.75
O1A HEM N . -0.94 5.06 15.22
O2A HEM N . -0.54 6.97 16.35
C1B HEM N . -8.67 9.86 16.21
C2B HEM N . -9.90 10.33 15.65
C3B HEM N . -10.61 10.82 16.68
C4B HEM N . -9.74 10.60 17.90
CMB HEM N . -10.29 10.28 14.20
CAB HEM N . -11.95 11.44 16.57
CBB HEM N . -13.00 11.15 17.34
C1C HEM N . -9.32 10.77 20.28
C2C HEM N . -9.62 11.32 21.55
C3C HEM N . -8.56 10.99 22.39
C4C HEM N . -7.59 10.33 21.57
CMC HEM N . -10.92 12.04 21.88
CAC HEM N . -8.33 11.31 23.82
CBC HEM N . -9.07 12.18 24.50
C1D HEM N . -5.39 9.33 21.17
C2D HEM N . -4.02 8.96 21.63
C3D HEM N . -3.37 8.48 20.55
C4D HEM N . -4.34 8.60 19.46
CMD HEM N . -3.51 9.10 23.03
CAD HEM N . -1.92 8.02 20.47
CBD HEM N . -1.82 6.59 19.86
CGD HEM N . -0.40 6.12 19.50
O1D HEM N . -0.04 4.95 19.79
O2D HEM N . 0.47 6.99 18.88
NA HEM N . -6.09 8.94 17.17
NB HEM N . -8.57 9.98 17.56
NC HEM N . -8.06 10.20 20.26
ND HEM N . -5.54 9.09 19.84
FE HEM N . -7.11 9.38 18.75
CHA HEM O . -7.84 10.62 45.86
CHB HEM O . -12.32 11.95 47.04
CHC HEM O . -13.86 10.45 42.79
CHD HEM O . -9.46 8.96 41.65
C1A HEM O . -8.93 11.11 46.55
C2A HEM O . -8.88 11.67 47.87
C3A HEM O . -10.13 12.06 48.21
C4A HEM O . -10.95 11.75 47.08
CMA HEM O . -10.54 12.68 49.57
CAA HEM O . -7.67 11.71 48.76
CBA HEM O . -7.26 13.11 49.18
CGA HEM O . -5.75 13.28 49.13
O1A HEM O . -4.97 12.32 48.94
O2A HEM O . -5.29 14.54 49.30
C1B HEM O . -13.11 11.65 45.94
C2B HEM O . -14.49 11.99 45.93
C3B HEM O . -14.94 11.64 44.72
C4B HEM O . -13.78 11.02 44.02
CMB HEM O . -15.28 12.68 47.03
CAB HEM O . -16.29 11.83 44.24
CBB HEM O . -17.27 11.10 44.73
C1C HEM O . -12.80 9.90 42.14
C2C HEM O . -12.90 9.21 40.90
C3C HEM O . -11.63 8.76 40.55
C4C HEM O . -10.79 9.20 41.61
CMC HEM O . -14.18 9.02 40.15
CAC HEM O . -11.16 7.98 39.37
CBC HEM O . -11.90 7.09 38.74
C1D HEM O . -8.67 9.37 42.73
C2D HEM O . -7.25 9.07 42.74
C3D HEM O . -6.81 9.53 43.90
C4D HEM O . -7.96 10.08 44.58
CMD HEM O . -6.48 8.40 41.66
CAD HEM O . -5.45 9.46 44.48
CBD HEM O . -5.48 8.10 45.19
CGD HEM O . -4.16 7.94 45.94
O1D HEM O . -4.17 7.84 47.16
O2D HEM O . -3.01 7.89 45.21
NA HEM O . -10.22 11.19 46.03
NB HEM O . -12.68 11.12 44.77
NC HEM O . -11.50 9.89 42.59
ND HEM O . -9.06 10.00 43.83
FE HEM O . -10.84 10.68 44.27
NI HNI P . -39.70 2.54 26.58
CHA HNI P . -42.86 2.07 25.48
CHB HNI P . -39.26 -0.82 26.83
CHC HNI P . -36.66 2.99 28.03
CHD HNI P . -40.28 5.86 26.81
NA HNI P . -40.81 0.98 26.25
C1A HNI P . -42.12 0.95 25.81
C2A HNI P . -42.57 -0.39 25.61
C3A HNI P . -41.56 -1.22 26.07
C4A HNI P . -40.48 -0.36 26.41
CMA HNI P . -41.54 -2.73 26.08
CAA HNI P . -43.93 -0.85 25.13
CBA HNI P . -43.97 -1.08 23.60
CGA HNI P . -45.37 -0.70 23.14
O1A HNI P . -46.25 -1.54 23.05
O2A HNI P . -45.62 0.61 22.86
NB HNI P . -38.24 1.35 27.22
C1B HNI P . -38.19 0.00 27.18
C2B HNI P . -36.92 -0.57 27.51
C3B HNI P . -36.18 0.48 27.94
C4B HNI P . -37.05 1.69 27.73
CMB HNI P . -36.53 -2.01 27.51
CAB HNI P . -34.77 0.41 28.39
CBB HNI P . -33.84 1.20 27.79
NC HNI P . -38.70 4.08 27.28
C1C HNI P . -37.44 4.09 27.85
C2C HNI P . -36.99 5.42 28.14
C3C HNI P . -38.07 6.25 27.78
C4C HNI P . -39.09 5.40 27.26
CMC HNI P . -35.65 5.77 28.76
CAC HNI P . -38.20 7.73 27.88
CBC HNI P . -37.73 8.37 28.94
ND HNI P . -41.23 3.71 26.15
C1D HNI P . -41.29 5.04 26.29
C2D HNI P . -42.54 5.61 25.84
C3D HNI P . -43.25 4.58 25.39
C4D HNI P . -42.40 3.38 25.64
CMD HNI P . -42.89 7.07 25.84
CAD HNI P . -44.66 4.64 24.84
CBD HNI P . -44.69 5.38 23.48
CGD HNI P . -45.97 6.20 23.25
O1D HNI P . -46.82 6.34 24.13
O2D HNI P . -46.17 6.78 22.05
NI HNI Q . 10.08 -30.27 -11.46
CHA HNI Q . 13.15 -31.70 -11.47
CHB HNI Q . 10.16 -30.19 -14.81
CHC HNI Q . 7.16 -28.53 -11.50
CHD HNI Q . 10.26 -29.92 -8.09
NA HNI Q . 11.37 -30.83 -12.82
C1A HNI Q . 12.62 -31.40 -12.68
C2A HNI Q . 13.22 -31.75 -13.93
C3A HNI Q . 12.35 -31.30 -14.88
C4A HNI Q . 11.25 -30.74 -14.19
CMA HNI Q . 12.52 -31.43 -16.37
CAA HNI Q . 14.56 -32.40 -14.16
CBA HNI Q . 14.50 -33.90 -13.84
CGA HNI Q . 15.35 -34.72 -14.81
O1A HNI Q . 15.93 -34.23 -15.76
O2A HNI Q . 15.43 -36.04 -14.58
NB HNI Q . 8.88 -29.56 -12.87
C1B HNI Q . 9.05 -29.65 -14.19
C2B HNI Q . 7.97 -29.13 -14.95
C3B HNI Q . 7.09 -28.65 -14.03
C4B HNI Q . 7.72 -28.91 -12.70
CMB HNI Q . 7.88 -29.13 -16.46
CAB HNI Q . 5.80 -27.97 -14.28
CBB HNI Q . 5.76 -26.92 -15.10
NC HNI Q . 8.94 -29.42 -10.10
C1C HNI Q . 7.75 -28.76 -10.28
C2C HNI Q . 7.20 -28.33 -9.05
C3C HNI Q . 8.09 -28.73 -8.06
C4C HNI Q . 9.16 -29.40 -8.74
CMC HNI Q . 5.91 -27.57 -8.85
CAC HNI Q . 8.01 -28.54 -6.62
CBC HNI Q . 7.97 -27.31 -6.14
ND HNI Q . 11.39 -30.74 -10.09
C1D HNI Q . 11.28 -30.56 -8.76
C2D HNI Q . 12.45 -31.12 -8.04
C3D HNI Q . 13.28 -31.62 -9.00
C4D HNI Q . 12.58 -31.33 -10.26
CMD HNI Q . 12.64 -31.11 -6.55
CAD HNI Q . 14.64 -32.29 -8.86
CBD HNI Q . 15.73 -31.35 -8.33
CGD HNI Q . 17.05 -32.11 -8.41
O1D HNI Q . 17.83 -31.94 -9.34
O2D HNI Q . 17.37 -33.00 -7.45
CHA HEM R . -18.45 -5.18 -7.00
CHB HEM R . -13.98 -4.93 -5.47
CHC HEM R . -13.33 -9.52 -6.60
CHD HEM R . -17.68 -9.69 -8.47
C1A HEM R . -17.28 -4.68 -6.49
C2A HEM R . -17.11 -3.35 -6.00
C3A HEM R . -15.82 -3.30 -5.62
C4A HEM R . -15.26 -4.60 -5.82
CMA HEM R . -15.11 -2.10 -4.97
CAA HEM R . -18.05 -2.17 -5.95
CBA HEM R . -19.56 -2.45 -5.81
CGA HEM R . -20.22 -1.42 -4.91
O1A HEM R . -20.77 -1.73 -3.86
O2A HEM R . -20.22 -0.12 -5.30
C1B HEM R . -13.44 -6.21 -5.62
C2B HEM R . -12.13 -6.52 -5.14
C3B HEM R . -11.95 -7.82 -5.42
C4B HEM R . -13.18 -8.25 -6.10
CMB HEM R . -11.23 -5.52 -4.42
CAB HEM R . -10.84 -8.76 -5.20
CBB HEM R . -9.72 -8.49 -4.58
C1C HEM R . -14.44 -9.95 -7.27
C2C HEM R . -14.56 -11.23 -7.83
C3C HEM R . -15.81 -11.28 -8.42
C4C HEM R . -16.40 -10.01 -8.15
CMC HEM R . -13.51 -12.29 -7.82
CAC HEM R . -16.48 -12.42 -9.15
CBC HEM R . -15.88 -13.15 -10.08
C1D HEM R . -18.22 -8.44 -8.15
C2D HEM R . -19.61 -8.15 -8.55
C3D HEM R . -19.82 -6.90 -8.11
C4D HEM R . -18.56 -6.45 -7.50
CMD HEM R . -20.55 -9.10 -9.26
CAD HEM R . -21.06 -6.06 -8.26
CBD HEM R . -21.17 -5.80 -9.76
CGD HEM R . -22.31 -4.85 -10.09
O1D HEM R . -22.32 -3.68 -9.67
O2D HEM R . -23.31 -5.30 -10.89
NA HEM R . -16.14 -5.49 -6.37
NB HEM R . -14.07 -7.26 -6.16
NC HEM R . -15.55 -9.19 -7.45
ND HEM R . -17.65 -7.41 -7.52
FE HEM R . -15.87 -7.41 -6.79
CHA HEM S . -28.56 -29.88 -13.06
CHB HEM S . -25.55 -33.57 -12.49
CHC HEM S . -22.61 -30.88 -9.98
CHD HEM S . -25.71 -27.27 -10.13
C1A HEM S . -27.99 -31.13 -13.12
C2A HEM S . -28.50 -32.24 -13.84
C3A HEM S . -27.65 -33.26 -13.66
C4A HEM S . -26.62 -32.79 -12.84
CMA HEM S . -27.76 -34.67 -14.22
CAA HEM S . -29.76 -32.33 -14.64
CBA HEM S . -29.64 -31.57 -15.95
CGA HEM S . -30.96 -31.71 -16.69
O1A HEM S . -31.99 -31.29 -16.17
O2A HEM S . -30.95 -32.31 -17.91
C1B HEM S . -24.49 -33.18 -11.71
C2B HEM S . -23.39 -34.07 -11.41
C3B HEM S . -22.52 -33.30 -10.75
C4B HEM S . -23.18 -31.95 -10.62
CMB HEM S . -23.29 -35.53 -11.81
CAB HEM S . -21.23 -33.64 -10.15
CBB HEM S . -20.47 -34.63 -10.55
C1C HEM S . -23.22 -29.69 -9.80
C2C HEM S . -22.72 -28.75 -8.90
C3C HEM S . -23.62 -27.72 -8.88
C4C HEM S . -24.67 -28.08 -9.77
CMC HEM S . -21.40 -28.86 -8.18
CAC HEM S . -23.54 -26.45 -8.11
CBC HEM S . -23.08 -26.38 -6.86
C1D HEM S . -26.72 -27.69 -10.99
C2D HEM S . -27.86 -26.81 -11.38
C3D HEM S . -28.63 -27.54 -12.20
C4D HEM S . -27.99 -28.85 -12.33
CMD HEM S . -28.12 -25.40 -10.92
CAD HEM S . -29.93 -27.14 -12.84
CBD HEM S . -30.96 -26.92 -11.76
CGD HEM S . -32.08 -26.21 -12.44
O1D HEM S . -32.89 -26.90 -13.02
O2D HEM S . -32.20 -24.83 -12.44
NA HEM S . -26.80 -31.49 -12.45
NB HEM S . -24.41 -31.93 -11.18
NC HEM S . -24.47 -29.37 -10.25
ND HEM S . -26.86 -28.92 -11.54
FE HEM S . -25.72 -30.47 -11.23
NI HNI T . 0.08 -32.41 11.82
CHA HNI T . 2.60 -33.48 13.87
CHB HNI T . -1.91 -32.16 14.52
CHC HNI T . -2.57 -31.73 9.80
CHD HNI T . 1.94 -33.30 9.14
NA HNI T . 0.30 -32.73 13.75
C1A HNI T . 1.41 -33.18 14.44
C2A HNI T . 1.20 -33.21 15.83
C3A HNI T . -0.10 -32.85 16.06
C4A HNI T . -0.64 -32.56 14.75
CMA HNI T . -0.78 -32.73 17.41
CAA HNI T . 2.19 -33.64 16.85
CBA HNI T . 2.71 -32.43 17.63
CGA HNI T . 3.92 -32.95 18.35
O1A HNI T . 5.03 -32.84 17.85
O2A HNI T . 3.72 -33.57 19.51
NB HNI T . -1.81 -31.96 12.10
C1B HNI T . -2.44 -31.89 13.26
C2B HNI T . -3.79 -31.48 13.14
C3B HNI T . -4.02 -31.28 11.83
C4B HNI T . -2.74 -31.66 11.17
CMB HNI T . -4.75 -31.27 14.26
CAB HNI T . -5.29 -30.89 11.23
CBB HNI T . -5.36 -30.01 10.25
NC HNI T . -0.26 -32.52 9.89
C1C HNI T . -1.40 -32.15 9.22
C2C HNI T . -1.27 -32.27 7.81
C3C HNI T . 0.04 -32.78 7.62
C4C HNI T . 0.64 -32.91 8.92
CMC HNI T . -2.35 -31.96 6.79
CAC HNI T . 0.71 -33.10 6.36
CBC HNI T . 0.07 -33.80 5.45
ND HNI T . 1.93 -33.14 11.57
C1D HNI T . 2.52 -33.45 10.41
C2D HNI T . 3.89 -34.00 10.60
C3D HNI T . 4.11 -33.97 11.95
C4D HNI T . 2.84 -33.46 12.51
CMD HNI T . 4.82 -34.48 9.51
CAD HNI T . 5.33 -34.50 12.67
CBD HNI T . 5.95 -33.52 13.72
CGD HNI T . 6.64 -34.21 14.91
O1D HNI T . 7.76 -33.83 15.22
O2D HNI T . 5.98 -35.23 15.58
NI HNI U . 27.72 15.47 -6.51
CHA HNI U . 27.82 14.87 -3.21
CHB HNI U . 27.28 18.76 -5.86
CHC HNI U . 27.44 16.12 -9.79
CHD HNI U . 27.59 12.19 -7.18
NA HNI U . 27.62 16.56 -4.88
C1A HNI U . 27.67 16.16 -3.57
C2A HNI U . 27.64 17.25 -2.64
C3A HNI U . 27.51 18.39 -3.43
C4A HNI U . 27.48 17.94 -4.78
CMA HNI U . 27.40 19.80 -2.93
CAA HNI U . 27.68 17.15 -1.12
CBA HNI U . 29.11 17.34 -0.57
CGA HNI U . 29.30 16.93 0.89
O1A HNI U . 28.65 17.43 1.80
O2A HNI U . 30.20 15.97 1.18
NB HNI U . 27.40 17.08 -7.60
C1B HNI U . 27.24 18.34 -7.19
C2B HNI U . 27.08 19.28 -8.27
C3B HNI U . 27.19 18.53 -9.40
C4B HNI U . 27.33 17.15 -8.93
CMB HNI U . 26.91 20.79 -8.14
CAB HNI U . 27.07 18.97 -10.79
CBB HNI U . 25.92 19.49 -11.15
NC HNI U . 27.56 14.39 -8.15
C1C HNI U . 27.51 14.83 -9.44
C2C HNI U . 27.36 13.79 -10.38
C3C HNI U . 27.39 12.63 -9.62
C4C HNI U . 27.51 13.03 -8.25
CMC HNI U . 27.24 13.95 -11.88
CAC HNI U . 27.27 11.25 -10.12
CBC HNI U . 26.18 10.93 -10.83
ND HNI U . 27.75 13.88 -5.43
C1D HNI U . 27.72 12.62 -5.86
C2D HNI U . 27.88 11.67 -4.73
C3D HNI U . 27.96 12.43 -3.63
C4D HNI U . 27.85 13.81 -4.10
CMD HNI U . 27.93 10.16 -4.80
CAD HNI U . 28.13 12.02 -2.20
CBD HNI U . 26.82 11.41 -1.70
CGD HNI U . 27.08 10.55 -0.49
O1D HNI U . 26.30 10.56 0.45
O2D HNI U . 28.20 9.77 -0.45
C1 PEM V . 31.75 21.48 -22.00
C2 PEM V . 32.01 22.85 -22.08
C3 PEM V . 31.87 23.51 -23.31
C4 PEM V . 31.48 22.79 -24.44
C5 PEM V . 31.23 21.42 -24.36
C6 PEM V . 31.38 20.77 -23.14
CL PEM V . 31.29 23.60 -26.02
C7 PEM V . 31.93 20.75 -20.69
O1 PEM V . 30.93 20.36 -20.10
N1 PEM V . 33.16 20.52 -20.22
C8 PEM V . 34.31 20.18 -21.05
C9 PEM V . 34.28 18.73 -21.56
C10 PEM V . 36.75 16.08 -19.20
C11 PEM V . 36.65 15.91 -20.59
C12 PEM V . 35.86 16.79 -21.35
C13 PEM V . 35.15 17.81 -20.72
C14 PEM V . 35.22 17.95 -19.32
C15 PEM V . 36.01 17.09 -18.57
O2 PEM V . 37.50 15.23 -18.41
C16 PEM V . 38.94 15.12 -18.38
C17 PEM V . 39.32 14.61 -17.00
C18 PEM V . 39.64 16.47 -18.58
C19 PEM V . 39.38 14.09 -19.41
O3 PEM V . 38.60 13.16 -19.69
O4 PEM V . 40.52 14.20 -19.95
CHA HEM W . 17.16 16.69 -43.54
CHB HEM W . 15.25 13.78 -40.26
CHC HEM W . 18.46 15.26 -37.13
CHD HEM W . 20.57 18.02 -40.40
C1A HEM W . 16.33 15.79 -42.93
C2A HEM W . 15.14 15.19 -43.51
C3A HEM W . 14.62 14.35 -42.58
C4A HEM W . 15.46 14.46 -41.42
CMA HEM W . 13.36 13.53 -42.71
CAA HEM W . 14.53 15.42 -44.88
CBA HEM W . 15.52 15.22 -46.03
CGA HEM W . 14.91 14.68 -47.31
O1A HEM W . 14.78 13.49 -47.49
O2A HEM W . 14.52 15.52 -48.29
C1B HEM W . 16.02 13.90 -39.14
C2B HEM W . 15.70 13.22 -37.90
C3B HEM W . 16.58 13.64 -36.96
C4B HEM W . 17.45 14.60 -37.72
CMB HEM W . 14.56 12.25 -37.65
CAB HEM W . 16.63 13.25 -35.52
CBB HEM W . 17.71 12.81 -34.86
C1C HEM W . 19.28 16.13 -37.75
C2C HEM W . 20.31 16.79 -37.09
C3C HEM W . 20.98 17.56 -38.02
C4C HEM W . 20.26 17.37 -39.25
CMC HEM W . 20.59 16.65 -35.61
CAC HEM W . 22.11 18.50 -37.83
CBC HEM W . 22.41 19.17 -36.73
C1D HEM W . 19.81 17.83 -41.53
C2D HEM W . 20.04 18.63 -42.75
C3D HEM W . 19.09 18.27 -43.61
C4D HEM W . 18.27 17.24 -42.94
CMD HEM W . 21.10 19.65 -42.97
CAD HEM W . 18.81 18.82 -44.97
CBD HEM W . 18.05 20.18 -44.77
CGD HEM W . 17.98 21.00 -46.05
O1D HEM W . 17.20 20.71 -46.97
O2D HEM W . 18.81 22.05 -46.14
NA HEM W . 16.54 15.34 -41.62
NB HEM W . 17.10 14.71 -39.02
NC HEM W . 19.21 16.46 -39.08
ND HEM W . 18.73 17.02 -41.67
FE HEM W . 17.98 15.77 -40.40
CHA HEM X . 41.93 22.41 -40.04
CHB HEM X . 44.59 21.70 -36.14
CHC HEM X . 41.38 18.62 -34.51
CHD HEM X . 38.85 19.09 -38.54
C1A HEM X . 42.92 22.49 -39.12
C2A HEM X . 44.04 23.31 -39.23
C3A HEM X . 44.81 23.13 -38.12
C4A HEM X . 44.12 22.18 -37.33
CMA HEM X . 46.10 23.84 -37.75
CAA HEM X . 44.33 24.24 -40.38
CBA HEM X . 44.21 25.65 -39.78
CGA HEM X . 44.28 26.78 -40.77
O1A HEM X . 43.84 26.63 -41.90
O2A HEM X . 44.80 27.96 -40.38
C1B HEM X . 43.90 20.77 -35.37
C2B HEM X . 44.40 20.38 -34.09
C3B HEM X . 43.46 19.57 -33.56
C4B HEM X . 42.45 19.45 -34.62
CMB HEM X . 45.71 20.87 -33.48
CAB HEM X . 43.43 18.87 -32.24
CBB HEM X . 44.31 17.91 -31.89
C1C HEM X . 40.45 18.45 -35.48
C2C HEM X . 39.47 17.43 -35.44
C3C HEM X . 38.72 17.55 -36.60
C4C HEM X . 39.32 18.64 -37.34
CMC HEM X . 39.28 16.48 -34.27
CAC HEM X . 37.55 16.74 -37.09
CBC HEM X . 37.29 15.50 -36.68
C1D HEM X . 39.47 20.11 -39.26
C2D HEM X . 38.96 20.55 -40.60
C3D HEM X . 39.84 21.45 -41.00
C4D HEM X . 40.86 21.56 -39.94
CMD HEM X . 37.72 20.07 -41.36
CAD HEM X . 39.85 22.18 -42.31
CBD HEM X . 40.10 21.17 -43.45
CGD HEM X . 40.38 21.87 -44.76
O1D HEM X . 41.51 21.99 -45.20
O2D HEM X . 39.38 22.40 -45.47
NA HEM X . 42.93 21.78 -37.92
NB HEM X . 42.73 20.23 -35.67
NC HEM X . 40.40 19.16 -36.66
ND HEM X . 40.59 20.75 -38.90
FE HEM X . 41.60 20.59 -37.23
NI HNI Y . 36.06 -5.91 -14.42
CHA HNI Y . 36.47 -8.15 -11.91
CHB HNI Y . 36.16 -8.44 -16.63
CHC HNI Y . 36.71 -3.76 -16.94
CHD HNI Y . 36.45 -3.38 -12.20
NA HNI Y . 36.25 -7.87 -14.30
C1A HNI Y . 36.42 -8.65 -13.18
C2A HNI Y . 36.42 -10.04 -13.52
C3A HNI Y . 36.32 -10.12 -14.87
C4A HNI Y . 36.25 -8.79 -15.32
CMA HNI Y . 36.34 -11.36 -15.70
CAA HNI Y . 36.57 -11.23 -12.58
CBA HNI Y . 35.41 -11.45 -11.61
CGA HNI Y . 35.89 -12.21 -10.40
O1A HNI Y . 35.09 -12.54 -9.56
O2A HNI Y . 37.21 -12.54 -10.22
NB HNI Y . 36.23 -6.05 -16.38
C1B HNI Y . 36.16 -7.15 -17.12
C2B HNI Y . 36.24 -6.92 -18.52
C3B HNI Y . 36.45 -5.59 -18.65
C4B HNI Y . 36.47 -5.08 -17.26
CMB HNI Y . 36.17 -7.93 -19.62
CAB HNI Y . 36.59 -4.86 -19.90
CBB HNI Y . 36.01 -3.69 -20.12
NC HNI Y . 36.48 -3.97 -14.53
C1C HNI Y . 36.70 -3.25 -15.67
C2C HNI Y . 36.85 -1.87 -15.39
C3C HNI Y . 36.73 -1.73 -13.99
C4C HNI Y . 36.55 -3.06 -13.49
CMC HNI Y . 37.09 -0.81 -16.44
CAC HNI Y . 36.87 -0.50 -13.16
CBC HNI Y . 37.82 0.39 -13.39
ND HNI Y . 36.28 -5.78 -12.47
C1D HNI Y . 36.35 -4.67 -11.73
C2D HNI Y . 36.43 -4.96 -10.28
C3D HNI Y . 36.48 -6.33 -10.19
C4D HNI Y . 36.41 -6.80 -11.59
CMD HNI Y . 36.47 -3.91 -9.19
CAD HNI Y . 36.56 -7.19 -8.94
CBD HNI Y . 35.30 -8.04 -8.67
CGD HNI Y . 35.58 -9.07 -7.57
O1D HNI Y . 34.89 -9.15 -6.56
O2D HNI Y . 36.63 -9.90 -7.73
#